data_2LV2
#
_entry.id   2LV2
#
loop_
_entity.id
_entity.type
_entity.pdbx_description
1 polymer 'Insulinoma-associated protein 1'
2 non-polymer 'ZINC ION'
#
_entity_poly.entity_id   1
_entity_poly.type   'polypeptide(L)'
_entity_poly.pdbx_seq_one_letter_code
;MGHHHHHHSHMGDGEGAGVLGLSASAECHLCPVCGESFASKGAQERHLRLLHAAQVFPCKYCPATFYSSPGLTRHINKCH
PSENR
;
_entity_poly.pdbx_strand_id   A
#
# COMPACT_ATOMS: atom_id res chain seq x y z
N MET A 1 -32.32 -26.65 -1.49
CA MET A 1 -32.93 -26.04 -2.68
C MET A 1 -32.81 -24.51 -2.59
N GLY A 2 -32.58 -23.85 -3.75
CA GLY A 2 -32.47 -22.40 -3.83
C GLY A 2 -31.04 -21.91 -3.65
N HIS A 3 -30.07 -22.72 -4.12
CA HIS A 3 -28.65 -22.30 -4.15
C HIS A 3 -28.45 -21.29 -5.30
N HIS A 4 -28.26 -20.01 -4.94
CA HIS A 4 -28.11 -18.91 -5.93
C HIS A 4 -27.14 -17.85 -5.45
N HIS A 5 -26.40 -17.24 -6.41
CA HIS A 5 -25.42 -16.17 -6.13
C HIS A 5 -26.00 -14.81 -6.57
N HIS A 6 -25.62 -13.75 -5.85
CA HIS A 6 -26.04 -12.36 -6.13
C HIS A 6 -24.91 -11.62 -6.88
N HIS A 7 -24.28 -12.32 -7.85
CA HIS A 7 -23.08 -11.83 -8.57
C HIS A 7 -23.41 -10.59 -9.44
N HIS A 8 -23.28 -9.41 -8.84
CA HIS A 8 -23.47 -8.11 -9.51
C HIS A 8 -22.08 -7.41 -9.62
N SER A 9 -21.01 -8.25 -9.59
CA SER A 9 -19.61 -7.80 -9.65
C SER A 9 -19.28 -7.24 -11.05
N HIS A 10 -19.24 -5.91 -11.16
CA HIS A 10 -18.97 -5.19 -12.41
C HIS A 10 -18.03 -4.01 -12.12
N MET A 11 -16.83 -4.36 -11.63
CA MET A 11 -15.81 -3.39 -11.21
C MET A 11 -15.03 -2.85 -12.42
N GLY A 12 -15.04 -1.53 -12.58
CA GLY A 12 -14.34 -0.84 -13.66
C GLY A 12 -15.02 0.47 -13.97
N ASP A 13 -15.59 0.57 -15.20
CA ASP A 13 -16.40 1.72 -15.65
C ASP A 13 -15.60 3.04 -15.55
N GLY A 14 -14.78 3.31 -16.58
CA GLY A 14 -13.98 4.55 -16.61
C GLY A 14 -12.87 4.49 -17.66
N GLU A 15 -13.08 5.20 -18.78
CA GLU A 15 -12.08 5.31 -19.85
C GLU A 15 -12.04 6.79 -20.29
N GLY A 16 -10.86 7.40 -20.22
CA GLY A 16 -10.68 8.80 -20.59
C GLY A 16 -9.33 9.36 -20.16
N ALA A 17 -9.05 10.60 -20.57
CA ALA A 17 -7.79 11.30 -20.26
C ALA A 17 -8.01 12.82 -20.41
N GLY A 18 -7.44 13.60 -19.48
CA GLY A 18 -7.50 15.07 -19.52
C GLY A 18 -7.54 15.69 -18.13
N VAL A 19 -8.08 16.93 -18.05
CA VAL A 19 -8.29 17.64 -16.77
C VAL A 19 -9.62 17.24 -16.11
N LEU A 20 -9.96 17.90 -14.99
CA LEU A 20 -11.24 17.68 -14.27
C LEU A 20 -11.88 19.05 -13.94
N GLY A 21 -13.16 19.21 -14.33
CA GLY A 21 -13.93 20.43 -14.03
C GLY A 21 -14.62 20.38 -12.68
N LEU A 22 -14.53 19.22 -12.03
CA LEU A 22 -15.14 18.96 -10.73
C LEU A 22 -14.29 17.90 -10.01
N SER A 23 -14.33 17.87 -8.66
CA SER A 23 -13.49 16.97 -7.84
C SER A 23 -13.60 15.50 -8.29
N ALA A 24 -14.85 15.05 -8.50
CA ALA A 24 -15.18 13.68 -8.97
C ALA A 24 -14.70 12.59 -7.98
N SER A 25 -14.90 11.30 -8.36
CA SER A 25 -14.51 10.11 -7.55
C SER A 25 -15.28 10.07 -6.21
N ALA A 26 -15.00 9.05 -5.39
CA ALA A 26 -15.61 8.87 -4.06
C ALA A 26 -14.73 7.98 -3.21
N GLU A 27 -15.02 7.98 -1.89
CA GLU A 27 -14.38 7.10 -0.93
C GLU A 27 -14.86 5.64 -1.12
N CYS A 28 -14.30 4.99 -2.16
CA CYS A 28 -14.60 3.59 -2.51
C CYS A 28 -13.38 2.74 -2.22
N HIS A 29 -12.23 3.22 -2.71
CA HIS A 29 -10.91 2.62 -2.48
C HIS A 29 -9.96 3.69 -1.98
N LEU A 30 -9.34 3.44 -0.82
CA LEU A 30 -8.41 4.39 -0.18
C LEU A 30 -7.08 3.70 0.07
N CYS A 31 -5.98 4.31 -0.41
CA CYS A 31 -4.59 3.90 -0.07
C CYS A 31 -4.39 4.06 1.46
N PRO A 32 -4.42 2.94 2.27
CA PRO A 32 -4.56 2.97 3.76
C PRO A 32 -3.60 3.92 4.54
N VAL A 33 -2.51 4.35 3.90
CA VAL A 33 -1.50 5.22 4.53
C VAL A 33 -1.79 6.72 4.29
N CYS A 34 -2.49 7.04 3.17
CA CYS A 34 -2.92 8.42 2.85
C CYS A 34 -4.40 8.42 2.40
N GLY A 35 -5.27 9.11 3.16
CA GLY A 35 -6.68 9.25 2.79
C GLY A 35 -6.84 10.03 1.49
N GLU A 36 -7.26 9.33 0.43
CA GLU A 36 -7.32 9.86 -0.94
C GLU A 36 -8.31 8.99 -1.73
N SER A 37 -9.39 9.63 -2.24
CA SER A 37 -10.50 8.94 -2.90
C SER A 37 -10.08 8.38 -4.28
N PHE A 38 -10.10 7.06 -4.41
CA PHE A 38 -9.89 6.35 -5.69
C PHE A 38 -11.18 5.62 -6.08
N ALA A 39 -11.65 5.85 -7.32
CA ALA A 39 -12.76 5.09 -7.91
C ALA A 39 -12.25 3.71 -8.37
N SER A 40 -11.10 3.74 -9.07
CA SER A 40 -10.42 2.53 -9.55
C SER A 40 -9.64 1.86 -8.39
N LYS A 41 -9.69 0.52 -8.35
CA LYS A 41 -9.08 -0.28 -7.27
C LYS A 41 -7.55 -0.38 -7.46
N GLY A 42 -7.11 -0.45 -8.74
CA GLY A 42 -5.69 -0.46 -9.10
C GLY A 42 -4.98 0.83 -8.74
N ALA A 43 -5.76 1.93 -8.63
CA ALA A 43 -5.26 3.26 -8.23
C ALA A 43 -4.89 3.28 -6.73
N GLN A 44 -5.64 2.49 -5.95
CA GLN A 44 -5.35 2.28 -4.51
C GLN A 44 -4.05 1.49 -4.33
N GLU A 45 -3.94 0.37 -5.07
CA GLU A 45 -2.80 -0.56 -5.00
C GLU A 45 -1.49 0.10 -5.44
N ARG A 46 -1.55 0.91 -6.53
CA ARG A 46 -0.35 1.54 -7.12
C ARG A 46 0.21 2.61 -6.16
N HIS A 47 -0.67 3.31 -5.42
CA HIS A 47 -0.24 4.38 -4.48
C HIS A 47 0.49 3.77 -3.28
N LEU A 48 0.23 2.49 -3.02
CA LEU A 48 0.94 1.72 -2.00
C LEU A 48 2.29 1.27 -2.55
N ARG A 49 2.26 0.36 -3.56
CA ARG A 49 3.46 -0.39 -4.01
C ARG A 49 4.57 0.53 -4.58
N LEU A 50 4.18 1.76 -4.99
CA LEU A 50 5.12 2.80 -5.45
C LEU A 50 5.60 3.67 -4.27
N LEU A 51 4.67 4.42 -3.67
CA LEU A 51 5.00 5.46 -2.67
C LEU A 51 4.87 4.92 -1.24
N HIS A 52 3.66 4.48 -0.89
CA HIS A 52 3.29 4.08 0.49
C HIS A 52 3.50 2.58 0.73
N ALA A 53 4.69 2.11 0.30
CA ALA A 53 5.10 0.68 0.33
C ALA A 53 5.83 0.31 1.62
N ALA A 54 6.10 1.30 2.49
CA ALA A 54 6.80 1.08 3.76
C ALA A 54 5.93 0.28 4.75
N GLN A 55 4.60 0.52 4.69
CA GLN A 55 3.63 -0.09 5.61
C GLN A 55 3.15 -1.46 5.12
N VAL A 56 3.11 -1.64 3.79
CA VAL A 56 2.63 -2.88 3.15
C VAL A 56 3.83 -3.75 2.70
N PHE A 57 3.70 -5.07 2.89
CA PHE A 57 4.80 -6.05 2.64
C PHE A 57 4.44 -6.99 1.45
N PRO A 58 4.90 -6.67 0.20
CA PRO A 58 4.64 -7.51 -1.00
C PRO A 58 5.57 -8.74 -1.08
N CYS A 59 4.97 -9.96 -1.10
CA CYS A 59 5.73 -11.22 -1.30
C CYS A 59 6.27 -11.24 -2.75
N LYS A 60 7.58 -10.93 -2.88
CA LYS A 60 8.20 -10.38 -4.13
C LYS A 60 7.98 -11.23 -5.40
N TYR A 61 7.80 -12.53 -5.25
CA TYR A 61 7.66 -13.46 -6.38
C TYR A 61 6.26 -13.37 -7.04
N CYS A 62 5.28 -12.83 -6.29
CA CYS A 62 3.89 -12.62 -6.77
C CYS A 62 3.42 -11.19 -6.39
N PRO A 63 2.44 -10.57 -7.13
CA PRO A 63 1.89 -9.23 -6.77
C PRO A 63 0.95 -9.24 -5.54
N ALA A 64 0.81 -10.41 -4.88
CA ALA A 64 0.06 -10.55 -3.61
C ALA A 64 0.76 -9.73 -2.50
N THR A 65 0.24 -8.50 -2.30
CA THR A 65 0.78 -7.55 -1.32
C THR A 65 0.03 -7.68 0.01
N PHE A 66 0.78 -7.93 1.09
CA PHE A 66 0.24 -8.07 2.45
C PHE A 66 0.23 -6.72 3.16
N TYR A 67 -0.63 -6.61 4.17
CA TYR A 67 -0.76 -5.40 5.01
C TYR A 67 -0.21 -5.70 6.42
N SER A 68 0.66 -6.72 6.51
CA SER A 68 1.26 -7.16 7.77
C SER A 68 2.60 -7.88 7.48
N SER A 69 3.53 -7.80 8.45
CA SER A 69 4.89 -8.32 8.32
C SER A 69 4.94 -9.88 8.33
N PRO A 70 4.26 -10.63 9.29
CA PRO A 70 4.25 -12.12 9.27
C PRO A 70 3.67 -12.70 7.97
N GLY A 71 2.57 -12.07 7.46
CA GLY A 71 1.89 -12.52 6.23
C GLY A 71 2.81 -12.60 5.02
N LEU A 72 3.80 -11.71 4.99
CA LEU A 72 4.85 -11.65 3.95
C LEU A 72 5.56 -13.02 3.78
N THR A 73 6.18 -13.50 4.88
CA THR A 73 6.93 -14.75 4.89
C THR A 73 5.98 -15.97 4.82
N ARG A 74 4.74 -15.79 5.34
CA ARG A 74 3.74 -16.89 5.35
C ARG A 74 3.33 -17.32 3.94
N HIS A 75 3.49 -16.43 2.93
CA HIS A 75 3.23 -16.82 1.54
C HIS A 75 4.37 -17.74 1.08
N ILE A 76 5.61 -17.29 1.30
CA ILE A 76 6.84 -18.01 0.89
C ILE A 76 6.95 -19.39 1.58
N ASN A 77 6.39 -19.49 2.80
CA ASN A 77 6.37 -20.73 3.58
C ASN A 77 5.22 -21.66 3.13
N LYS A 78 4.00 -21.11 3.03
CA LYS A 78 2.78 -21.92 2.76
C LYS A 78 2.44 -21.97 1.25
N CYS A 79 2.14 -20.80 0.67
CA CYS A 79 1.47 -20.70 -0.65
C CYS A 79 2.45 -20.35 -1.80
N HIS A 80 3.75 -20.36 -1.49
CA HIS A 80 4.81 -20.04 -2.47
C HIS A 80 6.13 -20.75 -2.03
N PRO A 81 6.07 -22.10 -1.73
CA PRO A 81 7.13 -22.82 -1.01
C PRO A 81 8.25 -23.38 -1.91
N SER A 82 8.23 -22.99 -3.19
CA SER A 82 9.28 -23.33 -4.17
C SER A 82 10.27 -22.16 -4.34
N GLU A 83 9.86 -20.98 -3.84
CA GLU A 83 10.52 -19.71 -4.14
C GLU A 83 11.43 -19.25 -2.98
N ASN A 84 12.71 -19.64 -3.05
CA ASN A 84 13.75 -19.28 -2.04
C ASN A 84 14.97 -18.66 -2.72
N ARG A 85 14.73 -17.95 -3.85
CA ARG A 85 15.80 -17.32 -4.64
C ARG A 85 16.20 -15.95 -4.02
N MET A 1 39.00 -13.74 40.85
CA MET A 1 37.91 -13.43 39.89
C MET A 1 38.48 -13.41 38.46
N GLY A 2 37.83 -14.13 37.52
CA GLY A 2 38.32 -14.23 36.14
C GLY A 2 37.31 -14.82 35.17
N HIS A 3 36.01 -14.62 35.46
CA HIS A 3 34.92 -15.00 34.55
C HIS A 3 34.68 -13.85 33.56
N HIS A 4 34.96 -14.09 32.26
CA HIS A 4 34.73 -13.10 31.19
C HIS A 4 33.24 -13.08 30.80
N HIS A 5 32.88 -12.25 29.80
CA HIS A 5 31.51 -12.17 29.28
C HIS A 5 31.51 -11.88 27.78
N HIS A 6 30.78 -12.70 27.01
CA HIS A 6 30.53 -12.48 25.59
C HIS A 6 29.32 -11.55 25.44
N HIS A 7 29.59 -10.29 25.08
CA HIS A 7 28.53 -9.31 24.79
C HIS A 7 27.77 -9.72 23.52
N HIS A 8 26.63 -10.39 23.71
CA HIS A 8 25.71 -10.70 22.63
C HIS A 8 24.93 -9.43 22.27
N SER A 9 25.28 -8.82 21.12
CA SER A 9 24.60 -7.63 20.59
C SER A 9 23.25 -8.03 19.95
N HIS A 10 22.49 -7.02 19.50
CA HIS A 10 21.21 -7.20 18.80
C HIS A 10 21.13 -6.17 17.66
N MET A 11 20.55 -6.58 16.53
CA MET A 11 20.30 -5.69 15.40
C MET A 11 19.22 -4.67 15.79
N GLY A 12 19.62 -3.38 15.87
CA GLY A 12 18.73 -2.29 16.31
C GLY A 12 17.82 -1.75 15.21
N ASP A 13 17.27 -2.67 14.40
CA ASP A 13 16.27 -2.38 13.38
C ASP A 13 14.89 -2.31 14.04
N GLY A 14 14.11 -1.28 13.68
CA GLY A 14 12.78 -1.06 14.25
C GLY A 14 11.84 -0.43 13.24
N GLU A 15 11.09 0.58 13.68
CA GLU A 15 10.06 1.24 12.86
C GLU A 15 9.68 2.61 13.50
N GLY A 16 8.73 3.32 12.89
CA GLY A 16 8.26 4.60 13.40
C GLY A 16 7.54 5.41 12.34
N ALA A 17 6.22 5.22 12.24
CA ALA A 17 5.36 5.94 11.28
C ALA A 17 4.13 6.49 12.01
N GLY A 18 4.07 7.83 12.17
CA GLY A 18 2.91 8.50 12.76
C GLY A 18 1.88 8.85 11.69
N VAL A 19 1.17 7.81 11.20
CA VAL A 19 0.22 7.93 10.06
C VAL A 19 -1.02 8.77 10.44
N LEU A 20 -1.55 9.47 9.43
CA LEU A 20 -2.67 10.41 9.59
C LEU A 20 -3.98 9.74 9.08
N GLY A 21 -4.85 9.32 10.00
CA GLY A 21 -6.12 8.69 9.66
C GLY A 21 -7.10 8.67 10.82
N LEU A 22 -7.01 9.69 11.69
CA LEU A 22 -7.86 9.80 12.91
C LEU A 22 -9.33 10.11 12.57
N SER A 23 -9.56 10.74 11.40
CA SER A 23 -10.90 11.03 10.87
C SER A 23 -11.11 10.27 9.56
N ALA A 24 -11.84 9.15 9.64
CA ALA A 24 -12.15 8.28 8.49
C ALA A 24 -13.45 7.51 8.74
N SER A 25 -14.30 7.41 7.70
CA SER A 25 -15.55 6.65 7.73
C SER A 25 -15.74 5.94 6.37
N ALA A 26 -14.59 5.63 5.73
CA ALA A 26 -14.50 5.04 4.37
C ALA A 26 -15.01 6.03 3.29
N GLU A 27 -14.93 5.60 2.03
CA GLU A 27 -15.36 6.39 0.88
C GLU A 27 -15.64 5.41 -0.29
N CYS A 28 -14.56 4.84 -0.85
CA CYS A 28 -14.62 3.86 -1.94
C CYS A 28 -13.42 2.89 -1.77
N HIS A 29 -12.20 3.40 -2.02
CA HIS A 29 -10.92 2.68 -1.77
C HIS A 29 -9.89 3.72 -1.30
N LEU A 30 -9.27 3.47 -0.14
CA LEU A 30 -8.25 4.37 0.44
C LEU A 30 -6.86 3.70 0.42
N CYS A 31 -5.83 4.51 0.15
CA CYS A 31 -4.42 4.12 0.33
C CYS A 31 -4.06 4.35 1.82
N PRO A 32 -4.14 3.30 2.72
CA PRO A 32 -4.15 3.48 4.22
C PRO A 32 -2.98 4.31 4.82
N VAL A 33 -1.90 4.52 4.05
CA VAL A 33 -0.70 5.27 4.50
C VAL A 33 -0.91 6.81 4.35
N CYS A 34 -1.69 7.22 3.33
CA CYS A 34 -1.94 8.65 3.01
C CYS A 34 -3.42 8.89 2.66
N GLY A 35 -3.96 10.09 3.00
CA GLY A 35 -5.33 10.45 2.61
C GLY A 35 -5.45 10.56 1.09
N GLU A 36 -6.16 9.60 0.48
CA GLU A 36 -6.14 9.39 -0.98
C GLU A 36 -7.27 8.41 -1.37
N SER A 37 -8.32 8.93 -2.03
CA SER A 37 -9.55 8.18 -2.33
C SER A 37 -9.65 7.87 -3.83
N PHE A 38 -10.01 6.62 -4.16
CA PHE A 38 -10.22 6.14 -5.55
C PHE A 38 -11.44 5.22 -5.58
N ALA A 39 -12.25 5.30 -6.65
CA ALA A 39 -13.33 4.32 -6.91
C ALA A 39 -12.75 3.04 -7.53
N SER A 40 -11.74 3.23 -8.39
CA SER A 40 -10.99 2.12 -9.00
C SER A 40 -9.96 1.56 -7.99
N LYS A 41 -10.03 0.25 -7.72
CA LYS A 41 -9.13 -0.43 -6.77
C LYS A 41 -7.69 -0.49 -7.33
N GLY A 42 -7.55 -0.54 -8.66
CA GLY A 42 -6.25 -0.56 -9.33
C GLY A 42 -5.42 0.70 -9.05
N ALA A 43 -6.12 1.85 -8.93
CA ALA A 43 -5.49 3.13 -8.59
C ALA A 43 -5.08 3.16 -7.10
N GLN A 44 -5.82 2.44 -6.25
CA GLN A 44 -5.48 2.24 -4.83
C GLN A 44 -4.17 1.41 -4.72
N GLU A 45 -4.10 0.32 -5.52
CA GLU A 45 -2.97 -0.62 -5.53
C GLU A 45 -1.66 0.12 -5.80
N ARG A 46 -1.64 0.90 -6.90
CA ARG A 46 -0.42 1.58 -7.37
C ARG A 46 0.06 2.66 -6.37
N HIS A 47 -0.85 3.24 -5.58
CA HIS A 47 -0.45 4.22 -4.53
C HIS A 47 0.27 3.51 -3.39
N LEU A 48 -0.05 2.22 -3.18
CA LEU A 48 0.60 1.40 -2.15
C LEU A 48 1.90 0.75 -2.66
N ARG A 49 1.78 -0.19 -3.63
CA ARG A 49 2.92 -1.03 -4.11
C ARG A 49 4.10 -0.20 -4.66
N LEU A 50 3.79 0.99 -5.23
CA LEU A 50 4.81 1.88 -5.80
C LEU A 50 5.23 2.96 -4.77
N LEU A 51 4.27 3.80 -4.38
CA LEU A 51 4.54 5.04 -3.60
C LEU A 51 4.62 4.78 -2.08
N HIS A 52 3.61 4.07 -1.55
CA HIS A 52 3.38 3.91 -0.10
C HIS A 52 3.52 2.43 0.32
N ALA A 53 4.69 1.88 -0.04
CA ALA A 53 5.06 0.46 0.19
C ALA A 53 5.73 0.26 1.58
N ALA A 54 5.72 1.32 2.39
CA ALA A 54 6.32 1.32 3.74
C ALA A 54 5.46 0.54 4.76
N GLN A 55 4.12 0.57 4.58
CA GLN A 55 3.17 -0.08 5.51
C GLN A 55 2.59 -1.38 4.93
N VAL A 56 2.52 -1.47 3.58
CA VAL A 56 2.15 -2.74 2.92
C VAL A 56 3.41 -3.60 2.75
N PHE A 57 3.27 -4.92 2.95
CA PHE A 57 4.38 -5.89 2.88
C PHE A 57 4.16 -6.86 1.68
N PRO A 58 4.64 -6.49 0.45
CA PRO A 58 4.49 -7.34 -0.75
C PRO A 58 5.55 -8.47 -0.79
N CYS A 59 5.08 -9.71 -1.02
CA CYS A 59 5.95 -10.89 -1.23
C CYS A 59 6.84 -10.63 -2.46
N LYS A 60 8.12 -10.30 -2.18
CA LYS A 60 9.01 -9.56 -3.11
C LYS A 60 9.35 -10.30 -4.43
N TYR A 61 9.14 -11.62 -4.46
CA TYR A 61 9.51 -12.49 -5.61
C TYR A 61 8.35 -12.65 -6.60
N CYS A 62 7.10 -12.45 -6.13
CA CYS A 62 5.89 -12.60 -6.97
C CYS A 62 4.92 -11.41 -6.73
N PRO A 63 4.10 -10.95 -7.74
CA PRO A 63 3.06 -9.91 -7.50
C PRO A 63 1.96 -10.40 -6.51
N ALA A 64 2.17 -10.10 -5.21
CA ALA A 64 1.28 -10.48 -4.10
C ALA A 64 1.51 -9.53 -2.93
N THR A 65 0.68 -8.47 -2.83
CA THR A 65 0.81 -7.42 -1.82
C THR A 65 -0.02 -7.74 -0.57
N PHE A 66 0.65 -7.81 0.60
CA PHE A 66 0.00 -8.03 1.92
C PHE A 66 0.02 -6.72 2.73
N TYR A 67 -0.73 -6.70 3.85
CA TYR A 67 -0.74 -5.55 4.79
C TYR A 67 -0.31 -6.02 6.19
N SER A 68 0.31 -7.22 6.26
CA SER A 68 0.78 -7.82 7.51
C SER A 68 2.21 -8.34 7.34
N SER A 69 3.05 -8.12 8.37
CA SER A 69 4.44 -8.63 8.41
C SER A 69 4.49 -10.20 8.43
N PRO A 70 3.62 -10.93 9.26
CA PRO A 70 3.47 -12.41 9.13
C PRO A 70 2.86 -12.80 7.76
N GLY A 71 1.90 -11.97 7.25
CA GLY A 71 1.24 -12.21 5.95
C GLY A 71 2.21 -12.26 4.78
N LEU A 72 3.24 -11.40 4.85
CA LEU A 72 4.38 -11.37 3.92
C LEU A 72 5.07 -12.75 3.86
N THR A 73 5.34 -13.28 5.06
CA THR A 73 6.02 -14.56 5.25
C THR A 73 5.09 -15.76 4.93
N ARG A 74 3.76 -15.54 5.08
CA ARG A 74 2.74 -16.59 4.86
C ARG A 74 2.77 -17.12 3.41
N HIS A 75 3.10 -16.24 2.44
CA HIS A 75 3.27 -16.68 1.05
C HIS A 75 4.49 -17.61 0.98
N ILE A 76 5.61 -17.11 1.51
CA ILE A 76 6.93 -17.78 1.50
C ILE A 76 6.87 -19.20 2.12
N ASN A 77 6.00 -19.36 3.13
CA ASN A 77 5.80 -20.62 3.82
C ASN A 77 4.85 -21.53 3.02
N LYS A 78 3.63 -21.02 2.77
CA LYS A 78 2.51 -21.83 2.24
C LYS A 78 2.45 -21.84 0.70
N CYS A 79 2.27 -20.67 0.09
CA CYS A 79 1.91 -20.52 -1.35
C CYS A 79 3.14 -20.14 -2.21
N HIS A 80 4.34 -20.20 -1.61
CA HIS A 80 5.63 -19.91 -2.28
C HIS A 80 6.78 -20.65 -1.54
N PRO A 81 6.65 -21.99 -1.21
CA PRO A 81 7.66 -22.69 -0.38
C PRO A 81 8.95 -23.03 -1.16
N SER A 82 8.85 -23.00 -2.50
CA SER A 82 9.90 -23.48 -3.40
C SER A 82 10.81 -22.35 -3.92
N GLU A 83 10.84 -21.20 -3.20
CA GLU A 83 11.77 -20.09 -3.51
C GLU A 83 13.15 -20.33 -2.85
N ASN A 84 13.78 -21.45 -3.23
CA ASN A 84 15.11 -21.87 -2.75
C ASN A 84 16.19 -21.28 -3.69
N ARG A 85 17.44 -21.15 -3.20
CA ARG A 85 18.52 -20.48 -3.95
C ARG A 85 19.88 -20.96 -3.42
N MET A 1 -53.92 64.80 -15.99
CA MET A 1 -52.64 65.41 -15.58
C MET A 1 -51.61 64.32 -15.27
N GLY A 2 -50.33 64.60 -15.55
CA GLY A 2 -49.23 63.65 -15.34
C GLY A 2 -48.12 63.81 -16.36
N HIS A 3 -47.17 62.84 -16.35
CA HIS A 3 -45.93 62.77 -17.17
C HIS A 3 -44.98 64.00 -17.02
N HIS A 4 -45.45 65.22 -17.42
CA HIS A 4 -44.65 66.47 -17.42
C HIS A 4 -43.52 66.36 -18.48
N HIS A 5 -42.41 67.13 -18.34
CA HIS A 5 -41.33 67.14 -19.34
C HIS A 5 -39.94 67.13 -18.64
N HIS A 6 -39.42 65.91 -18.38
CA HIS A 6 -38.08 65.70 -17.82
C HIS A 6 -37.67 64.21 -17.93
N HIS A 7 -36.41 63.96 -18.27
CA HIS A 7 -35.80 62.61 -18.29
C HIS A 7 -34.40 62.68 -17.67
N HIS A 8 -33.89 61.50 -17.26
CA HIS A 8 -32.51 61.32 -16.79
C HIS A 8 -32.14 59.83 -16.90
N SER A 9 -30.90 59.53 -17.33
CA SER A 9 -30.44 58.15 -17.57
C SER A 9 -28.91 58.09 -17.47
N HIS A 10 -28.40 57.49 -16.38
CA HIS A 10 -26.96 57.25 -16.17
C HIS A 10 -26.78 55.87 -15.50
N MET A 11 -25.91 55.00 -16.05
CA MET A 11 -25.60 53.68 -15.46
C MET A 11 -24.14 53.28 -15.76
N GLY A 12 -23.23 53.68 -14.86
CA GLY A 12 -21.83 53.25 -14.89
C GLY A 12 -21.63 52.09 -13.93
N ASP A 13 -21.73 50.86 -14.45
CA ASP A 13 -21.74 49.62 -13.63
C ASP A 13 -21.15 48.43 -14.41
N GLY A 14 -20.55 47.48 -13.67
CA GLY A 14 -19.99 46.26 -14.26
C GLY A 14 -19.16 45.46 -13.27
N GLU A 15 -19.85 44.74 -12.36
CA GLU A 15 -19.21 43.91 -11.31
C GLU A 15 -19.76 42.47 -11.35
N GLY A 16 -18.97 41.51 -10.84
CA GLY A 16 -19.37 40.10 -10.77
C GLY A 16 -18.31 39.22 -10.14
N ALA A 17 -18.75 38.16 -9.45
CA ALA A 17 -17.87 37.18 -8.78
C ALA A 17 -18.33 35.75 -9.15
N GLY A 18 -17.40 34.95 -9.71
CA GLY A 18 -17.71 33.59 -10.14
C GLY A 18 -16.62 33.01 -11.02
N VAL A 19 -15.40 32.91 -10.46
CA VAL A 19 -14.23 32.34 -11.16
C VAL A 19 -14.03 30.84 -10.80
N LEU A 20 -14.45 30.46 -9.58
CA LEU A 20 -14.25 29.09 -9.04
C LEU A 20 -15.59 28.46 -8.64
N GLY A 21 -15.65 27.12 -8.63
CA GLY A 21 -16.88 26.36 -8.32
C GLY A 21 -16.56 25.07 -7.57
N LEU A 22 -17.47 24.65 -6.68
CA LEU A 22 -17.26 23.47 -5.81
C LEU A 22 -17.64 22.18 -6.57
N SER A 23 -16.76 21.17 -6.53
CA SER A 23 -16.97 19.88 -7.21
C SER A 23 -17.99 18.99 -6.48
N ALA A 24 -18.29 19.36 -5.20
CA ALA A 24 -19.27 18.68 -4.30
C ALA A 24 -18.75 17.31 -3.82
N SER A 25 -18.70 16.32 -4.74
CA SER A 25 -18.23 14.94 -4.48
C SER A 25 -19.16 14.19 -3.47
N ALA A 26 -18.83 12.93 -3.15
CA ALA A 26 -19.59 12.13 -2.17
C ALA A 26 -18.61 11.24 -1.37
N GLU A 27 -18.05 10.24 -2.04
CA GLU A 27 -17.10 9.26 -1.44
C GLU A 27 -16.19 8.66 -2.52
N CYS A 28 -15.14 7.96 -2.09
CA CYS A 28 -14.19 7.26 -2.97
C CYS A 28 -13.37 6.22 -2.18
N HIS A 29 -12.73 5.29 -2.91
CA HIS A 29 -11.81 4.28 -2.35
C HIS A 29 -10.51 4.96 -1.90
N LEU A 30 -10.09 4.71 -0.65
CA LEU A 30 -8.91 5.37 -0.05
C LEU A 30 -7.74 4.38 0.08
N CYS A 31 -6.53 4.86 -0.27
CA CYS A 31 -5.25 4.17 0.05
C CYS A 31 -5.04 4.20 1.59
N PRO A 32 -5.11 3.04 2.33
CA PRO A 32 -5.05 2.96 3.83
C PRO A 32 -4.05 3.93 4.53
N VAL A 33 -2.88 4.11 3.91
CA VAL A 33 -1.75 4.85 4.50
C VAL A 33 -1.93 6.39 4.35
N CYS A 34 -2.74 6.82 3.37
CA CYS A 34 -3.06 8.25 3.15
C CYS A 34 -4.50 8.40 2.65
N GLY A 35 -5.35 9.10 3.43
CA GLY A 35 -6.71 9.39 2.98
C GLY A 35 -6.68 10.29 1.75
N GLU A 36 -7.00 9.70 0.59
CA GLU A 36 -6.92 10.34 -0.72
C GLU A 36 -7.93 9.64 -1.63
N SER A 37 -8.80 10.44 -2.24
CA SER A 37 -9.98 9.95 -2.94
C SER A 37 -9.62 9.36 -4.32
N PHE A 38 -9.84 8.04 -4.50
CA PHE A 38 -9.68 7.34 -5.80
C PHE A 38 -11.01 6.69 -6.18
N ALA A 39 -11.52 6.99 -7.38
CA ALA A 39 -12.74 6.36 -7.91
C ALA A 39 -12.38 4.95 -8.44
N SER A 40 -11.25 4.88 -9.16
CA SER A 40 -10.69 3.62 -9.68
C SER A 40 -9.98 2.83 -8.57
N LYS A 41 -10.27 1.53 -8.48
CA LYS A 41 -9.58 0.58 -7.58
C LYS A 41 -8.09 0.49 -7.94
N GLY A 42 -7.77 0.57 -9.24
CA GLY A 42 -6.38 0.52 -9.72
C GLY A 42 -5.55 1.70 -9.22
N ALA A 43 -6.18 2.89 -9.10
CA ALA A 43 -5.54 4.11 -8.58
C ALA A 43 -5.29 4.00 -7.06
N GLN A 44 -6.21 3.31 -6.37
CA GLN A 44 -6.13 3.03 -4.93
C GLN A 44 -4.97 2.04 -4.64
N GLU A 45 -4.96 0.96 -5.44
CA GLU A 45 -3.99 -0.15 -5.36
C GLU A 45 -2.55 0.34 -5.63
N ARG A 46 -2.39 1.16 -6.69
CA ARG A 46 -1.06 1.61 -7.13
C ARG A 46 -0.39 2.53 -6.09
N HIS A 47 -1.21 3.29 -5.30
CA HIS A 47 -0.66 4.19 -4.27
C HIS A 47 -0.05 3.38 -3.12
N LEU A 48 -0.48 2.11 -2.98
CA LEU A 48 0.08 1.17 -1.99
C LEU A 48 1.33 0.49 -2.58
N ARG A 49 1.15 -0.32 -3.63
CA ARG A 49 2.20 -1.23 -4.15
C ARG A 49 3.43 -0.49 -4.74
N LEU A 50 3.23 0.78 -5.17
CA LEU A 50 4.33 1.61 -5.74
C LEU A 50 4.91 2.54 -4.65
N LEU A 51 4.12 3.55 -4.25
CA LEU A 51 4.58 4.65 -3.39
C LEU A 51 4.60 4.24 -1.91
N HIS A 52 3.40 3.93 -1.37
CA HIS A 52 3.19 3.60 0.06
C HIS A 52 3.41 2.09 0.34
N ALA A 53 4.50 1.55 -0.27
CA ALA A 53 4.92 0.15 -0.15
C ALA A 53 5.68 -0.12 1.16
N ALA A 54 5.80 0.93 2.01
CA ALA A 54 6.42 0.86 3.32
C ALA A 54 5.50 0.14 4.34
N GLN A 55 4.19 0.08 4.04
CA GLN A 55 3.18 -0.59 4.91
C GLN A 55 2.78 -1.96 4.35
N VAL A 56 2.87 -2.13 3.01
CA VAL A 56 2.57 -3.42 2.36
C VAL A 56 3.89 -4.15 2.02
N PHE A 57 4.08 -5.31 2.65
CA PHE A 57 5.25 -6.19 2.44
C PHE A 57 4.92 -7.26 1.36
N PRO A 58 5.42 -7.09 0.09
CA PRO A 58 5.20 -8.08 -0.98
C PRO A 58 6.15 -9.29 -0.81
N CYS A 59 5.56 -10.51 -0.66
CA CYS A 59 6.32 -11.78 -0.65
C CYS A 59 7.10 -11.89 -1.97
N LYS A 60 8.43 -11.65 -1.88
CA LYS A 60 9.30 -11.16 -3.00
C LYS A 60 9.16 -11.92 -4.34
N TYR A 61 8.85 -13.22 -4.26
CA TYR A 61 8.77 -14.10 -5.45
C TYR A 61 7.49 -13.82 -6.29
N CYS A 62 6.50 -13.16 -5.66
CA CYS A 62 5.22 -12.78 -6.29
C CYS A 62 4.88 -11.30 -5.97
N PRO A 63 3.98 -10.63 -6.79
CA PRO A 63 3.51 -9.24 -6.49
C PRO A 63 2.41 -9.17 -5.39
N ALA A 64 2.15 -10.32 -4.72
CA ALA A 64 1.17 -10.42 -3.61
C ALA A 64 1.68 -9.65 -2.38
N THR A 65 0.98 -8.56 -2.04
CA THR A 65 1.32 -7.69 -0.90
C THR A 65 0.58 -8.14 0.37
N PHE A 66 1.26 -7.97 1.50
CA PHE A 66 0.76 -8.37 2.84
C PHE A 66 1.03 -7.24 3.82
N TYR A 67 -0.03 -6.69 4.44
CA TYR A 67 0.04 -5.49 5.30
C TYR A 67 0.87 -5.77 6.58
N SER A 68 1.11 -7.05 6.88
CA SER A 68 1.95 -7.52 8.00
C SER A 68 3.10 -8.41 7.48
N SER A 69 4.29 -8.26 8.10
CA SER A 69 5.47 -9.10 7.79
C SER A 69 5.30 -10.60 8.19
N PRO A 70 4.46 -10.97 9.26
CA PRO A 70 3.93 -12.36 9.41
C PRO A 70 3.32 -12.93 8.10
N GLY A 71 2.47 -12.13 7.43
CA GLY A 71 1.82 -12.54 6.17
C GLY A 71 2.82 -12.69 5.02
N LEU A 72 3.80 -11.76 5.01
CA LEU A 72 4.93 -11.75 4.06
C LEU A 72 5.65 -13.12 4.02
N THR A 73 6.10 -13.57 5.22
CA THR A 73 6.87 -14.82 5.37
C THR A 73 5.96 -16.05 5.17
N ARG A 74 4.66 -15.95 5.55
CA ARG A 74 3.74 -17.10 5.47
C ARG A 74 3.37 -17.47 4.03
N HIS A 75 3.53 -16.55 3.04
CA HIS A 75 3.38 -16.95 1.62
C HIS A 75 4.62 -17.74 1.19
N ILE A 76 5.79 -17.34 1.73
CA ILE A 76 7.07 -18.01 1.51
C ILE A 76 7.11 -19.37 2.28
N ASN A 77 6.26 -19.51 3.31
CA ASN A 77 6.10 -20.79 4.04
C ASN A 77 5.08 -21.72 3.32
N LYS A 78 3.96 -21.12 2.84
CA LYS A 78 2.81 -21.89 2.32
C LYS A 78 2.91 -22.13 0.79
N CYS A 79 2.91 -21.04 0.02
CA CYS A 79 2.73 -21.07 -1.46
C CYS A 79 3.96 -20.48 -2.21
N HIS A 80 5.10 -20.44 -1.51
CA HIS A 80 6.42 -20.09 -2.09
C HIS A 80 7.55 -20.70 -1.20
N PRO A 81 7.48 -22.04 -0.86
CA PRO A 81 8.34 -22.64 0.18
C PRO A 81 9.73 -23.08 -0.34
N SER A 82 9.79 -24.17 -1.13
CA SER A 82 11.04 -24.75 -1.60
C SER A 82 11.62 -23.92 -2.75
N GLU A 83 10.85 -23.84 -3.86
CA GLU A 83 11.16 -23.05 -5.07
C GLU A 83 12.52 -23.41 -5.70
N ASN A 84 13.06 -24.61 -5.35
CA ASN A 84 14.39 -25.07 -5.80
C ASN A 84 14.54 -26.56 -5.48
N ARG A 85 14.05 -27.43 -6.39
CA ARG A 85 14.25 -28.89 -6.32
C ARG A 85 14.73 -29.38 -7.72
N MET A 1 4.67 -42.44 0.89
CA MET A 1 4.36 -42.28 -0.56
C MET A 1 4.61 -40.81 -0.98
N GLY A 2 3.78 -39.88 -0.50
CA GLY A 2 4.00 -38.44 -0.69
C GLY A 2 4.81 -37.86 0.47
N HIS A 3 5.45 -36.70 0.26
CA HIS A 3 6.28 -36.04 1.29
C HIS A 3 6.18 -34.51 1.13
N HIS A 4 5.26 -33.90 1.91
CA HIS A 4 5.07 -32.44 1.93
C HIS A 4 6.19 -31.79 2.77
N HIS A 5 6.61 -30.57 2.38
CA HIS A 5 7.73 -29.87 3.03
C HIS A 5 7.36 -28.42 3.37
N HIS A 6 6.96 -28.20 4.62
CA HIS A 6 6.68 -26.86 5.19
C HIS A 6 7.57 -26.60 6.40
N HIS A 7 7.58 -25.35 6.86
CA HIS A 7 8.24 -24.96 8.13
C HIS A 7 7.38 -23.89 8.83
N HIS A 8 7.66 -23.65 10.12
CA HIS A 8 6.97 -22.62 10.91
C HIS A 8 7.98 -21.55 11.35
N SER A 9 7.56 -20.28 11.29
CA SER A 9 8.41 -19.15 11.68
C SER A 9 7.59 -18.16 12.52
N HIS A 10 7.86 -18.13 13.83
CA HIS A 10 7.27 -17.14 14.75
C HIS A 10 8.08 -15.83 14.67
N MET A 11 7.95 -15.16 13.52
CA MET A 11 8.67 -13.92 13.20
C MET A 11 7.83 -13.10 12.21
N GLY A 12 7.67 -11.81 12.50
CA GLY A 12 6.89 -10.90 11.67
C GLY A 12 6.05 -9.98 12.54
N ASP A 13 6.57 -8.76 12.77
CA ASP A 13 5.87 -7.71 13.53
C ASP A 13 6.56 -6.36 13.30
N GLY A 14 6.09 -5.32 14.00
CA GLY A 14 6.66 -3.99 13.90
C GLY A 14 5.83 -3.00 14.70
N GLU A 15 5.51 -1.86 14.08
CA GLU A 15 4.63 -0.85 14.67
C GLU A 15 3.17 -1.35 14.65
N GLY A 16 2.84 -2.09 13.59
CA GLY A 16 1.49 -2.57 13.34
C GLY A 16 0.70 -1.59 12.47
N ALA A 17 -0.53 -1.27 12.89
CA ALA A 17 -1.38 -0.29 12.21
C ALA A 17 -1.50 0.98 13.09
N GLY A 18 -1.69 2.14 12.44
CA GLY A 18 -1.79 3.43 13.13
C GLY A 18 -1.95 4.58 12.14
N VAL A 19 -2.76 4.35 11.11
CA VAL A 19 -2.97 5.31 10.01
C VAL A 19 -4.22 6.18 10.25
N LEU A 20 -4.50 7.11 9.31
CA LEU A 20 -5.68 8.00 9.36
C LEU A 20 -5.91 8.68 8.00
N GLY A 21 -6.98 9.49 7.93
CA GLY A 21 -7.29 10.28 6.75
C GLY A 21 -8.21 11.45 7.11
N LEU A 22 -7.93 12.63 6.54
CA LEU A 22 -8.66 13.86 6.85
C LEU A 22 -9.99 13.88 6.06
N SER A 23 -11.10 14.10 6.79
CA SER A 23 -12.47 14.17 6.25
C SER A 23 -12.88 12.83 5.58
N ALA A 24 -12.51 12.65 4.28
CA ALA A 24 -12.84 11.45 3.49
C ALA A 24 -14.37 11.21 3.43
N SER A 25 -15.11 12.26 3.04
CA SER A 25 -16.60 12.26 2.96
C SER A 25 -17.13 11.42 1.78
N ALA A 26 -16.20 10.83 1.00
CA ALA A 26 -16.51 9.83 -0.05
C ALA A 26 -15.84 8.49 0.31
N GLU A 27 -16.40 7.37 -0.18
CA GLU A 27 -15.93 6.01 0.14
C GLU A 27 -15.16 5.39 -1.06
N CYS A 28 -15.90 4.70 -1.97
CA CYS A 28 -15.36 3.81 -3.01
C CYS A 28 -14.31 2.81 -2.43
N HIS A 29 -13.04 3.25 -2.35
CA HIS A 29 -11.94 2.49 -1.74
C HIS A 29 -10.84 3.47 -1.30
N LEU A 30 -10.37 3.33 -0.04
CA LEU A 30 -9.33 4.18 0.55
C LEU A 30 -7.97 3.45 0.51
N CYS A 31 -6.88 4.20 0.27
CA CYS A 31 -5.48 3.66 0.41
C CYS A 31 -5.23 3.26 1.87
N PRO A 32 -4.95 1.94 2.17
CA PRO A 32 -4.76 1.40 3.55
C PRO A 32 -3.83 2.22 4.48
N VAL A 33 -2.87 2.96 3.90
CA VAL A 33 -1.88 3.73 4.68
C VAL A 33 -2.31 5.21 4.88
N CYS A 34 -3.20 5.71 4.01
CA CYS A 34 -3.76 7.07 4.12
C CYS A 34 -5.20 7.11 3.60
N GLY A 35 -6.19 7.36 4.50
CA GLY A 35 -7.59 7.41 4.12
C GLY A 35 -7.86 8.51 3.10
N GLU A 36 -8.17 8.09 1.87
CA GLU A 36 -8.23 8.97 0.70
C GLU A 36 -9.04 8.24 -0.38
N SER A 37 -10.18 8.82 -0.76
CA SER A 37 -11.16 8.16 -1.64
C SER A 37 -10.71 8.20 -3.11
N PHE A 38 -10.44 7.02 -3.67
CA PHE A 38 -10.20 6.82 -5.10
C PHE A 38 -11.40 6.06 -5.67
N ALA A 39 -11.97 6.57 -6.78
CA ALA A 39 -13.00 5.84 -7.53
C ALA A 39 -12.34 4.88 -8.53
N SER A 40 -11.10 5.21 -8.94
CA SER A 40 -10.28 4.39 -9.85
C SER A 40 -9.32 3.49 -9.03
N LYS A 41 -9.29 2.20 -9.40
CA LYS A 41 -8.40 1.20 -8.80
C LYS A 41 -6.91 1.52 -9.07
N GLY A 42 -6.67 2.22 -10.19
CA GLY A 42 -5.32 2.60 -10.59
C GLY A 42 -4.58 3.46 -9.57
N ALA A 43 -5.26 4.52 -9.11
CA ALA A 43 -4.70 5.49 -8.16
C ALA A 43 -4.61 4.89 -6.74
N GLN A 44 -5.53 3.95 -6.44
CA GLN A 44 -5.53 3.15 -5.20
C GLN A 44 -4.21 2.41 -5.04
N GLU A 45 -3.88 1.63 -6.07
CA GLU A 45 -2.70 0.79 -6.11
C GLU A 45 -1.44 1.61 -6.30
N ARG A 46 -1.51 2.72 -7.06
CA ARG A 46 -0.32 3.54 -7.42
C ARG A 46 0.32 4.16 -6.16
N HIS A 47 -0.51 4.39 -5.11
CA HIS A 47 -0.01 4.75 -3.78
C HIS A 47 0.82 3.58 -3.23
N LEU A 48 0.18 2.43 -3.11
CA LEU A 48 0.77 1.23 -2.48
C LEU A 48 1.99 0.69 -3.27
N ARG A 49 2.05 1.03 -4.56
CA ARG A 49 3.17 0.66 -5.47
C ARG A 49 4.33 1.66 -5.37
N LEU A 50 4.01 2.94 -5.19
CA LEU A 50 5.00 4.05 -5.34
C LEU A 50 5.07 4.93 -4.09
N LEU A 51 3.94 5.56 -3.75
CA LEU A 51 3.86 6.67 -2.76
C LEU A 51 3.68 6.15 -1.32
N HIS A 52 3.44 4.84 -1.18
CA HIS A 52 3.09 4.18 0.08
C HIS A 52 3.46 2.68 -0.01
N ALA A 53 4.63 2.46 -0.63
CA ALA A 53 5.18 1.11 -0.93
C ALA A 53 6.00 0.52 0.23
N ALA A 54 6.47 1.40 1.14
CA ALA A 54 7.34 0.98 2.27
C ALA A 54 6.55 0.24 3.36
N GLN A 55 5.21 0.34 3.30
CA GLN A 55 4.30 -0.28 4.29
C GLN A 55 3.69 -1.59 3.77
N VAL A 56 3.93 -1.91 2.49
CA VAL A 56 3.43 -3.15 1.87
C VAL A 56 4.61 -4.11 1.58
N PHE A 57 4.36 -5.42 1.71
CA PHE A 57 5.39 -6.46 1.62
C PHE A 57 5.00 -7.54 0.57
N PRO A 58 5.52 -7.43 -0.70
CA PRO A 58 5.29 -8.46 -1.74
C PRO A 58 6.19 -9.70 -1.53
N CYS A 59 5.55 -10.89 -1.45
CA CYS A 59 6.27 -12.18 -1.39
C CYS A 59 6.98 -12.40 -2.74
N LYS A 60 8.30 -12.14 -2.72
CA LYS A 60 9.13 -11.79 -3.91
C LYS A 60 8.96 -12.73 -5.12
N TYR A 61 8.94 -14.03 -4.83
CA TYR A 61 9.09 -15.09 -5.84
C TYR A 61 7.78 -15.35 -6.62
N CYS A 62 6.67 -14.80 -6.11
CA CYS A 62 5.34 -14.91 -6.74
C CYS A 62 4.67 -13.52 -6.75
N PRO A 63 3.86 -13.15 -7.80
CA PRO A 63 3.07 -11.90 -7.77
C PRO A 63 1.95 -11.94 -6.69
N ALA A 64 2.31 -11.49 -5.46
CA ALA A 64 1.41 -11.49 -4.30
C ALA A 64 1.88 -10.46 -3.25
N THR A 65 1.20 -9.30 -3.19
CA THR A 65 1.52 -8.23 -2.24
C THR A 65 0.67 -8.33 -0.95
N PHE A 66 1.33 -8.12 0.20
CA PHE A 66 0.67 -8.09 1.53
C PHE A 66 0.76 -6.67 2.12
N TYR A 67 -0.01 -6.43 3.19
CA TYR A 67 0.00 -5.13 3.91
C TYR A 67 0.59 -5.33 5.33
N SER A 68 1.35 -6.42 5.51
CA SER A 68 1.89 -6.82 6.82
C SER A 68 3.08 -7.77 6.64
N SER A 69 4.11 -7.60 7.49
CA SER A 69 5.36 -8.39 7.46
C SER A 69 5.14 -9.88 7.89
N PRO A 70 4.28 -10.20 8.94
CA PRO A 70 3.90 -11.61 9.22
C PRO A 70 3.15 -12.24 8.02
N GLY A 71 2.36 -11.42 7.30
CA GLY A 71 1.65 -11.86 6.09
C GLY A 71 2.60 -12.29 4.98
N LEU A 72 3.68 -11.51 4.82
CA LEU A 72 4.81 -11.80 3.93
C LEU A 72 5.39 -13.19 4.24
N THR A 73 5.69 -13.40 5.53
CA THR A 73 6.24 -14.65 6.07
C THR A 73 5.28 -15.84 5.84
N ARG A 74 3.95 -15.58 6.00
CA ARG A 74 2.91 -16.64 5.95
C ARG A 74 2.78 -17.27 4.56
N HIS A 75 3.20 -16.57 3.48
CA HIS A 75 3.24 -17.19 2.15
C HIS A 75 4.42 -18.19 2.13
N ILE A 76 5.60 -17.67 2.49
CA ILE A 76 6.89 -18.41 2.48
C ILE A 76 6.82 -19.75 3.27
N ASN A 77 6.07 -19.71 4.39
CA ASN A 77 5.86 -20.90 5.24
C ASN A 77 4.69 -21.79 4.74
N LYS A 78 3.51 -21.19 4.54
CA LYS A 78 2.28 -21.98 4.22
C LYS A 78 2.06 -22.17 2.70
N CYS A 79 1.88 -21.05 1.98
CA CYS A 79 1.33 -21.06 0.60
C CYS A 79 2.45 -20.92 -0.45
N HIS A 80 3.70 -21.07 -0.01
CA HIS A 80 4.88 -21.10 -0.89
C HIS A 80 5.88 -22.13 -0.26
N PRO A 81 5.42 -23.43 -0.09
CA PRO A 81 6.09 -24.45 0.79
C PRO A 81 7.61 -24.57 0.58
N SER A 82 8.03 -24.92 -0.63
CA SER A 82 9.43 -25.10 -0.97
C SER A 82 9.79 -24.21 -2.16
N GLU A 83 10.13 -22.94 -1.86
CA GLU A 83 10.71 -21.99 -2.84
C GLU A 83 12.21 -22.30 -3.04
N ASN A 84 12.46 -23.51 -3.57
CA ASN A 84 13.81 -24.06 -3.79
C ASN A 84 14.25 -23.77 -5.24
N ARG A 85 14.89 -22.62 -5.42
CA ARG A 85 15.36 -22.14 -6.73
C ARG A 85 16.71 -21.41 -6.56
N MET A 1 38.78 17.01 5.16
CA MET A 1 40.06 17.30 5.83
C MET A 1 40.60 18.67 5.36
N GLY A 2 40.34 19.70 6.18
CA GLY A 2 40.77 21.07 5.90
C GLY A 2 41.22 21.78 7.18
N HIS A 3 42.00 22.85 7.01
CA HIS A 3 42.55 23.64 8.12
C HIS A 3 42.46 25.13 7.79
N HIS A 4 41.23 25.67 7.93
CA HIS A 4 40.89 27.10 7.72
C HIS A 4 39.66 27.46 8.57
N HIS A 5 39.62 28.69 9.11
CA HIS A 5 38.49 29.20 9.91
C HIS A 5 37.59 30.09 9.02
N HIS A 6 36.58 29.48 8.38
CA HIS A 6 35.53 30.21 7.61
C HIS A 6 34.20 29.46 7.76
N HIS A 7 33.44 29.83 8.80
CA HIS A 7 32.11 29.25 9.09
C HIS A 7 31.12 30.41 9.35
N HIS A 8 30.52 30.91 8.26
CA HIS A 8 29.53 32.01 8.27
C HIS A 8 28.59 31.87 7.06
N SER A 9 27.29 32.07 7.28
CA SER A 9 26.27 31.92 6.25
C SER A 9 26.10 33.21 5.41
N HIS A 10 26.33 33.07 4.09
CA HIS A 10 25.95 34.09 3.08
C HIS A 10 24.59 33.72 2.44
N MET A 11 24.10 32.50 2.74
CA MET A 11 22.78 32.02 2.30
C MET A 11 21.95 31.68 3.54
N GLY A 12 20.70 32.16 3.58
CA GLY A 12 19.74 31.88 4.66
C GLY A 12 18.40 31.46 4.08
N ASP A 13 17.73 30.50 4.75
CA ASP A 13 16.43 29.96 4.30
C ASP A 13 15.34 31.04 4.30
N GLY A 14 14.46 30.97 3.29
CA GLY A 14 13.33 31.88 3.15
C GLY A 14 12.15 31.43 4.01
N GLU A 15 10.98 31.26 3.37
CA GLU A 15 9.74 30.87 4.07
C GLU A 15 8.66 30.48 3.04
N GLY A 16 7.87 29.45 3.39
CA GLY A 16 6.80 28.94 2.52
C GLY A 16 5.55 28.62 3.32
N ALA A 17 4.62 29.58 3.38
CA ALA A 17 3.38 29.46 4.15
C ALA A 17 2.21 29.10 3.22
N GLY A 18 1.91 27.79 3.08
CA GLY A 18 0.81 27.31 2.25
C GLY A 18 0.75 25.79 2.16
N VAL A 19 -0.47 25.23 2.24
CA VAL A 19 -0.77 23.79 2.11
C VAL A 19 -1.90 23.59 1.07
N LEU A 20 -2.47 22.38 1.00
CA LEU A 20 -3.67 22.09 0.18
C LEU A 20 -4.66 21.24 0.99
N GLY A 21 -5.95 21.55 0.85
CA GLY A 21 -7.03 20.82 1.52
C GLY A 21 -8.31 20.86 0.70
N LEU A 22 -8.14 20.78 -0.63
CA LEU A 22 -9.25 20.90 -1.59
C LEU A 22 -10.05 19.59 -1.68
N SER A 23 -9.36 18.45 -1.47
CA SER A 23 -9.91 17.10 -1.66
C SER A 23 -11.13 16.83 -0.74
N ALA A 24 -12.33 16.77 -1.35
CA ALA A 24 -13.59 16.48 -0.64
C ALA A 24 -13.56 15.06 -0.02
N SER A 25 -12.94 14.13 -0.78
CA SER A 25 -12.71 12.73 -0.36
C SER A 25 -14.04 11.97 -0.17
N ALA A 26 -14.50 11.34 -1.26
CA ALA A 26 -15.74 10.54 -1.28
C ALA A 26 -15.51 9.16 -0.62
N GLU A 27 -16.62 8.46 -0.30
CA GLU A 27 -16.56 7.11 0.32
C GLU A 27 -16.04 6.09 -0.71
N CYS A 28 -14.72 5.94 -0.76
CA CYS A 28 -14.01 5.05 -1.70
C CYS A 28 -12.82 4.40 -0.99
N HIS A 29 -12.05 3.58 -1.74
CA HIS A 29 -10.83 2.94 -1.24
C HIS A 29 -9.77 4.01 -0.94
N LEU A 30 -9.38 4.12 0.33
CA LEU A 30 -8.36 5.09 0.77
C LEU A 30 -7.05 4.35 1.03
N CYS A 31 -5.97 4.74 0.31
CA CYS A 31 -4.58 4.27 0.56
C CYS A 31 -4.19 4.62 2.00
N PRO A 32 -4.11 3.61 2.96
CA PRO A 32 -3.86 3.84 4.42
C PRO A 32 -2.72 4.83 4.75
N VAL A 33 -1.73 4.94 3.84
CA VAL A 33 -0.50 5.72 4.05
C VAL A 33 -0.65 7.18 3.51
N CYS A 34 -1.63 7.41 2.61
CA CYS A 34 -1.96 8.77 2.10
C CYS A 34 -3.44 8.83 1.72
N GLY A 35 -4.20 9.77 2.34
CA GLY A 35 -5.62 9.93 2.06
C GLY A 35 -5.88 10.31 0.61
N GLU A 36 -6.51 9.39 -0.13
CA GLU A 36 -6.88 9.58 -1.55
C GLU A 36 -7.89 8.51 -1.97
N SER A 37 -9.01 8.96 -2.58
CA SER A 37 -10.15 8.08 -2.91
C SER A 37 -9.92 7.35 -4.25
N PHE A 38 -10.17 6.02 -4.25
CA PHE A 38 -10.06 5.16 -5.45
C PHE A 38 -11.31 4.29 -5.58
N ALA A 39 -11.95 4.31 -6.75
CA ALA A 39 -12.98 3.31 -7.12
C ALA A 39 -12.33 2.14 -7.87
N SER A 40 -11.15 2.41 -8.46
CA SER A 40 -10.34 1.43 -9.19
C SER A 40 -9.36 0.74 -8.21
N LYS A 41 -9.42 -0.61 -8.15
CA LYS A 41 -8.56 -1.42 -7.26
C LYS A 41 -7.08 -1.23 -7.58
N GLY A 42 -6.75 -1.28 -8.88
CA GLY A 42 -5.37 -1.18 -9.37
C GLY A 42 -4.63 0.07 -8.91
N ALA A 43 -5.36 1.19 -8.82
CA ALA A 43 -4.82 2.49 -8.33
C ALA A 43 -4.50 2.41 -6.83
N GLN A 44 -5.36 1.70 -6.08
CA GLN A 44 -5.18 1.44 -4.64
C GLN A 44 -3.96 0.53 -4.39
N GLU A 45 -3.83 -0.53 -5.22
CA GLU A 45 -2.75 -1.53 -5.11
C GLU A 45 -1.39 -0.87 -5.36
N ARG A 46 -1.26 -0.20 -6.54
CA ARG A 46 0.00 0.41 -6.98
C ARG A 46 0.42 1.57 -6.06
N HIS A 47 -0.55 2.19 -5.37
CA HIS A 47 -0.25 3.22 -4.36
C HIS A 47 0.47 2.59 -3.18
N LEU A 48 -0.01 1.44 -2.72
CA LEU A 48 0.55 0.76 -1.56
C LEU A 48 1.85 0.03 -1.91
N ARG A 49 1.79 -0.98 -2.78
CA ARG A 49 2.94 -1.86 -3.07
C ARG A 49 4.16 -1.13 -3.72
N LEU A 50 3.92 0.05 -4.33
CA LEU A 50 4.98 0.82 -5.03
C LEU A 50 5.25 2.16 -4.30
N LEU A 51 4.25 3.06 -4.33
CA LEU A 51 4.41 4.48 -3.92
C LEU A 51 4.46 4.65 -2.38
N HIS A 52 3.83 3.72 -1.66
CA HIS A 52 3.58 3.82 -0.20
C HIS A 52 3.83 2.46 0.47
N ALA A 53 4.95 1.83 0.03
CA ALA A 53 5.37 0.48 0.47
C ALA A 53 6.10 0.49 1.83
N ALA A 54 6.21 1.68 2.45
CA ALA A 54 6.85 1.85 3.76
C ALA A 54 6.07 1.11 4.87
N GLN A 55 4.73 1.28 4.86
CA GLN A 55 3.84 0.72 5.90
C GLN A 55 3.38 -0.70 5.55
N VAL A 56 3.02 -0.91 4.26
CA VAL A 56 2.52 -2.21 3.79
C VAL A 56 3.69 -3.18 3.53
N PHE A 57 3.37 -4.47 3.31
CA PHE A 57 4.36 -5.55 3.15
C PHE A 57 4.06 -6.37 1.87
N PRO A 58 4.53 -5.89 0.68
CA PRO A 58 4.37 -6.62 -0.61
C PRO A 58 5.32 -7.84 -0.68
N CYS A 59 4.75 -9.06 -0.82
CA CYS A 59 5.53 -10.31 -1.01
C CYS A 59 6.27 -10.20 -2.36
N LYS A 60 7.58 -9.89 -2.27
CA LYS A 60 8.34 -9.12 -3.29
C LYS A 60 8.24 -9.62 -4.75
N TYR A 61 8.28 -10.95 -4.98
CA TYR A 61 8.36 -11.50 -6.37
C TYR A 61 6.97 -11.54 -7.05
N CYS A 62 5.90 -11.23 -6.29
CA CYS A 62 4.52 -11.22 -6.80
C CYS A 62 3.80 -9.92 -6.35
N PRO A 63 2.82 -9.36 -7.13
CA PRO A 63 2.03 -8.15 -6.72
C PRO A 63 1.07 -8.38 -5.53
N ALA A 64 1.05 -9.62 -4.97
CA ALA A 64 0.31 -9.95 -3.73
C ALA A 64 0.88 -9.15 -2.53
N THR A 65 0.12 -8.11 -2.14
CA THR A 65 0.52 -7.17 -1.08
C THR A 65 -0.27 -7.42 0.21
N PHE A 66 0.44 -7.37 1.35
CA PHE A 66 -0.12 -7.59 2.70
C PHE A 66 -0.02 -6.31 3.51
N TYR A 67 -0.70 -6.26 4.66
CA TYR A 67 -0.65 -5.12 5.60
C TYR A 67 0.01 -5.58 6.93
N SER A 68 0.56 -6.82 6.95
CA SER A 68 1.20 -7.41 8.14
C SER A 68 2.44 -8.23 7.71
N SER A 69 3.48 -8.17 8.55
CA SER A 69 4.80 -8.82 8.31
C SER A 69 4.70 -10.38 8.34
N PRO A 70 3.95 -11.03 9.30
CA PRO A 70 3.69 -12.49 9.22
C PRO A 70 2.95 -12.89 7.94
N GLY A 71 2.04 -12.01 7.45
CA GLY A 71 1.32 -12.20 6.18
C GLY A 71 2.26 -12.20 4.97
N LEU A 72 3.23 -11.28 5.00
CA LEU A 72 4.33 -11.17 4.01
C LEU A 72 5.05 -12.53 3.83
N THR A 73 5.39 -13.14 4.97
CA THR A 73 6.07 -14.45 5.04
C THR A 73 5.11 -15.60 4.67
N ARG A 74 3.80 -15.44 5.00
CA ARG A 74 2.80 -16.50 4.80
C ARG A 74 2.55 -16.83 3.33
N HIS A 75 2.73 -15.85 2.40
CA HIS A 75 2.58 -16.13 0.95
C HIS A 75 3.72 -17.03 0.47
N ILE A 76 4.89 -16.83 1.07
CA ILE A 76 6.12 -17.57 0.75
C ILE A 76 5.93 -19.06 1.09
N ASN A 77 5.55 -19.33 2.35
CA ASN A 77 5.34 -20.70 2.86
C ASN A 77 4.12 -21.39 2.21
N LYS A 78 3.15 -20.60 1.74
CA LYS A 78 1.88 -21.13 1.18
C LYS A 78 2.03 -21.50 -0.31
N CYS A 79 2.37 -20.51 -1.14
CA CYS A 79 2.27 -20.63 -2.61
C CYS A 79 3.35 -19.79 -3.31
N HIS A 80 4.53 -19.64 -2.66
CA HIS A 80 5.65 -18.90 -3.25
C HIS A 80 7.01 -19.54 -2.84
N PRO A 81 7.36 -20.74 -3.41
CA PRO A 81 8.70 -21.34 -3.25
C PRO A 81 9.76 -20.72 -4.19
N SER A 82 9.33 -19.84 -5.12
CA SER A 82 10.24 -19.12 -6.05
C SER A 82 10.96 -17.99 -5.29
N GLU A 83 12.04 -18.36 -4.61
CA GLU A 83 12.78 -17.51 -3.67
C GLU A 83 14.24 -17.36 -4.15
N ASN A 84 14.91 -18.53 -4.28
CA ASN A 84 16.33 -18.69 -4.61
C ASN A 84 17.22 -18.10 -3.47
N ARG A 85 17.42 -16.76 -3.48
CA ARG A 85 18.12 -16.03 -2.41
C ARG A 85 17.94 -14.50 -2.59
N MET A 1 12.75 54.47 18.52
CA MET A 1 14.07 54.64 19.20
C MET A 1 14.05 53.96 20.58
N GLY A 2 15.15 54.11 21.33
CA GLY A 2 15.26 53.56 22.69
C GLY A 2 15.56 52.06 22.72
N HIS A 3 15.80 51.55 23.94
CA HIS A 3 16.22 50.15 24.16
C HIS A 3 14.99 49.25 24.36
N HIS A 4 14.54 48.62 23.26
CA HIS A 4 13.45 47.61 23.28
C HIS A 4 14.07 46.29 23.78
N HIS A 5 13.99 46.07 25.12
CA HIS A 5 14.82 45.07 25.83
C HIS A 5 14.55 43.61 25.38
N HIS A 6 15.31 43.18 24.34
CA HIS A 6 15.41 41.78 23.83
C HIS A 6 14.13 41.27 23.13
N HIS A 7 13.01 42.02 23.23
CA HIS A 7 11.70 41.59 22.69
C HIS A 7 11.60 41.87 21.19
N HIS A 8 10.97 40.93 20.48
CA HIS A 8 10.69 40.99 19.04
C HIS A 8 9.20 40.63 18.82
N SER A 9 8.67 40.91 17.61
CA SER A 9 7.27 40.60 17.25
C SER A 9 7.18 40.09 15.80
N HIS A 10 7.40 41.00 14.82
CA HIS A 10 7.22 40.75 13.37
C HIS A 10 5.73 40.46 13.01
N MET A 11 5.45 40.40 11.70
CA MET A 11 4.09 40.14 11.19
C MET A 11 4.18 39.48 9.79
N GLY A 12 3.68 38.24 9.70
CA GLY A 12 3.73 37.45 8.47
C GLY A 12 3.79 35.96 8.79
N ASP A 13 2.85 35.19 8.23
CA ASP A 13 2.75 33.72 8.47
C ASP A 13 3.65 32.94 7.47
N GLY A 14 3.82 33.50 6.26
CA GLY A 14 4.52 32.80 5.18
C GLY A 14 3.66 31.68 4.60
N GLU A 15 2.57 32.06 3.91
CA GLU A 15 1.57 31.12 3.37
C GLU A 15 2.20 30.04 2.45
N GLY A 16 3.07 30.48 1.53
CA GLY A 16 3.77 29.60 0.59
C GLY A 16 2.82 28.85 -0.35
N ALA A 17 2.68 27.54 -0.12
CA ALA A 17 1.85 26.64 -0.96
C ALA A 17 1.42 25.41 -0.13
N GLY A 18 1.10 24.29 -0.81
CA GLY A 18 0.68 23.05 -0.16
C GLY A 18 -0.83 22.87 -0.25
N VAL A 19 -1.38 21.99 0.61
CA VAL A 19 -2.83 21.70 0.64
C VAL A 19 -3.56 22.63 1.62
N LEU A 20 -4.86 22.80 1.38
CA LEU A 20 -5.76 23.61 2.22
C LEU A 20 -6.95 22.75 2.63
N GLY A 21 -7.61 22.13 1.63
CA GLY A 21 -8.78 21.28 1.86
C GLY A 21 -9.18 20.51 0.63
N LEU A 22 -9.64 19.26 0.83
CA LEU A 22 -10.07 18.36 -0.25
C LEU A 22 -11.59 18.51 -0.47
N SER A 23 -12.01 19.01 -1.65
CA SER A 23 -13.42 19.22 -1.98
C SER A 23 -14.12 17.86 -2.20
N ALA A 24 -14.74 17.35 -1.12
CA ALA A 24 -15.41 16.02 -1.08
C ALA A 24 -14.39 14.87 -1.28
N SER A 25 -14.88 13.64 -1.18
CA SER A 25 -14.10 12.42 -1.45
C SER A 25 -15.03 11.35 -2.05
N ALA A 26 -14.62 10.75 -3.19
CA ALA A 26 -15.36 9.65 -3.81
C ALA A 26 -15.36 8.44 -2.87
N GLU A 27 -16.55 8.12 -2.36
CA GLU A 27 -16.76 7.01 -1.43
C GLU A 27 -16.72 5.68 -2.19
N CYS A 28 -15.51 5.20 -2.44
CA CYS A 28 -15.27 3.95 -3.17
C CYS A 28 -14.02 3.28 -2.60
N HIS A 29 -12.85 3.93 -2.78
CA HIS A 29 -11.55 3.44 -2.31
C HIS A 29 -10.62 4.61 -1.98
N LEU A 30 -9.94 4.52 -0.82
CA LEU A 30 -8.92 5.50 -0.38
C LEU A 30 -7.65 4.72 -0.04
N CYS A 31 -6.46 5.19 -0.49
CA CYS A 31 -5.16 4.53 -0.16
C CYS A 31 -4.99 4.43 1.37
N PRO A 32 -5.07 3.18 1.98
CA PRO A 32 -5.22 2.94 3.45
C PRO A 32 -4.45 3.89 4.41
N VAL A 33 -3.24 4.27 4.03
CA VAL A 33 -2.30 5.01 4.91
C VAL A 33 -2.44 6.55 4.73
N CYS A 34 -2.95 7.01 3.56
CA CYS A 34 -3.16 8.47 3.28
C CYS A 34 -4.56 8.70 2.69
N GLY A 35 -5.35 9.63 3.29
CA GLY A 35 -6.66 10.02 2.78
C GLY A 35 -6.54 10.64 1.39
N GLU A 36 -7.03 9.92 0.39
CA GLU A 36 -6.69 10.16 -1.03
C GLU A 36 -7.78 9.52 -1.91
N SER A 37 -8.61 10.38 -2.55
CA SER A 37 -9.85 9.98 -3.23
C SER A 37 -9.59 9.14 -4.50
N PHE A 38 -10.05 7.88 -4.51
CA PHE A 38 -10.02 7.00 -5.68
C PHE A 38 -11.41 6.35 -5.87
N ALA A 39 -11.64 5.87 -7.09
CA ALA A 39 -12.84 5.11 -7.47
C ALA A 39 -12.43 3.65 -7.72
N SER A 40 -11.47 3.47 -8.63
CA SER A 40 -10.85 2.16 -8.89
C SER A 40 -9.87 1.79 -7.76
N LYS A 41 -9.93 0.53 -7.30
CA LYS A 41 -8.99 0.02 -6.29
C LYS A 41 -7.60 -0.18 -6.91
N GLY A 42 -7.52 -0.34 -8.25
CA GLY A 42 -6.23 -0.35 -8.96
C GLY A 42 -5.43 0.93 -8.73
N ALA A 43 -6.17 2.05 -8.59
CA ALA A 43 -5.61 3.37 -8.26
C ALA A 43 -5.34 3.52 -6.74
N GLN A 44 -6.04 2.73 -5.92
CA GLN A 44 -5.76 2.67 -4.46
C GLN A 44 -4.42 1.93 -4.21
N GLU A 45 -4.25 0.80 -4.93
CA GLU A 45 -3.10 -0.10 -4.77
C GLU A 45 -1.83 0.48 -5.39
N ARG A 46 -1.99 1.38 -6.41
CA ARG A 46 -0.84 1.98 -7.12
C ARG A 46 0.03 2.78 -6.13
N HIS A 47 -0.63 3.53 -5.21
CA HIS A 47 0.09 4.36 -4.22
C HIS A 47 0.82 3.45 -3.23
N LEU A 48 0.19 2.32 -2.90
CA LEU A 48 0.72 1.33 -1.96
C LEU A 48 1.98 0.63 -2.49
N ARG A 49 2.01 0.30 -3.79
CA ARG A 49 3.20 -0.35 -4.40
C ARG A 49 4.28 0.68 -4.87
N LEU A 50 3.88 1.97 -5.05
CA LEU A 50 4.83 3.05 -5.48
C LEU A 50 5.42 3.78 -4.27
N LEU A 51 4.66 4.75 -3.72
CA LEU A 51 5.18 5.72 -2.74
C LEU A 51 5.03 5.19 -1.31
N HIS A 52 3.82 4.68 -1.00
CA HIS A 52 3.49 3.99 0.27
C HIS A 52 3.92 2.50 0.22
N ALA A 53 5.10 2.25 -0.39
CA ALA A 53 5.67 0.90 -0.63
C ALA A 53 6.17 0.25 0.66
N ALA A 54 6.72 1.09 1.57
CA ALA A 54 7.23 0.62 2.87
C ALA A 54 6.09 0.16 3.79
N GLN A 55 4.86 0.60 3.47
CA GLN A 55 3.65 0.32 4.27
C GLN A 55 3.01 -1.03 3.88
N VAL A 56 3.45 -1.64 2.76
CA VAL A 56 3.01 -2.98 2.36
C VAL A 56 4.19 -3.97 2.38
N PHE A 57 3.85 -5.27 2.38
CA PHE A 57 4.80 -6.38 2.49
C PHE A 57 4.51 -7.41 1.38
N PRO A 58 5.02 -7.20 0.12
CA PRO A 58 4.79 -8.12 -1.00
C PRO A 58 5.70 -9.36 -0.94
N CYS A 59 5.09 -10.56 -0.95
CA CYS A 59 5.84 -11.83 -1.06
C CYS A 59 6.50 -11.85 -2.44
N LYS A 60 7.82 -11.58 -2.43
CA LYS A 60 8.60 -11.02 -3.56
C LYS A 60 8.43 -11.77 -4.90
N TYR A 61 8.36 -13.10 -4.81
CA TYR A 61 8.42 -14.00 -5.98
C TYR A 61 7.06 -14.06 -6.72
N CYS A 62 6.02 -13.47 -6.12
CA CYS A 62 4.67 -13.37 -6.72
C CYS A 62 4.12 -11.93 -6.59
N PRO A 63 3.25 -11.46 -7.53
CA PRO A 63 2.57 -10.14 -7.39
C PRO A 63 1.41 -10.22 -6.35
N ALA A 64 1.78 -10.14 -5.06
CA ALA A 64 0.85 -10.31 -3.93
C ALA A 64 1.31 -9.47 -2.72
N THR A 65 0.60 -8.35 -2.47
CA THR A 65 0.89 -7.46 -1.33
C THR A 65 0.08 -7.85 -0.09
N PHE A 66 0.76 -7.85 1.05
CA PHE A 66 0.17 -8.14 2.38
C PHE A 66 0.35 -6.91 3.28
N TYR A 67 -0.58 -6.68 4.22
CA TYR A 67 -0.50 -5.55 5.17
C TYR A 67 0.11 -6.01 6.52
N SER A 68 0.69 -7.22 6.52
CA SER A 68 1.31 -7.84 7.70
C SER A 68 2.61 -8.56 7.29
N SER A 69 3.66 -8.39 8.10
CA SER A 69 4.97 -9.06 7.92
C SER A 69 4.89 -10.60 8.23
N PRO A 70 4.06 -11.09 9.24
CA PRO A 70 3.76 -12.54 9.34
C PRO A 70 3.01 -13.06 8.09
N GLY A 71 2.12 -12.20 7.51
CA GLY A 71 1.39 -12.52 6.27
C GLY A 71 2.31 -12.66 5.05
N LEU A 72 3.38 -11.84 5.06
CA LEU A 72 4.49 -11.93 4.10
C LEU A 72 5.16 -13.31 4.18
N THR A 73 5.48 -13.72 5.42
CA THR A 73 6.12 -15.01 5.73
C THR A 73 5.16 -16.20 5.49
N ARG A 74 3.83 -15.93 5.55
CA ARG A 74 2.80 -16.95 5.28
C ARG A 74 2.91 -17.48 3.86
N HIS A 75 2.97 -16.57 2.85
CA HIS A 75 3.02 -17.00 1.43
C HIS A 75 4.38 -17.64 1.10
N ILE A 76 5.40 -17.32 1.93
CA ILE A 76 6.70 -18.00 1.86
C ILE A 76 6.53 -19.49 2.28
N ASN A 77 6.16 -19.73 3.55
CA ASN A 77 6.06 -21.10 4.10
C ASN A 77 4.92 -21.92 3.44
N LYS A 78 4.02 -21.24 2.70
CA LYS A 78 2.88 -21.86 2.00
C LYS A 78 3.26 -22.25 0.55
N CYS A 79 3.63 -21.25 -0.28
CA CYS A 79 3.76 -21.42 -1.75
C CYS A 79 5.01 -20.71 -2.32
N HIS A 80 5.93 -20.24 -1.46
CA HIS A 80 7.25 -19.69 -1.88
C HIS A 80 8.35 -20.03 -0.85
N PRO A 81 8.52 -21.36 -0.48
CA PRO A 81 9.49 -21.78 0.54
C PRO A 81 10.79 -22.30 -0.11
N SER A 82 11.53 -23.16 0.63
CA SER A 82 12.80 -23.79 0.17
C SER A 82 13.86 -22.71 -0.11
N GLU A 83 13.72 -21.56 0.60
CA GLU A 83 14.56 -20.36 0.38
C GLU A 83 15.90 -20.51 1.16
N ASN A 84 16.66 -21.52 0.73
CA ASN A 84 17.92 -21.99 1.33
C ASN A 84 18.27 -23.31 0.61
N ARG A 85 17.27 -24.23 0.62
CA ARG A 85 17.32 -25.55 -0.02
C ARG A 85 18.39 -26.45 0.68
N MET A 1 10.55 40.66 -37.73
CA MET A 1 11.84 40.36 -38.38
C MET A 1 12.59 39.30 -37.57
N GLY A 2 13.39 38.47 -38.28
CA GLY A 2 14.16 37.39 -37.67
C GLY A 2 13.56 36.03 -37.94
N HIS A 3 13.22 35.76 -39.21
CA HIS A 3 12.72 34.45 -39.66
C HIS A 3 13.87 33.43 -39.65
N HIS A 4 14.04 32.76 -38.52
CA HIS A 4 15.00 31.66 -38.35
C HIS A 4 14.26 30.34 -38.58
N HIS A 5 13.28 30.05 -37.69
CA HIS A 5 12.33 28.92 -37.82
C HIS A 5 13.05 27.55 -37.91
N HIS A 6 14.33 27.52 -37.48
CA HIS A 6 15.23 26.38 -37.68
C HIS A 6 15.34 25.56 -36.39
N HIS A 7 14.54 24.47 -36.30
CA HIS A 7 14.60 23.49 -35.19
C HIS A 7 14.34 22.09 -35.75
N HIS A 8 15.42 21.35 -36.04
CA HIS A 8 15.36 19.97 -36.54
C HIS A 8 15.63 19.00 -35.38
N SER A 9 14.57 18.69 -34.62
CA SER A 9 14.66 17.85 -33.41
C SER A 9 13.37 17.03 -33.21
N HIS A 10 13.43 15.73 -33.60
CA HIS A 10 12.32 14.79 -33.41
C HIS A 10 12.39 14.17 -32.01
N MET A 11 13.63 13.81 -31.59
CA MET A 11 13.89 13.17 -30.29
C MET A 11 13.60 14.17 -29.14
N GLY A 12 12.37 14.06 -28.60
CA GLY A 12 11.90 14.92 -27.52
C GLY A 12 10.67 14.32 -26.87
N ASP A 13 10.72 13.02 -26.60
CA ASP A 13 9.61 12.24 -26.04
C ASP A 13 9.85 11.99 -24.54
N GLY A 14 8.81 12.15 -23.72
CA GLY A 14 8.90 11.91 -22.29
C GLY A 14 7.82 12.66 -21.52
N GLU A 15 6.55 12.38 -21.86
CA GLU A 15 5.39 13.00 -21.18
C GLU A 15 5.25 12.40 -19.77
N GLY A 16 5.19 13.28 -18.78
CA GLY A 16 5.05 12.91 -17.38
C GLY A 16 4.59 14.09 -16.54
N ALA A 17 3.64 13.84 -15.64
CA ALA A 17 3.10 14.84 -14.70
C ALA A 17 2.58 14.10 -13.47
N GLY A 18 3.52 13.73 -12.58
CA GLY A 18 3.21 12.98 -11.35
C GLY A 18 2.72 13.88 -10.23
N VAL A 19 1.69 14.69 -10.52
CA VAL A 19 1.10 15.66 -9.58
C VAL A 19 -0.40 15.38 -9.41
N LEU A 20 -0.97 15.96 -8.36
CA LEU A 20 -2.42 15.92 -8.09
C LEU A 20 -3.04 17.30 -8.37
N GLY A 21 -4.34 17.35 -8.70
CA GLY A 21 -5.04 18.60 -9.00
C GLY A 21 -6.50 18.40 -9.33
N LEU A 22 -7.13 17.47 -8.60
CA LEU A 22 -8.54 17.10 -8.79
C LEU A 22 -9.10 16.68 -7.40
N SER A 23 -10.41 16.91 -7.17
CA SER A 23 -11.12 16.52 -5.94
C SER A 23 -11.10 14.99 -5.76
N ALA A 24 -11.26 14.28 -6.90
CA ALA A 24 -11.23 12.80 -7.01
C ALA A 24 -12.46 12.14 -6.36
N SER A 25 -12.63 10.84 -6.64
CA SER A 25 -13.83 10.06 -6.24
C SER A 25 -13.66 9.50 -4.82
N ALA A 26 -14.34 10.13 -3.86
CA ALA A 26 -14.34 9.71 -2.45
C ALA A 26 -15.29 8.52 -2.22
N GLU A 27 -15.38 8.07 -0.95
CA GLU A 27 -16.29 7.00 -0.45
C GLU A 27 -15.78 5.58 -0.81
N CYS A 28 -15.48 5.35 -2.10
CA CYS A 28 -15.15 4.02 -2.65
C CYS A 28 -13.87 3.41 -2.05
N HIS A 29 -12.73 4.07 -2.32
CA HIS A 29 -11.39 3.59 -1.91
C HIS A 29 -10.53 4.78 -1.45
N LEU A 30 -9.73 4.58 -0.39
CA LEU A 30 -8.75 5.56 0.12
C LEU A 30 -7.44 4.83 0.41
N CYS A 31 -6.27 5.43 0.05
CA CYS A 31 -4.95 4.86 0.42
C CYS A 31 -4.86 4.74 1.98
N PRO A 32 -4.87 3.49 2.56
CA PRO A 32 -5.01 3.26 4.04
C PRO A 32 -4.06 4.11 4.92
N VAL A 33 -2.84 4.35 4.42
CA VAL A 33 -1.79 5.06 5.17
C VAL A 33 -1.98 6.59 5.08
N CYS A 34 -2.54 7.08 3.95
CA CYS A 34 -2.81 8.52 3.72
C CYS A 34 -4.13 8.67 2.96
N GLY A 35 -5.17 9.23 3.62
CA GLY A 35 -6.51 9.39 3.03
C GLY A 35 -6.47 10.12 1.68
N GLU A 36 -6.78 9.40 0.60
CA GLU A 36 -6.69 9.91 -0.78
C GLU A 36 -7.79 9.25 -1.62
N SER A 37 -8.65 10.08 -2.23
CA SER A 37 -9.89 9.63 -2.89
C SER A 37 -9.61 8.85 -4.20
N PHE A 38 -10.07 7.58 -4.24
CA PHE A 38 -9.93 6.68 -5.40
C PHE A 38 -11.26 5.93 -5.64
N ALA A 39 -11.58 5.65 -6.92
CA ALA A 39 -12.66 4.71 -7.31
C ALA A 39 -12.03 3.40 -7.78
N SER A 40 -11.01 3.53 -8.63
CA SER A 40 -10.23 2.42 -9.17
C SER A 40 -9.46 1.71 -8.05
N LYS A 41 -9.56 0.36 -8.03
CA LYS A 41 -8.77 -0.48 -7.11
C LYS A 41 -7.29 -0.49 -7.55
N GLY A 42 -7.05 -0.23 -8.84
CA GLY A 42 -5.69 -0.09 -9.37
C GLY A 42 -5.01 1.19 -8.89
N ALA A 43 -5.80 2.27 -8.80
CA ALA A 43 -5.35 3.58 -8.27
C ALA A 43 -5.20 3.51 -6.74
N GLN A 44 -6.04 2.68 -6.10
CA GLN A 44 -5.95 2.37 -4.66
C GLN A 44 -4.58 1.76 -4.32
N GLU A 45 -4.21 0.72 -5.08
CA GLU A 45 -2.94 -0.01 -4.91
C GLU A 45 -1.75 0.80 -5.46
N ARG A 46 -2.03 1.80 -6.32
CA ARG A 46 -1.01 2.63 -6.97
C ARG A 46 -0.14 3.39 -5.93
N HIS A 47 -0.79 4.12 -4.99
CA HIS A 47 -0.05 4.89 -3.96
C HIS A 47 0.63 3.92 -2.99
N LEU A 48 0.00 2.75 -2.79
CA LEU A 48 0.49 1.70 -1.90
C LEU A 48 1.75 1.01 -2.45
N ARG A 49 1.83 0.80 -3.77
CA ARG A 49 2.98 0.10 -4.38
C ARG A 49 4.16 1.07 -4.60
N LEU A 50 3.84 2.37 -4.75
CA LEU A 50 4.84 3.41 -5.03
C LEU A 50 5.29 4.14 -3.74
N LEU A 51 4.49 5.13 -3.31
CA LEU A 51 4.90 6.11 -2.30
C LEU A 51 4.48 5.71 -0.88
N HIS A 52 3.84 4.53 -0.75
CA HIS A 52 3.49 3.94 0.55
C HIS A 52 3.77 2.43 0.52
N ALA A 53 4.89 2.09 -0.16
CA ALA A 53 5.41 0.72 -0.29
C ALA A 53 5.97 0.19 1.05
N ALA A 54 6.16 1.11 2.01
CA ALA A 54 6.67 0.81 3.36
C ALA A 54 5.65 0.01 4.21
N GLN A 55 4.35 0.05 3.82
CA GLN A 55 3.27 -0.63 4.58
C GLN A 55 2.72 -1.86 3.85
N VAL A 56 3.04 -1.98 2.54
CA VAL A 56 2.71 -3.20 1.77
C VAL A 56 3.93 -4.11 1.70
N PHE A 57 3.67 -5.42 1.63
CA PHE A 57 4.71 -6.47 1.66
C PHE A 57 4.44 -7.49 0.54
N PRO A 58 4.89 -7.21 -0.73
CA PRO A 58 4.71 -8.13 -1.86
C PRO A 58 5.59 -9.39 -1.72
N CYS A 59 4.94 -10.57 -1.76
CA CYS A 59 5.63 -11.87 -1.73
C CYS A 59 6.65 -11.93 -2.88
N LYS A 60 7.94 -11.97 -2.51
CA LYS A 60 9.10 -11.72 -3.41
C LYS A 60 9.01 -12.42 -4.80
N TYR A 61 8.41 -13.62 -4.81
CA TYR A 61 8.42 -14.50 -6.01
C TYR A 61 7.11 -14.37 -6.82
N CYS A 62 5.98 -14.01 -6.16
CA CYS A 62 4.66 -13.88 -6.84
C CYS A 62 3.96 -12.57 -6.40
N PRO A 63 3.29 -11.82 -7.36
CA PRO A 63 2.72 -10.45 -7.09
C PRO A 63 1.58 -10.37 -6.03
N ALA A 64 1.33 -11.48 -5.28
CA ALA A 64 0.48 -11.47 -4.08
C ALA A 64 1.02 -10.48 -3.02
N THR A 65 0.46 -9.26 -3.00
CA THR A 65 0.92 -8.17 -2.13
C THR A 65 0.09 -8.13 -0.83
N PHE A 66 0.75 -8.46 0.29
CA PHE A 66 0.12 -8.51 1.62
C PHE A 66 0.34 -7.19 2.35
N TYR A 67 -0.75 -6.53 2.79
CA TYR A 67 -0.68 -5.31 3.62
C TYR A 67 -0.49 -5.75 5.10
N SER A 68 0.46 -6.68 5.33
CA SER A 68 0.68 -7.30 6.64
C SER A 68 2.10 -7.87 6.73
N SER A 69 2.75 -7.63 7.88
CA SER A 69 4.08 -8.17 8.18
C SER A 69 4.09 -9.74 8.18
N PRO A 70 3.11 -10.46 8.87
CA PRO A 70 3.09 -11.95 8.85
C PRO A 70 2.82 -12.52 7.45
N GLY A 71 1.88 -11.89 6.68
CA GLY A 71 1.41 -12.43 5.39
C GLY A 71 2.52 -12.67 4.36
N LEU A 72 3.52 -11.77 4.38
CA LEU A 72 4.73 -11.88 3.53
C LEU A 72 5.47 -13.20 3.82
N THR A 73 5.75 -13.42 5.12
CA THR A 73 6.45 -14.61 5.63
C THR A 73 5.60 -15.89 5.42
N ARG A 74 4.27 -15.74 5.51
CA ARG A 74 3.30 -16.84 5.42
C ARG A 74 3.30 -17.49 4.03
N HIS A 75 3.39 -16.67 2.96
CA HIS A 75 3.45 -17.24 1.59
C HIS A 75 4.79 -17.95 1.42
N ILE A 76 5.88 -17.20 1.61
CA ILE A 76 7.25 -17.64 1.33
C ILE A 76 7.64 -18.95 2.10
N ASN A 77 7.13 -19.12 3.33
CA ASN A 77 7.36 -20.36 4.12
C ASN A 77 6.31 -21.46 3.83
N LYS A 78 5.00 -21.12 3.83
CA LYS A 78 3.91 -22.13 3.74
C LYS A 78 3.45 -22.40 2.29
N CYS A 79 2.93 -21.35 1.61
CA CYS A 79 2.23 -21.50 0.31
C CYS A 79 3.19 -21.30 -0.88
N HIS A 80 4.47 -21.07 -0.57
CA HIS A 80 5.51 -20.80 -1.59
C HIS A 80 6.91 -21.24 -1.04
N PRO A 81 7.02 -22.49 -0.47
CA PRO A 81 8.17 -22.88 0.39
C PRO A 81 9.50 -23.09 -0.38
N SER A 82 9.48 -23.99 -1.37
CA SER A 82 10.69 -24.44 -2.07
C SER A 82 10.78 -23.79 -3.46
N GLU A 83 11.36 -22.58 -3.50
CA GLU A 83 11.67 -21.87 -4.75
C GLU A 83 13.08 -22.26 -5.21
N ASN A 84 14.09 -21.76 -4.48
CA ASN A 84 15.49 -22.10 -4.71
C ASN A 84 15.99 -23.03 -3.58
N ARG A 85 15.08 -23.40 -2.65
CA ARG A 85 15.39 -24.25 -1.49
C ARG A 85 15.74 -25.70 -1.93
N MET A 1 -35.96 -2.69 3.33
CA MET A 1 -34.76 -2.71 2.45
C MET A 1 -33.54 -3.17 3.26
N GLY A 2 -33.02 -2.27 4.12
CA GLY A 2 -31.86 -2.55 4.95
C GLY A 2 -32.25 -3.24 6.25
N HIS A 3 -32.06 -4.57 6.30
CA HIS A 3 -32.34 -5.37 7.50
C HIS A 3 -31.18 -5.22 8.50
N HIS A 4 -29.97 -5.65 8.05
CA HIS A 4 -28.69 -5.48 8.78
C HIS A 4 -27.50 -6.01 7.96
N HIS A 5 -27.78 -6.93 6.99
CA HIS A 5 -26.76 -7.61 6.12
C HIS A 5 -25.94 -8.68 6.88
N HIS A 6 -25.17 -9.48 6.12
CA HIS A 6 -24.35 -10.57 6.67
C HIS A 6 -22.93 -10.05 6.98
N HIS A 7 -22.69 -9.64 8.25
CA HIS A 7 -21.40 -9.10 8.72
C HIS A 7 -20.67 -10.14 9.58
N HIS A 8 -19.50 -10.60 9.10
CA HIS A 8 -18.59 -11.52 9.83
C HIS A 8 -17.13 -11.07 9.61
N SER A 9 -16.95 -9.73 9.46
CA SER A 9 -15.64 -9.09 9.23
C SER A 9 -14.72 -9.30 10.45
N HIS A 10 -13.58 -9.94 10.22
CA HIS A 10 -12.63 -10.32 11.28
C HIS A 10 -11.29 -10.67 10.63
N MET A 11 -10.18 -10.37 11.36
CA MET A 11 -8.78 -10.66 10.94
C MET A 11 -8.33 -9.70 9.79
N GLY A 12 -7.01 -9.44 9.72
CA GLY A 12 -6.43 -8.58 8.67
C GLY A 12 -6.03 -7.21 9.21
N ASP A 13 -5.58 -7.19 10.49
CA ASP A 13 -5.09 -5.98 11.21
C ASP A 13 -6.24 -4.96 11.44
N GLY A 14 -5.94 -3.81 12.09
CA GLY A 14 -6.90 -2.73 12.27
C GLY A 14 -6.28 -1.58 13.04
N GLU A 15 -5.13 -1.09 12.55
CA GLU A 15 -4.37 0.02 13.17
C GLU A 15 -5.21 1.32 13.11
N GLY A 16 -5.67 1.79 14.27
CA GLY A 16 -6.55 2.94 14.38
C GLY A 16 -5.80 4.24 14.54
N ALA A 17 -5.15 4.69 13.44
CA ALA A 17 -4.41 5.96 13.40
C ALA A 17 -5.34 7.16 13.62
N GLY A 18 -4.89 8.13 14.42
CA GLY A 18 -5.64 9.36 14.71
C GLY A 18 -5.68 10.28 13.49
N VAL A 19 -6.55 9.94 12.53
CA VAL A 19 -6.72 10.70 11.28
C VAL A 19 -7.60 11.95 11.50
N LEU A 20 -7.49 12.89 10.54
CA LEU A 20 -8.15 14.19 10.61
C LEU A 20 -8.57 14.67 9.21
N GLY A 21 -9.18 15.86 9.15
CA GLY A 21 -9.60 16.47 7.88
C GLY A 21 -11.11 16.38 7.64
N LEU A 22 -11.86 16.04 8.70
CA LEU A 22 -13.35 15.96 8.70
C LEU A 22 -13.84 14.94 7.65
N SER A 23 -13.82 13.65 8.03
CA SER A 23 -14.18 12.54 7.15
C SER A 23 -15.68 12.20 7.26
N ALA A 24 -16.45 12.55 6.21
CA ALA A 24 -17.84 12.09 6.06
C ALA A 24 -17.86 10.61 5.61
N SER A 25 -19.07 10.00 5.57
CA SER A 25 -19.25 8.59 5.20
C SER A 25 -18.80 8.34 3.74
N ALA A 26 -17.50 7.99 3.58
CA ALA A 26 -16.90 7.71 2.27
C ALA A 26 -17.24 6.27 1.83
N GLU A 27 -17.28 6.06 0.51
CA GLU A 27 -17.60 4.76 -0.10
C GLU A 27 -16.82 4.64 -1.41
N CYS A 28 -15.53 4.25 -1.28
CA CYS A 28 -14.59 4.10 -2.40
C CYS A 28 -13.33 3.36 -1.93
N HIS A 29 -12.37 3.19 -2.87
CA HIS A 29 -11.06 2.59 -2.60
C HIS A 29 -10.11 3.64 -2.02
N LEU A 30 -9.32 3.25 -1.01
CA LEU A 30 -8.45 4.17 -0.25
C LEU A 30 -7.06 3.56 -0.10
N CYS A 31 -6.03 4.41 -0.21
CA CYS A 31 -4.64 4.10 0.18
C CYS A 31 -4.54 4.30 1.72
N PRO A 32 -4.60 3.20 2.55
CA PRO A 32 -4.75 3.31 4.05
C PRO A 32 -3.67 4.18 4.74
N VAL A 33 -2.53 4.38 4.07
CA VAL A 33 -1.38 5.12 4.62
C VAL A 33 -1.56 6.65 4.47
N CYS A 34 -2.34 7.09 3.46
CA CYS A 34 -2.62 8.52 3.21
C CYS A 34 -4.06 8.72 2.73
N GLY A 35 -4.81 9.65 3.39
CA GLY A 35 -6.20 9.93 3.01
C GLY A 35 -6.31 10.45 1.58
N GLU A 36 -6.89 9.60 0.70
CA GLU A 36 -6.96 9.85 -0.74
C GLU A 36 -7.99 8.88 -1.37
N SER A 37 -9.04 9.45 -1.98
CA SER A 37 -10.14 8.67 -2.58
C SER A 37 -9.73 8.13 -3.96
N PHE A 38 -10.19 6.91 -4.28
CA PHE A 38 -9.96 6.24 -5.58
C PHE A 38 -11.24 5.51 -6.00
N ALA A 39 -11.65 5.70 -7.26
CA ALA A 39 -12.75 4.93 -7.87
C ALA A 39 -12.20 3.57 -8.34
N SER A 40 -11.04 3.63 -9.02
CA SER A 40 -10.39 2.47 -9.65
C SER A 40 -9.56 1.65 -8.64
N LYS A 41 -9.35 0.35 -8.98
CA LYS A 41 -8.59 -0.60 -8.15
C LYS A 41 -7.10 -0.29 -8.21
N GLY A 42 -6.57 -0.25 -9.45
CA GLY A 42 -5.14 -0.05 -9.73
C GLY A 42 -4.60 1.26 -9.20
N ALA A 43 -5.48 2.27 -9.11
CA ALA A 43 -5.15 3.59 -8.55
C ALA A 43 -4.87 3.50 -7.04
N GLN A 44 -5.67 2.69 -6.33
CA GLN A 44 -5.46 2.37 -4.90
C GLN A 44 -4.15 1.59 -4.71
N GLU A 45 -4.01 0.51 -5.51
CA GLU A 45 -2.89 -0.44 -5.44
C GLU A 45 -1.54 0.25 -5.68
N ARG A 46 -1.49 1.18 -6.66
CA ARG A 46 -0.24 1.83 -7.08
C ARG A 46 0.23 2.85 -6.03
N HIS A 47 -0.73 3.47 -5.28
CA HIS A 47 -0.37 4.43 -4.21
C HIS A 47 0.28 3.71 -3.03
N LEU A 48 0.05 2.39 -2.92
CA LEU A 48 0.73 1.52 -1.94
C LEU A 48 2.05 0.97 -2.54
N ARG A 49 1.90 0.13 -3.58
CA ARG A 49 3.00 -0.66 -4.21
C ARG A 49 4.19 0.24 -4.61
N LEU A 50 3.88 1.40 -5.21
CA LEU A 50 4.90 2.36 -5.64
C LEU A 50 5.31 3.26 -4.47
N LEU A 51 4.39 4.15 -4.06
CA LEU A 51 4.69 5.25 -3.12
C LEU A 51 4.72 4.78 -1.66
N HIS A 52 3.54 4.42 -1.14
CA HIS A 52 3.30 4.11 0.29
C HIS A 52 3.49 2.61 0.56
N ALA A 53 4.74 2.16 0.32
CA ALA A 53 5.15 0.75 0.43
C ALA A 53 5.83 0.44 1.77
N ALA A 54 5.93 1.45 2.65
CA ALA A 54 6.55 1.30 3.99
C ALA A 54 5.61 0.58 4.97
N GLN A 55 4.29 0.58 4.68
CA GLN A 55 3.27 -0.02 5.56
C GLN A 55 2.66 -1.30 4.94
N VAL A 56 2.96 -1.56 3.65
CA VAL A 56 2.52 -2.78 2.95
C VAL A 56 3.73 -3.67 2.65
N PHE A 57 3.47 -4.97 2.50
CA PHE A 57 4.49 -6.03 2.37
C PHE A 57 4.12 -6.96 1.19
N PRO A 58 4.48 -6.60 -0.08
CA PRO A 58 4.25 -7.47 -1.25
C PRO A 58 5.23 -8.66 -1.26
N CYS A 59 4.68 -9.89 -1.13
CA CYS A 59 5.43 -11.15 -1.28
C CYS A 59 6.04 -11.19 -2.68
N LYS A 60 7.35 -10.88 -2.73
CA LYS A 60 8.09 -10.27 -3.87
C LYS A 60 7.70 -10.76 -5.27
N TYR A 61 7.69 -12.09 -5.44
CA TYR A 61 7.67 -12.73 -6.78
C TYR A 61 6.22 -12.83 -7.32
N CYS A 62 5.23 -12.54 -6.47
CA CYS A 62 3.79 -12.67 -6.78
C CYS A 62 3.06 -11.37 -6.35
N PRO A 63 1.81 -11.08 -6.87
CA PRO A 63 1.07 -9.82 -6.52
C PRO A 63 0.39 -9.86 -5.12
N ALA A 64 0.55 -10.99 -4.40
CA ALA A 64 0.00 -11.19 -3.04
C ALA A 64 0.66 -10.21 -2.04
N THR A 65 -0.03 -9.10 -1.76
CA THR A 65 0.44 -8.05 -0.85
C THR A 65 -0.30 -8.16 0.51
N PHE A 66 0.46 -7.97 1.60
CA PHE A 66 -0.03 -8.14 2.98
C PHE A 66 0.24 -6.86 3.79
N TYR A 67 -0.61 -6.55 4.78
CA TYR A 67 -0.41 -5.39 5.69
C TYR A 67 0.38 -5.80 6.95
N SER A 68 1.07 -6.96 6.86
CA SER A 68 1.82 -7.54 7.98
C SER A 68 3.05 -8.30 7.45
N SER A 69 4.20 -8.10 8.12
CA SER A 69 5.45 -8.82 7.80
C SER A 69 5.37 -10.34 8.12
N PRO A 70 4.64 -10.82 9.23
CA PRO A 70 4.25 -12.25 9.38
C PRO A 70 3.57 -12.79 8.12
N GLY A 71 2.51 -12.08 7.66
CA GLY A 71 1.72 -12.49 6.46
C GLY A 71 2.54 -12.54 5.18
N LEU A 72 3.50 -11.62 5.06
CA LEU A 72 4.50 -11.55 3.98
C LEU A 72 5.25 -12.89 3.83
N THR A 73 5.85 -13.32 4.96
CA THR A 73 6.67 -14.53 5.04
C THR A 73 5.79 -15.80 5.01
N ARG A 74 4.52 -15.65 5.43
CA ARG A 74 3.54 -16.75 5.44
C ARG A 74 3.29 -17.27 4.02
N HIS A 75 3.24 -16.38 3.00
CA HIS A 75 3.01 -16.81 1.62
C HIS A 75 4.20 -17.66 1.14
N ILE A 76 5.41 -17.24 1.55
CA ILE A 76 6.68 -17.89 1.20
C ILE A 76 6.70 -19.36 1.66
N ASN A 77 6.62 -19.56 3.00
CA ASN A 77 6.75 -20.87 3.64
C ASN A 77 5.57 -21.82 3.32
N LYS A 78 4.37 -21.25 3.13
CA LYS A 78 3.12 -22.01 2.96
C LYS A 78 2.84 -22.36 1.49
N CYS A 79 2.71 -21.31 0.62
CA CYS A 79 2.18 -21.47 -0.76
C CYS A 79 2.92 -20.56 -1.78
N HIS A 80 4.25 -20.50 -1.66
CA HIS A 80 5.11 -19.88 -2.69
C HIS A 80 6.38 -20.76 -2.86
N PRO A 81 6.26 -21.95 -3.55
CA PRO A 81 7.38 -22.88 -3.75
C PRO A 81 8.18 -22.65 -5.08
N SER A 82 8.07 -21.44 -5.67
CA SER A 82 8.78 -21.09 -6.92
C SER A 82 10.14 -20.39 -6.67
N GLU A 83 10.46 -20.16 -5.37
CA GLU A 83 11.69 -19.42 -4.97
C GLU A 83 12.73 -20.37 -4.32
N ASN A 84 12.65 -21.67 -4.66
CA ASN A 84 13.61 -22.70 -4.19
C ASN A 84 14.97 -22.51 -4.86
N ARG A 85 14.94 -22.29 -6.17
CA ARG A 85 16.14 -22.04 -7.00
C ARG A 85 15.95 -20.70 -7.76
N MET A 1 -31.64 73.14 6.36
CA MET A 1 -30.70 73.58 5.31
C MET A 1 -29.50 74.34 5.92
N GLY A 2 -28.51 74.67 5.09
CA GLY A 2 -27.26 75.24 5.55
C GLY A 2 -26.36 74.18 6.17
N HIS A 3 -26.29 74.17 7.53
CA HIS A 3 -25.54 73.16 8.34
C HIS A 3 -24.00 73.28 8.16
N HIS A 4 -23.25 73.04 9.25
CA HIS A 4 -21.78 73.09 9.25
C HIS A 4 -21.20 71.92 8.43
N HIS A 5 -20.74 72.25 7.21
CA HIS A 5 -20.04 71.30 6.31
C HIS A 5 -18.60 71.13 6.83
N HIS A 6 -18.41 70.15 7.73
CA HIS A 6 -17.09 69.84 8.31
C HIS A 6 -16.99 68.34 8.62
N HIS A 7 -16.14 67.65 7.84
CA HIS A 7 -15.83 66.23 8.00
C HIS A 7 -14.44 66.05 8.65
N HIS A 8 -14.33 65.06 9.55
CA HIS A 8 -13.06 64.66 10.18
C HIS A 8 -12.49 63.42 9.49
N SER A 9 -11.19 63.13 9.70
CA SER A 9 -10.56 61.91 9.17
C SER A 9 -10.71 60.76 10.17
N HIS A 10 -10.85 59.53 9.64
CA HIS A 10 -11.00 58.30 10.45
C HIS A 10 -10.75 57.06 9.59
N MET A 11 -9.72 56.27 9.94
CA MET A 11 -9.46 54.96 9.31
C MET A 11 -10.26 53.85 10.03
N GLY A 12 -10.55 52.77 9.30
CA GLY A 12 -11.33 51.66 9.83
C GLY A 12 -11.59 50.61 8.77
N ASP A 13 -10.58 49.74 8.54
CA ASP A 13 -10.62 48.71 7.49
C ASP A 13 -10.62 47.31 8.13
N GLY A 14 -11.42 46.39 7.56
CA GLY A 14 -11.53 45.02 8.04
C GLY A 14 -11.11 43.99 6.98
N GLU A 15 -9.98 43.31 7.23
CA GLU A 15 -9.44 42.26 6.34
C GLU A 15 -10.08 40.90 6.69
N GLY A 16 -10.68 40.24 5.69
CA GLY A 16 -11.38 38.97 5.91
C GLY A 16 -10.52 37.74 5.65
N ALA A 17 -10.87 36.62 6.31
CA ALA A 17 -10.20 35.32 6.16
C ALA A 17 -11.19 34.19 6.49
N GLY A 18 -11.80 33.62 5.44
CA GLY A 18 -12.78 32.54 5.59
C GLY A 18 -12.12 31.16 5.56
N VAL A 19 -12.81 30.14 6.11
CA VAL A 19 -12.32 28.75 6.18
C VAL A 19 -12.57 28.00 4.85
N LEU A 20 -11.94 26.83 4.71
CA LEU A 20 -12.14 25.89 3.58
C LEU A 20 -12.75 24.57 4.10
N GLY A 21 -12.98 23.63 3.17
CA GLY A 21 -13.51 22.31 3.49
C GLY A 21 -14.92 22.11 2.95
N LEU A 22 -15.11 21.06 2.13
CA LEU A 22 -16.42 20.70 1.57
C LEU A 22 -17.18 19.71 2.48
N SER A 23 -18.39 19.33 2.06
CA SER A 23 -19.28 18.40 2.79
C SER A 23 -19.97 17.45 1.80
N ALA A 24 -20.39 16.26 2.29
CA ALA A 24 -21.10 15.22 1.51
C ALA A 24 -20.20 14.63 0.39
N SER A 25 -19.52 13.53 0.70
CA SER A 25 -18.64 12.80 -0.25
C SER A 25 -19.10 11.33 -0.38
N ALA A 26 -18.59 10.62 -1.40
CA ALA A 26 -18.96 9.21 -1.68
C ALA A 26 -17.97 8.23 -1.03
N GLU A 27 -18.32 6.93 -1.12
CA GLU A 27 -17.50 5.83 -0.60
C GLU A 27 -16.51 5.33 -1.68
N CYS A 28 -15.23 5.69 -1.52
CA CYS A 28 -14.13 5.24 -2.39
C CYS A 28 -13.09 4.48 -1.55
N HIS A 29 -12.18 3.78 -2.23
CA HIS A 29 -11.04 3.10 -1.59
C HIS A 29 -9.81 4.04 -1.64
N LEU A 30 -9.34 4.46 -0.46
CA LEU A 30 -8.23 5.43 -0.34
C LEU A 30 -6.94 4.70 0.03
N CYS A 31 -5.81 5.08 -0.62
CA CYS A 31 -4.46 4.58 -0.29
C CYS A 31 -4.17 4.86 1.20
N PRO A 32 -4.14 3.81 2.09
CA PRO A 32 -4.16 3.97 3.59
C PRO A 32 -3.04 4.85 4.22
N VAL A 33 -2.09 5.35 3.40
CA VAL A 33 -0.97 6.19 3.90
C VAL A 33 -1.09 7.66 3.39
N CYS A 34 -1.96 7.89 2.40
CA CYS A 34 -2.33 9.26 1.94
C CYS A 34 -3.81 9.29 1.55
N GLY A 35 -4.57 10.25 2.14
CA GLY A 35 -5.96 10.47 1.75
C GLY A 35 -6.04 10.82 0.27
N GLU A 36 -6.59 9.89 -0.50
CA GLU A 36 -6.48 9.86 -1.97
C GLU A 36 -7.44 8.78 -2.50
N SER A 37 -8.62 9.21 -2.92
CA SER A 37 -9.75 8.32 -3.27
C SER A 37 -9.56 7.64 -4.64
N PHE A 38 -9.86 6.34 -4.70
CA PHE A 38 -9.86 5.53 -5.93
C PHE A 38 -11.16 4.72 -6.03
N ALA A 39 -11.63 4.46 -7.26
CA ALA A 39 -12.83 3.63 -7.52
C ALA A 39 -12.51 2.15 -7.30
N SER A 40 -11.24 1.77 -7.55
CA SER A 40 -10.77 0.38 -7.46
C SER A 40 -9.69 0.24 -6.37
N LYS A 41 -9.54 -0.99 -5.85
CA LYS A 41 -8.45 -1.31 -4.92
C LYS A 41 -7.12 -1.51 -5.69
N GLY A 42 -7.21 -1.82 -7.00
CA GLY A 42 -6.03 -1.97 -7.85
C GLY A 42 -5.21 -0.68 -7.96
N ALA A 43 -5.94 0.45 -8.10
CA ALA A 43 -5.35 1.79 -8.17
C ALA A 43 -4.90 2.27 -6.77
N GLN A 44 -5.45 1.63 -5.72
CA GLN A 44 -5.07 1.90 -4.32
C GLN A 44 -3.74 1.23 -3.95
N GLU A 45 -3.64 -0.08 -4.25
CA GLU A 45 -2.48 -0.91 -3.86
C GLU A 45 -1.22 -0.53 -4.63
N ARG A 46 -1.38 0.09 -5.82
CA ARG A 46 -0.23 0.53 -6.64
C ARG A 46 0.50 1.70 -5.98
N HIS A 47 -0.27 2.65 -5.36
CA HIS A 47 0.33 3.84 -4.70
C HIS A 47 1.13 3.40 -3.47
N LEU A 48 0.73 2.25 -2.94
CA LEU A 48 1.40 1.61 -1.82
C LEU A 48 2.72 0.95 -2.29
N ARG A 49 2.64 -0.08 -3.16
CA ARG A 49 3.83 -0.88 -3.56
C ARG A 49 4.90 -0.04 -4.30
N LEU A 50 4.52 1.14 -4.83
CA LEU A 50 5.48 2.10 -5.40
C LEU A 50 6.18 2.92 -4.28
N LEU A 51 5.44 3.91 -3.69
CA LEU A 51 6.02 4.85 -2.69
C LEU A 51 5.63 4.45 -1.26
N HIS A 52 4.33 4.27 -1.03
CA HIS A 52 3.73 4.11 0.31
C HIS A 52 3.73 2.65 0.79
N ALA A 53 4.91 2.01 0.64
CA ALA A 53 5.11 0.57 0.88
C ALA A 53 5.55 0.26 2.32
N ALA A 54 5.60 1.29 3.18
CA ALA A 54 6.01 1.11 4.59
C ALA A 54 4.92 0.37 5.40
N GLN A 55 3.64 0.65 5.07
CA GLN A 55 2.48 -0.01 5.71
C GLN A 55 2.19 -1.38 5.11
N VAL A 56 2.52 -1.57 3.82
CA VAL A 56 2.21 -2.82 3.10
C VAL A 56 3.44 -3.71 2.93
N PHE A 57 3.18 -5.01 2.70
CA PHE A 57 4.20 -6.06 2.67
C PHE A 57 3.99 -6.96 1.42
N PRO A 58 4.55 -6.56 0.23
CA PRO A 58 4.43 -7.36 -1.01
C PRO A 58 5.34 -8.60 -1.01
N CYS A 59 4.73 -9.80 -1.06
CA CYS A 59 5.48 -11.03 -1.39
C CYS A 59 5.91 -10.91 -2.86
N LYS A 60 7.18 -10.50 -3.06
CA LYS A 60 7.63 -9.75 -4.27
C LYS A 60 7.48 -10.53 -5.58
N TYR A 61 7.51 -11.86 -5.48
CA TYR A 61 7.48 -12.77 -6.64
C TYR A 61 6.12 -12.70 -7.36
N CYS A 62 5.09 -12.28 -6.61
CA CYS A 62 3.73 -12.06 -7.13
C CYS A 62 3.31 -10.61 -6.80
N PRO A 63 2.64 -9.86 -7.75
CA PRO A 63 2.06 -8.53 -7.43
C PRO A 63 0.84 -8.65 -6.47
N ALA A 64 1.16 -8.87 -5.18
CA ALA A 64 0.16 -9.09 -4.11
C ALA A 64 0.68 -8.50 -2.79
N THR A 65 0.08 -7.38 -2.37
CA THR A 65 0.47 -6.66 -1.15
C THR A 65 -0.38 -7.11 0.07
N PHE A 66 0.31 -7.22 1.21
CA PHE A 66 -0.30 -7.54 2.51
C PHE A 66 -0.23 -6.29 3.41
N TYR A 67 -0.95 -6.32 4.54
CA TYR A 67 -0.90 -5.20 5.53
C TYR A 67 -0.32 -5.73 6.87
N SER A 68 0.14 -6.99 6.86
CA SER A 68 0.74 -7.66 8.03
C SER A 68 2.05 -8.37 7.63
N SER A 69 3.07 -8.27 8.52
CA SER A 69 4.37 -8.93 8.34
C SER A 69 4.25 -10.50 8.30
N PRO A 70 3.37 -11.17 9.16
CA PRO A 70 3.09 -12.63 9.03
C PRO A 70 2.55 -12.99 7.63
N GLY A 71 1.59 -12.19 7.10
CA GLY A 71 0.98 -12.44 5.79
C GLY A 71 1.98 -12.45 4.64
N LEU A 72 2.96 -11.55 4.73
CA LEU A 72 4.14 -11.49 3.82
C LEU A 72 4.87 -12.83 3.80
N THR A 73 5.28 -13.29 5.00
CA THR A 73 6.07 -14.50 5.18
C THR A 73 5.24 -15.77 4.85
N ARG A 74 3.89 -15.68 4.97
CA ARG A 74 2.97 -16.80 4.70
C ARG A 74 2.87 -17.09 3.19
N HIS A 75 2.85 -16.03 2.34
CA HIS A 75 2.76 -16.23 0.88
C HIS A 75 4.08 -16.76 0.34
N ILE A 76 5.18 -16.53 1.08
CA ILE A 76 6.46 -17.14 0.74
C ILE A 76 6.42 -18.61 1.20
N ASN A 77 6.37 -18.83 2.53
CA ASN A 77 6.45 -20.17 3.17
C ASN A 77 5.56 -21.23 2.48
N LYS A 78 4.34 -20.82 2.10
CA LYS A 78 3.37 -21.69 1.45
C LYS A 78 3.45 -21.61 -0.09
N CYS A 79 3.24 -20.40 -0.65
CA CYS A 79 2.88 -20.24 -2.08
C CYS A 79 4.08 -19.80 -2.97
N HIS A 80 5.15 -19.31 -2.34
CA HIS A 80 6.39 -18.85 -3.02
C HIS A 80 7.61 -19.29 -2.18
N PRO A 81 7.72 -20.62 -1.85
CA PRO A 81 8.55 -21.13 -0.72
C PRO A 81 10.05 -21.14 -1.02
N SER A 82 10.67 -19.97 -0.74
CA SER A 82 12.11 -19.72 -0.92
C SER A 82 12.56 -20.07 -2.35
N GLU A 83 12.36 -19.09 -3.26
CA GLU A 83 12.60 -19.24 -4.70
C GLU A 83 14.09 -19.42 -5.05
N ASN A 84 14.96 -19.38 -4.02
CA ASN A 84 16.40 -19.66 -4.14
C ASN A 84 16.64 -21.17 -3.90
N ARG A 85 16.44 -21.98 -4.97
CA ARG A 85 16.65 -23.45 -4.97
C ARG A 85 15.66 -24.16 -3.99
N MET A 1 -40.32 -27.09 -13.42
CA MET A 1 -38.86 -26.96 -13.19
C MET A 1 -38.48 -25.46 -13.17
N GLY A 2 -37.24 -25.20 -12.74
CA GLY A 2 -36.70 -23.83 -12.66
C GLY A 2 -35.25 -23.78 -12.24
N HIS A 3 -34.64 -22.58 -12.34
CA HIS A 3 -33.21 -22.35 -12.01
C HIS A 3 -33.09 -21.11 -11.10
N HIS A 4 -32.40 -21.27 -9.95
CA HIS A 4 -32.16 -20.17 -8.99
C HIS A 4 -30.69 -20.21 -8.54
N HIS A 5 -29.91 -19.15 -8.85
CA HIS A 5 -28.49 -19.06 -8.49
C HIS A 5 -28.33 -18.54 -7.04
N HIS A 6 -27.42 -19.18 -6.29
CA HIS A 6 -26.99 -18.73 -4.96
C HIS A 6 -25.55 -18.20 -5.08
N HIS A 7 -25.44 -17.00 -5.69
CA HIS A 7 -24.15 -16.38 -6.04
C HIS A 7 -24.09 -14.97 -5.43
N HIS A 8 -23.03 -14.72 -4.62
CA HIS A 8 -22.91 -13.54 -3.73
C HIS A 8 -24.02 -13.57 -2.66
N SER A 9 -23.68 -14.15 -1.49
CA SER A 9 -24.60 -14.29 -0.35
C SER A 9 -24.59 -13.05 0.54
N HIS A 10 -25.65 -12.89 1.34
CA HIS A 10 -25.74 -11.84 2.37
C HIS A 10 -24.86 -12.22 3.58
N MET A 11 -23.55 -11.95 3.44
CA MET A 11 -22.53 -12.22 4.47
C MET A 11 -21.40 -11.17 4.31
N GLY A 12 -21.75 -9.93 4.65
CA GLY A 12 -20.86 -8.79 4.48
C GLY A 12 -20.82 -7.90 5.71
N ASP A 13 -19.61 -7.67 6.22
CA ASP A 13 -19.36 -6.80 7.38
C ASP A 13 -17.95 -6.20 7.23
N GLY A 14 -17.87 -4.86 7.15
CA GLY A 14 -16.58 -4.17 7.04
C GLY A 14 -15.88 -4.04 8.40
N GLU A 15 -15.36 -5.17 8.91
CA GLU A 15 -14.66 -5.23 10.21
C GLU A 15 -13.26 -4.61 10.08
N GLY A 16 -12.82 -3.91 11.15
CA GLY A 16 -11.51 -3.29 11.22
C GLY A 16 -11.55 -2.03 12.06
N ALA A 17 -10.74 -1.04 11.67
CA ALA A 17 -10.67 0.29 12.31
C ALA A 17 -9.82 1.22 11.44
N GLY A 18 -10.17 2.52 11.43
CA GLY A 18 -9.47 3.55 10.65
C GLY A 18 -8.87 4.61 11.54
N VAL A 19 -8.09 5.51 10.94
CA VAL A 19 -7.54 6.70 11.63
C VAL A 19 -8.61 7.80 11.74
N LEU A 20 -8.22 8.97 12.27
CA LEU A 20 -9.11 10.14 12.37
C LEU A 20 -9.41 10.64 10.94
N GLY A 21 -10.66 10.46 10.51
CA GLY A 21 -11.09 10.85 9.16
C GLY A 21 -11.23 12.36 9.00
N LEU A 22 -10.07 13.02 8.85
CA LEU A 22 -9.99 14.46 8.57
C LEU A 22 -10.54 14.71 7.15
N SER A 23 -10.07 13.88 6.21
CA SER A 23 -10.55 13.85 4.82
C SER A 23 -11.74 12.86 4.70
N ALA A 24 -12.95 13.34 5.08
CA ALA A 24 -14.20 12.57 4.91
C ALA A 24 -14.60 12.48 3.42
N SER A 25 -14.08 13.42 2.61
CA SER A 25 -14.22 13.41 1.15
C SER A 25 -13.49 12.18 0.56
N ALA A 26 -14.27 11.11 0.30
CA ALA A 26 -13.75 9.84 -0.23
C ALA A 26 -14.71 9.24 -1.26
N GLU A 27 -14.28 8.11 -1.87
CA GLU A 27 -15.07 7.38 -2.86
C GLU A 27 -15.30 5.93 -2.38
N CYS A 28 -14.27 5.07 -2.51
CA CYS A 28 -14.34 3.65 -2.09
C CYS A 28 -12.95 3.17 -1.64
N HIS A 29 -12.05 3.04 -2.62
CA HIS A 29 -10.68 2.53 -2.38
C HIS A 29 -9.80 3.68 -1.89
N LEU A 30 -9.32 3.56 -0.67
CA LEU A 30 -8.40 4.54 -0.07
C LEU A 30 -7.08 3.84 0.24
N CYS A 31 -5.96 4.41 -0.23
CA CYS A 31 -4.59 3.94 0.08
C CYS A 31 -4.40 3.91 1.62
N PRO A 32 -4.35 2.69 2.29
CA PRO A 32 -4.28 2.55 3.78
C PRO A 32 -3.24 3.47 4.51
N VAL A 33 -2.17 3.85 3.79
CA VAL A 33 -1.08 4.68 4.36
C VAL A 33 -1.42 6.20 4.29
N CYS A 34 -2.34 6.59 3.40
CA CYS A 34 -2.86 7.99 3.31
C CYS A 34 -4.29 7.97 2.75
N GLY A 35 -5.29 8.46 3.54
CA GLY A 35 -6.68 8.53 3.08
C GLY A 35 -6.80 9.37 1.80
N GLU A 36 -7.09 8.68 0.67
CA GLU A 36 -6.97 9.26 -0.67
C GLU A 36 -7.94 8.55 -1.62
N SER A 37 -8.84 9.34 -2.22
CA SER A 37 -9.97 8.82 -3.00
C SER A 37 -9.51 8.11 -4.29
N PHE A 38 -9.90 6.84 -4.44
CA PHE A 38 -9.72 6.05 -5.68
C PHE A 38 -11.01 5.27 -5.96
N ALA A 39 -11.44 5.26 -7.23
CA ALA A 39 -12.58 4.45 -7.70
C ALA A 39 -12.11 3.03 -8.06
N SER A 40 -10.85 2.91 -8.50
CA SER A 40 -10.24 1.64 -8.97
C SER A 40 -9.37 0.99 -7.88
N LYS A 41 -9.27 -0.35 -7.95
CA LYS A 41 -8.47 -1.17 -7.01
C LYS A 41 -6.97 -0.93 -7.23
N GLY A 42 -6.54 -1.04 -8.50
CA GLY A 42 -5.15 -0.83 -8.89
C GLY A 42 -4.68 0.61 -8.70
N ALA A 43 -5.64 1.56 -8.62
CA ALA A 43 -5.35 2.98 -8.34
C ALA A 43 -4.96 3.16 -6.86
N GLN A 44 -5.58 2.37 -5.98
CA GLN A 44 -5.21 2.28 -4.56
C GLN A 44 -3.80 1.66 -4.43
N GLU A 45 -3.62 0.53 -5.15
CA GLU A 45 -2.41 -0.29 -5.08
C GLU A 45 -1.18 0.42 -5.67
N ARG A 46 -1.38 1.35 -6.65
CA ARG A 46 -0.25 2.07 -7.29
C ARG A 46 0.39 3.05 -6.30
N HIS A 47 -0.43 3.63 -5.38
CA HIS A 47 0.10 4.51 -4.32
C HIS A 47 0.91 3.68 -3.32
N LEU A 48 0.40 2.47 -3.03
CA LEU A 48 1.01 1.54 -2.07
C LEU A 48 2.32 0.95 -2.59
N ARG A 49 2.37 0.65 -3.88
CA ARG A 49 3.49 -0.08 -4.50
C ARG A 49 4.65 0.89 -4.83
N LEU A 50 4.29 2.11 -5.29
CA LEU A 50 5.26 3.10 -5.80
C LEU A 50 5.58 4.17 -4.73
N LEU A 51 4.54 4.88 -4.26
CA LEU A 51 4.68 6.14 -3.48
C LEU A 51 4.53 5.93 -1.95
N HIS A 52 4.14 4.72 -1.53
CA HIS A 52 3.86 4.40 -0.11
C HIS A 52 4.21 2.94 0.22
N ALA A 53 5.31 2.47 -0.41
CA ALA A 53 5.91 1.17 -0.12
C ALA A 53 6.71 1.26 1.20
N ALA A 54 6.00 1.06 2.33
CA ALA A 54 6.58 1.18 3.69
C ALA A 54 5.74 0.34 4.68
N GLN A 55 4.44 0.64 4.73
CA GLN A 55 3.47 -0.06 5.61
C GLN A 55 2.85 -1.27 4.91
N VAL A 56 3.24 -1.48 3.64
CA VAL A 56 2.73 -2.58 2.80
C VAL A 56 3.83 -3.63 2.60
N PHE A 57 3.41 -4.90 2.52
CA PHE A 57 4.30 -6.06 2.49
C PHE A 57 3.88 -7.04 1.36
N PRO A 58 4.28 -6.79 0.07
CA PRO A 58 3.98 -7.70 -1.06
C PRO A 58 4.91 -8.93 -1.07
N CYS A 59 4.34 -10.13 -0.89
CA CYS A 59 5.08 -11.41 -0.97
C CYS A 59 5.75 -11.53 -2.36
N LYS A 60 7.09 -11.42 -2.33
CA LYS A 60 7.99 -11.07 -3.48
C LYS A 60 7.56 -11.55 -4.89
N TYR A 61 7.15 -12.82 -5.04
CA TYR A 61 6.90 -13.42 -6.37
C TYR A 61 5.48 -13.13 -6.92
N CYS A 62 4.61 -12.54 -6.09
CA CYS A 62 3.22 -12.23 -6.47
C CYS A 62 2.85 -10.78 -6.05
N PRO A 63 1.88 -10.11 -6.75
CA PRO A 63 1.37 -8.76 -6.36
C PRO A 63 0.40 -8.81 -5.13
N ALA A 64 0.29 -10.00 -4.49
CA ALA A 64 -0.43 -10.18 -3.22
C ALA A 64 0.21 -9.32 -2.12
N THR A 65 -0.33 -8.10 -1.95
CA THR A 65 0.19 -7.13 -1.01
C THR A 65 -0.54 -7.26 0.34
N PHE A 66 0.22 -7.67 1.35
CA PHE A 66 -0.25 -7.81 2.73
C PHE A 66 0.00 -6.48 3.46
N TYR A 67 -0.60 -6.34 4.64
CA TYR A 67 -0.40 -5.17 5.53
C TYR A 67 0.11 -5.68 6.89
N SER A 68 0.77 -6.86 6.84
CA SER A 68 1.35 -7.52 8.02
C SER A 68 2.66 -8.22 7.58
N SER A 69 3.73 -8.07 8.40
CA SER A 69 5.02 -8.73 8.19
C SER A 69 4.90 -10.28 8.32
N PRO A 70 4.11 -10.86 9.33
CA PRO A 70 3.75 -12.31 9.33
C PRO A 70 3.14 -12.75 7.98
N GLY A 71 2.10 -12.01 7.51
CA GLY A 71 1.36 -12.34 6.28
C GLY A 71 2.24 -12.37 5.03
N LEU A 72 3.22 -11.47 5.01
CA LEU A 72 4.27 -11.39 3.97
C LEU A 72 5.01 -12.75 3.84
N THR A 73 5.56 -13.20 4.98
CA THR A 73 6.35 -14.44 5.08
C THR A 73 5.43 -15.69 4.99
N ARG A 74 4.12 -15.51 5.31
CA ARG A 74 3.13 -16.59 5.25
C ARG A 74 2.96 -17.10 3.82
N HIS A 75 2.72 -16.20 2.84
CA HIS A 75 2.48 -16.63 1.42
C HIS A 75 3.74 -17.26 0.83
N ILE A 76 4.89 -16.91 1.42
CA ILE A 76 6.19 -17.50 1.09
C ILE A 76 6.27 -18.96 1.59
N ASN A 77 6.07 -19.16 2.90
CA ASN A 77 6.17 -20.49 3.54
C ASN A 77 4.98 -21.40 3.13
N LYS A 78 3.92 -20.79 2.59
CA LYS A 78 2.70 -21.48 2.15
C LYS A 78 2.83 -21.88 0.68
N CYS A 79 3.20 -20.92 -0.19
CA CYS A 79 3.00 -21.05 -1.65
C CYS A 79 4.09 -20.36 -2.50
N HIS A 80 5.15 -19.79 -1.87
CA HIS A 80 6.22 -19.07 -2.62
C HIS A 80 7.62 -19.25 -1.97
N PRO A 81 8.23 -20.47 -2.12
CA PRO A 81 9.56 -20.79 -1.55
C PRO A 81 10.69 -20.41 -2.55
N SER A 82 11.83 -21.15 -2.51
CA SER A 82 12.95 -20.98 -3.46
C SER A 82 13.68 -19.63 -3.25
N GLU A 83 13.51 -19.06 -2.06
CA GLU A 83 14.11 -17.79 -1.66
C GLU A 83 14.91 -17.96 -0.35
N ASN A 84 15.61 -16.90 0.07
CA ASN A 84 16.38 -16.89 1.33
C ASN A 84 15.45 -16.55 2.49
N ARG A 85 14.85 -15.34 2.39
CA ARG A 85 13.87 -14.82 3.35
C ARG A 85 13.11 -13.66 2.68
N MET A 1 58.49 -5.03 -0.49
CA MET A 1 58.27 -4.15 -1.66
C MET A 1 56.76 -4.10 -2.01
N GLY A 2 56.41 -3.12 -2.87
CA GLY A 2 55.02 -2.95 -3.30
C GLY A 2 54.14 -2.36 -2.21
N HIS A 3 54.53 -1.18 -1.71
CA HIS A 3 53.79 -0.46 -0.65
C HIS A 3 52.45 0.08 -1.22
N HIS A 4 51.40 -0.75 -1.14
CA HIS A 4 50.07 -0.44 -1.69
C HIS A 4 49.10 -0.06 -0.55
N HIS A 5 48.83 1.26 -0.42
CA HIS A 5 47.91 1.82 0.58
C HIS A 5 47.15 3.00 -0.01
N HIS A 6 45.85 2.80 -0.26
CA HIS A 6 44.92 3.83 -0.77
C HIS A 6 43.76 3.93 0.24
N HIS A 7 43.87 4.91 1.17
CA HIS A 7 42.86 5.13 2.22
C HIS A 7 42.01 6.35 1.85
N HIS A 8 40.80 6.08 1.33
CA HIS A 8 39.85 7.11 0.86
C HIS A 8 38.46 6.84 1.44
N SER A 9 37.86 7.86 2.07
CA SER A 9 36.53 7.77 2.71
C SER A 9 35.41 8.02 1.69
N HIS A 10 34.16 8.11 2.16
CA HIS A 10 32.99 8.43 1.32
C HIS A 10 32.02 9.30 2.13
N MET A 11 31.35 10.25 1.44
CA MET A 11 30.43 11.22 2.06
C MET A 11 29.05 11.13 1.39
N GLY A 12 28.00 10.93 2.19
CA GLY A 12 26.63 10.84 1.70
C GLY A 12 25.62 11.36 2.71
N ASP A 13 24.51 11.91 2.20
CA ASP A 13 23.44 12.51 3.03
C ASP A 13 22.08 12.34 2.32
N GLY A 14 21.03 12.94 2.88
CA GLY A 14 19.70 12.93 2.29
C GLY A 14 18.67 13.59 3.18
N GLU A 15 17.83 14.45 2.59
CA GLU A 15 16.69 15.10 3.27
C GLU A 15 15.44 14.22 3.16
N GLY A 16 14.46 14.49 4.03
CA GLY A 16 13.16 13.82 4.02
C GLY A 16 12.00 14.81 3.92
N ALA A 17 10.81 14.31 3.58
CA ALA A 17 9.60 15.13 3.42
C ALA A 17 8.34 14.32 3.75
N GLY A 18 7.35 14.98 4.37
CA GLY A 18 6.09 14.34 4.74
C GLY A 18 5.02 15.39 5.07
N VAL A 19 3.92 15.39 4.29
CA VAL A 19 2.73 16.25 4.53
C VAL A 19 1.50 15.36 4.75
N LEU A 20 0.48 15.91 5.44
CA LEU A 20 -0.76 15.18 5.77
C LEU A 20 -1.67 15.13 4.51
N GLY A 21 -2.23 13.94 4.26
CA GLY A 21 -3.10 13.71 3.09
C GLY A 21 -4.56 14.01 3.40
N LEU A 22 -4.99 15.25 3.13
CA LEU A 22 -6.40 15.67 3.31
C LEU A 22 -7.24 15.19 2.11
N SER A 23 -8.29 14.39 2.38
CA SER A 23 -9.26 13.97 1.37
C SER A 23 -10.63 14.53 1.76
N ALA A 24 -10.98 15.69 1.15
CA ALA A 24 -12.30 16.32 1.33
C ALA A 24 -13.40 15.41 0.78
N SER A 25 -13.10 14.75 -0.35
CA SER A 25 -13.99 13.76 -0.98
C SER A 25 -13.87 12.41 -0.26
N ALA A 26 -14.63 12.25 0.84
CA ALA A 26 -14.71 11.00 1.60
C ALA A 26 -15.71 10.05 0.92
N GLU A 27 -15.19 9.24 -0.02
CA GLU A 27 -15.98 8.31 -0.83
C GLU A 27 -15.05 7.25 -1.44
N CYS A 28 -15.51 5.98 -1.46
CA CYS A 28 -14.81 4.83 -2.10
C CYS A 28 -13.57 4.40 -1.28
N HIS A 29 -12.87 3.34 -1.73
CA HIS A 29 -11.70 2.78 -1.01
C HIS A 29 -10.49 3.73 -1.14
N LEU A 30 -10.01 4.21 0.01
CA LEU A 30 -8.93 5.21 0.10
C LEU A 30 -7.61 4.50 0.44
N CYS A 31 -6.48 5.02 -0.11
CA CYS A 31 -5.12 4.50 0.19
C CYS A 31 -4.88 4.54 1.73
N PRO A 32 -5.00 3.38 2.46
CA PRO A 32 -5.24 3.34 3.93
C PRO A 32 -4.15 3.98 4.84
N VAL A 33 -3.05 4.50 4.26
CA VAL A 33 -1.99 5.20 5.03
C VAL A 33 -2.10 6.75 4.83
N CYS A 34 -2.56 7.20 3.63
CA CYS A 34 -2.79 8.66 3.34
C CYS A 34 -4.22 8.88 2.87
N GLY A 35 -4.92 9.87 3.46
CA GLY A 35 -6.28 10.23 3.02
C GLY A 35 -6.27 10.64 1.56
N GLU A 36 -6.88 9.79 0.72
CA GLU A 36 -6.70 9.83 -0.75
C GLU A 36 -7.64 8.77 -1.38
N SER A 37 -8.84 9.20 -1.78
CA SER A 37 -9.92 8.32 -2.24
C SER A 37 -9.71 7.81 -3.69
N PHE A 38 -10.04 6.53 -3.93
CA PHE A 38 -9.95 5.86 -5.25
C PHE A 38 -11.19 4.99 -5.50
N ALA A 39 -11.73 5.07 -6.73
CA ALA A 39 -12.88 4.25 -7.18
C ALA A 39 -12.40 2.85 -7.60
N SER A 40 -11.18 2.79 -8.16
CA SER A 40 -10.53 1.53 -8.59
C SER A 40 -9.67 0.97 -7.44
N LYS A 41 -9.73 -0.37 -7.29
CA LYS A 41 -8.91 -1.11 -6.32
C LYS A 41 -7.41 -0.93 -6.62
N GLY A 42 -7.06 -1.12 -7.91
CA GLY A 42 -5.68 -1.04 -8.40
C GLY A 42 -5.08 0.35 -8.21
N ALA A 43 -5.94 1.39 -8.28
CA ALA A 43 -5.53 2.79 -8.08
C ALA A 43 -5.16 3.06 -6.61
N GLN A 44 -5.83 2.34 -5.68
CA GLN A 44 -5.49 2.36 -4.24
C GLN A 44 -4.15 1.64 -4.00
N GLU A 45 -4.04 0.43 -4.58
CA GLU A 45 -2.90 -0.47 -4.41
C GLU A 45 -1.60 0.15 -4.95
N ARG A 46 -1.70 0.88 -6.08
CA ARG A 46 -0.52 1.42 -6.80
C ARG A 46 0.16 2.53 -6.00
N HIS A 47 -0.59 3.25 -5.13
CA HIS A 47 0.03 4.24 -4.23
C HIS A 47 0.87 3.47 -3.21
N LEU A 48 0.24 2.47 -2.58
CA LEU A 48 0.89 1.60 -1.57
C LEU A 48 2.10 0.86 -2.13
N ARG A 49 2.04 0.49 -3.42
CA ARG A 49 3.06 -0.33 -4.09
C ARG A 49 4.24 0.57 -4.50
N LEU A 50 3.95 1.81 -4.95
CA LEU A 50 4.95 2.72 -5.54
C LEU A 50 5.30 3.88 -4.57
N LEU A 51 4.34 4.81 -4.40
CA LEU A 51 4.60 6.12 -3.74
C LEU A 51 4.37 6.07 -2.21
N HIS A 52 4.02 4.89 -1.70
CA HIS A 52 3.75 4.64 -0.28
C HIS A 52 4.33 3.27 0.11
N ALA A 53 5.37 2.85 -0.65
CA ALA A 53 6.05 1.56 -0.48
C ALA A 53 6.93 1.58 0.79
N ALA A 54 6.28 1.35 1.95
CA ALA A 54 6.92 1.41 3.27
C ALA A 54 6.12 0.58 4.28
N GLN A 55 4.79 0.78 4.27
CA GLN A 55 3.85 0.06 5.16
C GLN A 55 3.36 -1.25 4.52
N VAL A 56 3.86 -1.55 3.32
CA VAL A 56 3.54 -2.78 2.59
C VAL A 56 4.72 -3.76 2.62
N PHE A 57 4.39 -5.05 2.58
CA PHE A 57 5.34 -6.17 2.66
C PHE A 57 5.06 -7.16 1.49
N PRO A 58 5.70 -6.95 0.30
CA PRO A 58 5.49 -7.80 -0.89
C PRO A 58 6.28 -9.14 -0.84
N CYS A 59 5.60 -10.27 -1.13
CA CYS A 59 6.25 -11.61 -1.24
C CYS A 59 7.13 -11.63 -2.51
N LYS A 60 8.45 -11.60 -2.29
CA LYS A 60 9.49 -11.25 -3.32
C LYS A 60 9.43 -12.11 -4.60
N TYR A 61 8.94 -13.35 -4.47
CA TYR A 61 9.02 -14.37 -5.53
C TYR A 61 7.83 -14.24 -6.53
N CYS A 62 6.74 -13.56 -6.12
CA CYS A 62 5.54 -13.33 -6.96
C CYS A 62 5.13 -11.84 -6.87
N PRO A 63 4.37 -11.28 -7.88
CA PRO A 63 3.82 -9.90 -7.77
C PRO A 63 2.55 -9.88 -6.86
N ALA A 64 2.78 -10.12 -5.56
CA ALA A 64 1.73 -10.16 -4.53
C ALA A 64 2.18 -9.27 -3.36
N THR A 65 1.72 -8.01 -3.38
CA THR A 65 2.07 -7.01 -2.38
C THR A 65 1.02 -7.02 -1.25
N PHE A 66 1.44 -7.47 -0.07
CA PHE A 66 0.58 -7.53 1.12
C PHE A 66 0.70 -6.22 1.89
N TYR A 67 -0.37 -5.84 2.60
CA TYR A 67 -0.40 -4.63 3.43
C TYR A 67 0.10 -4.94 4.86
N SER A 68 0.25 -6.25 5.17
CA SER A 68 0.67 -6.72 6.49
C SER A 68 1.82 -7.75 6.36
N SER A 69 2.73 -7.71 7.36
CA SER A 69 3.91 -8.59 7.44
C SER A 69 3.57 -10.10 7.72
N PRO A 70 2.46 -10.49 8.47
CA PRO A 70 2.02 -11.91 8.55
C PRO A 70 1.80 -12.53 7.17
N GLY A 71 0.99 -11.83 6.33
CA GLY A 71 0.64 -12.29 4.97
C GLY A 71 1.85 -12.47 4.06
N LEU A 72 2.89 -11.63 4.29
CA LEU A 72 4.19 -11.74 3.63
C LEU A 72 4.80 -13.14 3.88
N THR A 73 4.96 -13.46 5.17
CA THR A 73 5.58 -14.71 5.64
C THR A 73 4.69 -15.93 5.31
N ARG A 74 3.37 -15.70 5.27
CA ARG A 74 2.37 -16.74 4.99
C ARG A 74 2.46 -17.21 3.53
N HIS A 75 2.73 -16.28 2.58
CA HIS A 75 2.84 -16.67 1.16
C HIS A 75 4.09 -17.50 0.94
N ILE A 76 5.12 -17.31 1.80
CA ILE A 76 6.33 -18.14 1.78
C ILE A 76 5.99 -19.54 2.33
N ASN A 77 5.59 -19.61 3.59
CA ASN A 77 5.34 -20.88 4.32
C ASN A 77 4.31 -21.78 3.60
N LYS A 78 3.31 -21.15 2.97
CA LYS A 78 2.21 -21.85 2.28
C LYS A 78 2.50 -22.05 0.77
N CYS A 79 2.67 -20.94 0.03
CA CYS A 79 2.57 -20.94 -1.46
C CYS A 79 3.88 -20.53 -2.15
N HIS A 80 4.97 -20.41 -1.37
CA HIS A 80 6.33 -20.13 -1.90
C HIS A 80 7.43 -20.72 -0.96
N PRO A 81 7.31 -22.02 -0.49
CA PRO A 81 8.29 -22.62 0.45
C PRO A 81 9.38 -23.45 -0.26
N SER A 82 10.47 -23.75 0.49
CA SER A 82 11.61 -24.55 0.02
C SER A 82 12.26 -23.88 -1.22
N GLU A 83 12.62 -22.59 -1.06
CA GLU A 83 13.25 -21.79 -2.13
C GLU A 83 14.69 -22.27 -2.36
N ASN A 84 15.39 -22.55 -1.25
CA ASN A 84 16.77 -23.08 -1.28
C ASN A 84 16.78 -24.55 -1.78
N ARG A 85 16.96 -24.71 -3.09
CA ARG A 85 17.10 -26.02 -3.76
C ARG A 85 18.27 -25.94 -4.76
N MET A 1 8.34 7.58 -22.60
CA MET A 1 7.26 7.59 -21.60
C MET A 1 5.90 7.46 -22.31
N GLY A 2 4.81 7.57 -21.52
CA GLY A 2 3.44 7.43 -22.02
C GLY A 2 2.60 6.55 -21.12
N HIS A 3 1.26 6.62 -21.27
CA HIS A 3 0.32 5.78 -20.52
C HIS A 3 0.48 4.32 -20.96
N HIS A 4 1.05 3.48 -20.08
CA HIS A 4 1.28 2.05 -20.36
C HIS A 4 0.02 1.25 -20.03
N HIS A 5 -0.34 1.25 -18.73
CA HIS A 5 -1.55 0.61 -18.21
C HIS A 5 -2.53 1.72 -17.80
N HIS A 6 -3.65 1.85 -18.53
CA HIS A 6 -4.53 3.03 -18.45
C HIS A 6 -5.99 2.70 -18.78
N HIS A 7 -6.24 1.57 -19.49
CA HIS A 7 -7.56 1.19 -20.05
C HIS A 7 -8.04 2.19 -21.14
N HIS A 8 -9.15 1.86 -21.81
CA HIS A 8 -9.75 2.72 -22.85
C HIS A 8 -10.66 3.76 -22.19
N SER A 9 -10.31 5.04 -22.36
CA SER A 9 -10.99 6.18 -21.70
C SER A 9 -12.38 6.45 -22.29
N HIS A 10 -13.27 7.00 -21.45
CA HIS A 10 -14.66 7.33 -21.82
C HIS A 10 -14.81 8.85 -21.89
N MET A 11 -15.64 9.32 -22.84
CA MET A 11 -15.95 10.75 -23.01
C MET A 11 -16.95 11.18 -21.93
N GLY A 12 -16.43 11.77 -20.83
CA GLY A 12 -17.26 12.21 -19.70
C GLY A 12 -18.28 13.27 -20.10
N ASP A 13 -17.89 14.10 -21.07
CA ASP A 13 -18.70 15.18 -21.66
C ASP A 13 -19.06 16.27 -20.64
N GLY A 14 -18.55 17.49 -20.86
CA GLY A 14 -18.83 18.62 -19.99
C GLY A 14 -17.93 19.81 -20.28
N GLU A 15 -18.53 21.00 -20.42
CA GLU A 15 -17.81 22.26 -20.60
C GLU A 15 -17.41 22.81 -19.23
N GLY A 16 -16.11 22.72 -18.90
CA GLY A 16 -15.60 23.18 -17.61
C GLY A 16 -15.29 24.67 -17.61
N ALA A 17 -16.36 25.50 -17.68
CA ALA A 17 -16.26 26.96 -17.62
C ALA A 17 -15.78 27.43 -16.23
N GLY A 18 -16.19 26.68 -15.17
CA GLY A 18 -15.76 26.96 -13.81
C GLY A 18 -16.64 26.28 -12.76
N VAL A 19 -16.76 24.94 -12.85
CA VAL A 19 -17.51 24.12 -11.86
C VAL A 19 -16.57 23.11 -11.17
N LEU A 20 -17.08 22.44 -10.14
CA LEU A 20 -16.34 21.44 -9.37
C LEU A 20 -17.28 20.37 -8.81
N GLY A 21 -16.69 19.26 -8.33
CA GLY A 21 -17.43 18.18 -7.66
C GLY A 21 -16.88 17.91 -6.26
N LEU A 22 -16.38 18.98 -5.63
CA LEU A 22 -15.74 18.93 -4.29
C LEU A 22 -16.84 18.85 -3.20
N SER A 23 -16.57 18.08 -2.11
CA SER A 23 -17.42 17.92 -0.91
C SER A 23 -18.53 16.87 -1.15
N ALA A 24 -19.29 17.02 -2.26
CA ALA A 24 -20.30 16.03 -2.67
C ALA A 24 -19.61 14.89 -3.45
N SER A 25 -19.23 13.84 -2.71
CA SER A 25 -18.55 12.65 -3.26
C SER A 25 -19.06 11.38 -2.57
N ALA A 26 -19.02 10.25 -3.30
CA ALA A 26 -19.42 8.92 -2.78
C ALA A 26 -18.22 8.23 -2.11
N GLU A 27 -18.52 7.20 -1.29
CA GLU A 27 -17.49 6.38 -0.61
C GLU A 27 -16.76 5.48 -1.64
N CYS A 28 -15.53 5.87 -2.00
CA CYS A 28 -14.65 5.07 -2.88
C CYS A 28 -13.45 4.56 -2.06
N HIS A 29 -12.68 3.60 -2.63
CA HIS A 29 -11.64 2.86 -1.87
C HIS A 29 -10.43 3.77 -1.55
N LEU A 30 -10.06 3.80 -0.27
CA LEU A 30 -8.95 4.64 0.25
C LEU A 30 -7.62 3.87 0.19
N CYS A 31 -6.51 4.58 -0.15
CA CYS A 31 -5.14 4.05 0.03
C CYS A 31 -4.90 3.91 1.55
N PRO A 32 -4.78 2.67 2.12
CA PRO A 32 -4.78 2.44 3.60
C PRO A 32 -3.48 2.89 4.33
N VAL A 33 -2.76 3.88 3.76
CA VAL A 33 -1.60 4.54 4.39
C VAL A 33 -1.78 6.10 4.33
N CYS A 34 -2.70 6.61 3.46
CA CYS A 34 -3.03 8.07 3.35
C CYS A 34 -4.50 8.28 2.99
N GLY A 35 -5.14 9.31 3.59
CA GLY A 35 -6.51 9.70 3.23
C GLY A 35 -6.57 10.19 1.79
N GLU A 36 -7.20 9.37 0.93
CA GLU A 36 -7.03 9.47 -0.53
C GLU A 36 -7.96 8.44 -1.23
N SER A 37 -9.03 8.93 -1.89
CA SER A 37 -10.12 8.08 -2.41
C SER A 37 -9.99 7.88 -3.92
N PHE A 38 -10.19 6.63 -4.38
CA PHE A 38 -10.15 6.23 -5.81
C PHE A 38 -11.35 5.32 -6.15
N ALA A 39 -11.99 5.58 -7.32
CA ALA A 39 -13.15 4.80 -7.82
C ALA A 39 -12.70 3.39 -8.25
N SER A 40 -11.53 3.34 -8.91
CA SER A 40 -10.87 2.08 -9.31
C SER A 40 -9.70 1.84 -8.36
N LYS A 41 -9.67 0.63 -7.75
CA LYS A 41 -8.68 0.28 -6.72
C LYS A 41 -7.25 0.12 -7.32
N GLY A 42 -7.15 -0.01 -8.66
CA GLY A 42 -5.85 -0.06 -9.35
C GLY A 42 -5.02 1.22 -9.11
N ALA A 43 -5.72 2.38 -9.05
CA ALA A 43 -5.10 3.70 -8.76
C ALA A 43 -4.70 3.80 -7.27
N GLN A 44 -5.33 2.97 -6.43
CA GLN A 44 -5.06 2.88 -4.98
C GLN A 44 -3.84 1.96 -4.73
N GLU A 45 -3.79 0.82 -5.46
CA GLU A 45 -2.76 -0.22 -5.30
C GLU A 45 -1.40 0.27 -5.79
N ARG A 46 -1.41 1.13 -6.83
CA ARG A 46 -0.19 1.75 -7.37
C ARG A 46 0.44 2.68 -6.33
N HIS A 47 -0.41 3.35 -5.49
CA HIS A 47 0.10 4.24 -4.41
C HIS A 47 0.88 3.41 -3.40
N LEU A 48 0.39 2.20 -3.12
CA LEU A 48 1.00 1.27 -2.16
C LEU A 48 2.35 0.74 -2.66
N ARG A 49 2.39 0.20 -3.88
CA ARG A 49 3.60 -0.45 -4.42
C ARG A 49 4.69 0.58 -4.84
N LEU A 50 4.28 1.84 -5.08
CA LEU A 50 5.21 2.92 -5.51
C LEU A 50 5.41 3.95 -4.38
N LEU A 51 4.41 4.83 -4.21
CA LEU A 51 4.56 6.07 -3.40
C LEU A 51 4.36 5.82 -1.88
N HIS A 52 4.04 4.57 -1.50
CA HIS A 52 3.72 4.21 -0.10
C HIS A 52 4.15 2.76 0.22
N ALA A 53 5.28 2.35 -0.40
CA ALA A 53 5.90 1.02 -0.18
C ALA A 53 6.75 1.04 1.12
N ALA A 54 6.05 1.05 2.26
CA ALA A 54 6.67 1.17 3.61
C ALA A 54 5.83 0.41 4.65
N GLN A 55 4.51 0.65 4.65
CA GLN A 55 3.55 -0.06 5.51
C GLN A 55 3.11 -1.38 4.86
N VAL A 56 3.15 -1.44 3.52
CA VAL A 56 2.77 -2.64 2.77
C VAL A 56 3.99 -3.57 2.59
N PHE A 57 3.74 -4.88 2.65
CA PHE A 57 4.77 -5.93 2.52
C PHE A 57 4.35 -6.94 1.41
N PRO A 58 4.63 -6.63 0.11
CA PRO A 58 4.32 -7.55 -1.01
C PRO A 58 5.26 -8.78 -1.03
N CYS A 59 4.68 -10.00 -1.04
CA CYS A 59 5.43 -11.27 -1.10
C CYS A 59 6.41 -11.22 -2.29
N LYS A 60 7.70 -11.00 -1.99
CA LYS A 60 8.73 -10.50 -2.95
C LYS A 60 8.76 -11.19 -4.34
N TYR A 61 8.39 -12.47 -4.39
CA TYR A 61 8.42 -13.28 -5.63
C TYR A 61 7.13 -13.08 -6.47
N CYS A 62 5.96 -12.93 -5.80
CA CYS A 62 4.64 -12.74 -6.50
C CYS A 62 3.95 -11.43 -6.03
N PRO A 63 3.31 -10.63 -6.95
CA PRO A 63 2.75 -9.27 -6.62
C PRO A 63 1.60 -9.23 -5.56
N ALA A 64 1.29 -10.39 -4.92
CA ALA A 64 0.38 -10.47 -3.75
C ALA A 64 0.88 -9.55 -2.62
N THR A 65 0.19 -8.39 -2.46
CA THR A 65 0.56 -7.35 -1.51
C THR A 65 -0.15 -7.54 -0.16
N PHE A 66 0.66 -7.76 0.90
CA PHE A 66 0.18 -7.93 2.29
C PHE A 66 0.36 -6.62 3.07
N TYR A 67 -0.23 -6.56 4.27
CA TYR A 67 -0.21 -5.36 5.15
C TYR A 67 0.38 -5.74 6.52
N SER A 68 1.05 -6.90 6.59
CA SER A 68 1.69 -7.41 7.81
C SER A 68 2.95 -8.20 7.42
N SER A 69 3.99 -8.12 8.28
CA SER A 69 5.25 -8.86 8.12
C SER A 69 5.04 -10.41 8.18
N PRO A 70 4.22 -10.98 9.15
CA PRO A 70 3.83 -12.43 9.09
C PRO A 70 3.02 -12.78 7.84
N GLY A 71 2.31 -11.77 7.27
CA GLY A 71 1.58 -11.93 6.00
C GLY A 71 2.53 -12.12 4.82
N LEU A 72 3.58 -11.31 4.81
CA LEU A 72 4.69 -11.37 3.83
C LEU A 72 5.37 -12.74 3.84
N THR A 73 5.72 -13.17 5.06
CA THR A 73 6.46 -14.41 5.31
C THR A 73 5.62 -15.64 4.94
N ARG A 74 4.34 -15.66 5.38
CA ARG A 74 3.49 -16.86 5.34
C ARG A 74 3.25 -17.36 3.92
N HIS A 75 3.23 -16.46 2.91
CA HIS A 75 2.96 -16.90 1.52
C HIS A 75 4.08 -17.81 1.04
N ILE A 76 5.32 -17.44 1.40
CA ILE A 76 6.56 -18.14 0.98
C ILE A 76 6.63 -19.56 1.60
N ASN A 77 6.14 -19.70 2.85
CA ASN A 77 6.16 -20.99 3.58
C ASN A 77 4.95 -21.88 3.22
N LYS A 78 3.79 -21.25 3.00
CA LYS A 78 2.49 -21.94 2.87
C LYS A 78 2.18 -22.26 1.39
N CYS A 79 2.12 -21.22 0.55
CA CYS A 79 1.60 -21.30 -0.84
C CYS A 79 2.57 -20.72 -1.87
N HIS A 80 3.88 -20.67 -1.52
CA HIS A 80 4.95 -20.26 -2.46
C HIS A 80 6.29 -20.98 -2.11
N PRO A 81 6.30 -22.37 -2.00
CA PRO A 81 7.55 -23.12 -1.71
C PRO A 81 8.50 -23.11 -2.92
N SER A 82 7.92 -23.09 -4.14
CA SER A 82 8.65 -22.89 -5.40
C SER A 82 8.86 -21.38 -5.60
N GLU A 83 9.86 -20.84 -4.89
CA GLU A 83 10.12 -19.40 -4.78
C GLU A 83 10.58 -18.80 -6.11
N ASN A 84 9.61 -18.36 -6.94
CA ASN A 84 9.82 -17.72 -8.27
C ASN A 84 10.57 -18.64 -9.25
N ARG A 85 9.81 -19.33 -10.11
CA ARG A 85 10.38 -20.22 -11.15
C ARG A 85 10.11 -19.60 -12.54
N MET A 1 13.68 -38.38 -4.40
CA MET A 1 12.26 -38.59 -4.04
C MET A 1 11.93 -37.78 -2.77
N GLY A 2 11.00 -36.82 -2.92
CA GLY A 2 10.57 -35.96 -1.81
C GLY A 2 11.61 -34.91 -1.42
N HIS A 3 12.47 -34.53 -2.39
CA HIS A 3 13.55 -33.55 -2.17
C HIS A 3 12.94 -32.13 -2.04
N HIS A 4 12.65 -31.75 -0.79
CA HIS A 4 12.11 -30.42 -0.45
C HIS A 4 13.15 -29.66 0.40
N HIS A 5 12.87 -28.38 0.67
CA HIS A 5 13.75 -27.52 1.48
C HIS A 5 12.95 -26.38 2.11
N HIS A 6 13.21 -26.13 3.41
CA HIS A 6 12.66 -24.99 4.15
C HIS A 6 13.83 -24.28 4.84
N HIS A 7 14.60 -23.52 4.04
CA HIS A 7 15.77 -22.74 4.52
C HIS A 7 15.89 -21.45 3.69
N HIS A 8 14.84 -20.63 3.75
CA HIS A 8 14.81 -19.30 3.11
C HIS A 8 13.88 -18.37 3.92
N SER A 9 14.41 -17.89 5.05
CA SER A 9 13.71 -16.96 5.96
C SER A 9 14.07 -15.50 5.61
N HIS A 10 13.64 -15.08 4.41
CA HIS A 10 13.93 -13.75 3.86
C HIS A 10 12.78 -12.77 4.19
N MET A 11 12.95 -12.02 5.29
CA MET A 11 12.03 -10.94 5.70
C MET A 11 12.75 -9.59 5.61
N GLY A 12 12.04 -8.50 5.91
CA GLY A 12 12.62 -7.16 5.90
C GLY A 12 11.84 -6.21 6.78
N ASP A 13 12.48 -5.67 7.83
CA ASP A 13 11.87 -4.65 8.71
C ASP A 13 11.94 -3.27 8.04
N GLY A 14 11.26 -2.28 8.66
CA GLY A 14 11.28 -0.91 8.16
C GLY A 14 10.38 0.01 8.98
N GLU A 15 10.58 1.33 8.80
CA GLU A 15 9.80 2.37 9.49
C GLU A 15 9.69 3.58 8.55
N GLY A 16 8.47 3.83 8.05
CA GLY A 16 8.24 4.88 7.06
C GLY A 16 6.84 5.47 7.16
N ALA A 17 6.67 6.43 8.08
CA ALA A 17 5.43 7.20 8.25
C ALA A 17 5.66 8.68 7.85
N GLY A 18 4.70 9.56 8.22
CA GLY A 18 4.79 11.00 7.91
C GLY A 18 3.68 11.45 6.95
N VAL A 19 2.52 10.76 7.00
CA VAL A 19 1.37 11.05 6.13
C VAL A 19 0.39 12.01 6.82
N LEU A 20 -0.58 12.55 6.05
CA LEU A 20 -1.54 13.56 6.53
C LEU A 20 -2.99 13.12 6.25
N GLY A 21 -3.62 12.51 7.27
CA GLY A 21 -5.03 12.13 7.22
C GLY A 21 -5.87 13.06 8.09
N LEU A 22 -6.28 14.20 7.50
CA LEU A 22 -6.97 15.30 8.22
C LEU A 22 -8.43 14.92 8.57
N SER A 23 -9.04 14.07 7.73
CA SER A 23 -10.43 13.62 7.92
C SER A 23 -10.58 12.21 7.32
N ALA A 24 -10.19 12.06 6.04
CA ALA A 24 -10.19 10.76 5.31
C ALA A 24 -11.60 10.12 5.29
N SER A 25 -12.63 10.99 5.24
CA SER A 25 -14.05 10.58 5.28
C SER A 25 -14.69 10.58 3.87
N ALA A 26 -13.85 10.66 2.82
CA ALA A 26 -14.30 10.63 1.42
C ALA A 26 -14.87 9.24 1.06
N GLU A 27 -16.00 9.22 0.32
CA GLU A 27 -16.67 7.99 -0.10
C GLU A 27 -15.95 7.39 -1.33
N CYS A 28 -14.78 6.81 -1.07
CA CYS A 28 -13.91 6.16 -2.06
C CYS A 28 -12.90 5.26 -1.32
N HIS A 29 -12.26 4.35 -2.07
CA HIS A 29 -11.17 3.51 -1.56
C HIS A 29 -9.91 4.38 -1.40
N LEU A 30 -9.45 4.56 -0.16
CA LEU A 30 -8.26 5.40 0.12
C LEU A 30 -7.04 4.48 0.28
N CYS A 31 -5.94 4.80 -0.45
CA CYS A 31 -4.65 4.06 -0.37
C CYS A 31 -4.18 4.01 1.09
N PRO A 32 -4.49 2.89 1.84
CA PRO A 32 -4.61 2.82 3.33
C PRO A 32 -3.81 3.88 4.14
N VAL A 33 -2.52 4.02 3.79
CA VAL A 33 -1.59 4.89 4.50
C VAL A 33 -1.91 6.39 4.23
N CYS A 34 -2.06 6.78 2.94
CA CYS A 34 -2.37 8.18 2.55
C CYS A 34 -3.84 8.31 2.11
N GLY A 35 -4.53 9.34 2.61
CA GLY A 35 -5.87 9.67 2.16
C GLY A 35 -5.85 10.17 0.73
N GLU A 36 -6.38 9.36 -0.19
CA GLU A 36 -6.43 9.66 -1.63
C GLU A 36 -7.62 8.88 -2.21
N SER A 37 -8.57 9.59 -2.80
CA SER A 37 -9.86 9.03 -3.22
C SER A 37 -9.72 8.27 -4.54
N PHE A 38 -9.90 6.94 -4.49
CA PHE A 38 -9.93 6.06 -5.68
C PHE A 38 -11.29 5.35 -5.73
N ALA A 39 -12.00 5.45 -6.85
CA ALA A 39 -13.24 4.69 -7.09
C ALA A 39 -12.87 3.25 -7.48
N SER A 40 -11.77 3.14 -8.25
CA SER A 40 -11.16 1.87 -8.65
C SER A 40 -10.19 1.39 -7.55
N LYS A 41 -10.46 0.22 -6.97
CA LYS A 41 -9.64 -0.38 -5.89
C LYS A 41 -8.22 -0.76 -6.41
N GLY A 42 -8.13 -1.08 -7.72
CA GLY A 42 -6.84 -1.40 -8.36
C GLY A 42 -5.86 -0.22 -8.32
N ALA A 43 -6.41 1.00 -8.46
CA ALA A 43 -5.63 2.25 -8.41
C ALA A 43 -5.18 2.57 -6.95
N GLN A 44 -5.92 2.01 -5.99
CA GLN A 44 -5.60 2.11 -4.55
C GLN A 44 -4.33 1.27 -4.23
N GLU A 45 -4.30 0.03 -4.79
CA GLU A 45 -3.24 -0.96 -4.50
C GLU A 45 -1.86 -0.50 -5.04
N ARG A 46 -1.87 0.10 -6.24
CA ARG A 46 -0.63 0.54 -6.92
C ARG A 46 0.01 1.72 -6.17
N HIS A 47 -0.81 2.60 -5.54
CA HIS A 47 -0.30 3.78 -4.77
C HIS A 47 0.48 3.31 -3.52
N LEU A 48 0.12 2.10 -3.03
CA LEU A 48 0.86 1.41 -1.97
C LEU A 48 2.21 0.95 -2.52
N ARG A 49 2.18 0.02 -3.49
CA ARG A 49 3.41 -0.65 -4.00
C ARG A 49 4.42 0.37 -4.63
N LEU A 50 3.92 1.56 -5.01
CA LEU A 50 4.75 2.69 -5.45
C LEU A 50 5.39 3.43 -4.24
N LEU A 51 4.60 4.28 -3.56
CA LEU A 51 5.13 5.18 -2.49
C LEU A 51 4.88 4.60 -1.09
N HIS A 52 3.67 4.10 -0.86
CA HIS A 52 3.19 3.67 0.48
C HIS A 52 3.45 2.17 0.73
N ALA A 53 4.62 1.73 0.23
CA ALA A 53 5.16 0.36 0.38
C ALA A 53 6.02 0.25 1.65
N ALA A 54 6.06 1.33 2.44
CA ALA A 54 6.80 1.41 3.69
C ALA A 54 6.04 0.71 4.84
N GLN A 55 4.70 0.91 4.86
CA GLN A 55 3.82 0.28 5.87
C GLN A 55 3.47 -1.17 5.50
N VAL A 56 3.24 -1.40 4.18
CA VAL A 56 2.86 -2.73 3.67
C VAL A 56 4.14 -3.55 3.36
N PHE A 57 4.03 -4.89 3.46
CA PHE A 57 5.15 -5.83 3.22
C PHE A 57 4.78 -6.81 2.07
N PRO A 58 5.06 -6.44 0.77
CA PRO A 58 4.76 -7.33 -0.38
C PRO A 58 5.72 -8.54 -0.45
N CYS A 59 5.20 -9.70 -0.92
CA CYS A 59 6.02 -10.88 -1.23
C CYS A 59 6.90 -10.52 -2.45
N LYS A 60 8.21 -10.23 -2.21
CA LYS A 60 9.09 -9.51 -3.19
C LYS A 60 9.59 -10.42 -4.36
N TYR A 61 8.95 -11.57 -4.52
CA TYR A 61 9.37 -12.62 -5.47
C TYR A 61 8.31 -12.77 -6.58
N CYS A 62 7.04 -12.57 -6.19
CA CYS A 62 5.86 -12.68 -7.07
C CYS A 62 4.97 -11.42 -6.85
N PRO A 63 4.30 -10.84 -7.91
CA PRO A 63 3.44 -9.64 -7.75
C PRO A 63 2.19 -9.90 -6.85
N ALA A 64 2.39 -9.71 -5.53
CA ALA A 64 1.38 -9.92 -4.49
C ALA A 64 1.76 -9.09 -3.26
N THR A 65 1.04 -7.98 -3.04
CA THR A 65 1.29 -7.05 -1.93
C THR A 65 0.46 -7.44 -0.69
N PHE A 66 1.16 -7.66 0.44
CA PHE A 66 0.55 -7.93 1.74
C PHE A 66 0.71 -6.70 2.62
N TYR A 67 -0.23 -6.51 3.56
CA TYR A 67 -0.29 -5.30 4.40
C TYR A 67 0.72 -5.39 5.58
N SER A 68 1.12 -6.63 5.93
CA SER A 68 1.91 -6.90 7.14
C SER A 68 2.96 -8.00 6.91
N SER A 69 3.99 -8.03 7.80
CA SER A 69 5.11 -9.01 7.78
C SER A 69 4.61 -10.47 7.97
N PRO A 70 3.61 -10.78 8.90
CA PRO A 70 2.94 -12.12 8.95
C PRO A 70 2.39 -12.54 7.57
N GLY A 71 1.71 -11.62 6.87
CA GLY A 71 1.14 -11.88 5.54
C GLY A 71 2.21 -12.15 4.48
N LEU A 72 3.32 -11.40 4.58
CA LEU A 72 4.52 -11.60 3.73
C LEU A 72 5.05 -13.03 3.86
N THR A 73 5.26 -13.46 5.12
CA THR A 73 5.79 -14.79 5.46
C THR A 73 4.76 -15.89 5.10
N ARG A 74 3.45 -15.53 5.11
CA ARG A 74 2.35 -16.47 4.77
C ARG A 74 2.48 -16.99 3.34
N HIS A 75 2.85 -16.13 2.36
CA HIS A 75 3.00 -16.60 0.97
C HIS A 75 4.21 -17.55 0.87
N ILE A 76 5.32 -17.12 1.50
CA ILE A 76 6.60 -17.84 1.51
C ILE A 76 6.46 -19.26 2.12
N ASN A 77 5.50 -19.40 3.05
CA ASN A 77 5.18 -20.69 3.70
C ASN A 77 4.13 -21.51 2.89
N LYS A 78 3.09 -20.82 2.38
CA LYS A 78 1.88 -21.47 1.82
C LYS A 78 2.00 -21.74 0.31
N CYS A 79 2.12 -20.65 -0.46
CA CYS A 79 1.97 -20.67 -1.93
C CYS A 79 3.27 -20.24 -2.62
N HIS A 80 4.36 -20.22 -1.84
CA HIS A 80 5.71 -19.93 -2.33
C HIS A 80 6.75 -20.66 -1.43
N PRO A 81 6.58 -22.00 -1.10
CA PRO A 81 7.46 -22.70 -0.12
C PRO A 81 8.74 -23.29 -0.76
N SER A 82 8.84 -23.17 -2.09
CA SER A 82 9.90 -23.80 -2.88
C SER A 82 11.10 -22.86 -3.08
N GLU A 83 11.05 -21.66 -2.45
CA GLU A 83 12.11 -20.63 -2.56
C GLU A 83 13.49 -21.18 -2.15
N ASN A 84 14.47 -20.97 -3.03
CA ASN A 84 15.83 -21.55 -2.91
C ASN A 84 16.59 -20.98 -1.71
N ARG A 85 17.54 -21.78 -1.18
CA ARG A 85 18.42 -21.37 -0.07
C ARG A 85 19.51 -20.39 -0.60
N MET A 1 6.99 -37.82 15.48
CA MET A 1 8.35 -38.38 15.64
C MET A 1 9.23 -37.40 16.44
N GLY A 2 9.73 -37.86 17.59
CA GLY A 2 10.57 -37.07 18.47
C GLY A 2 10.79 -37.76 19.80
N HIS A 3 9.88 -37.50 20.76
CA HIS A 3 9.90 -38.09 22.12
C HIS A 3 11.21 -37.71 22.85
N HIS A 4 11.37 -36.39 23.08
CA HIS A 4 12.56 -35.81 23.74
C HIS A 4 12.11 -34.86 24.86
N HIS A 5 12.79 -34.97 26.02
CA HIS A 5 12.44 -34.21 27.23
C HIS A 5 13.10 -32.82 27.19
N HIS A 6 12.43 -31.86 26.52
CA HIS A 6 12.89 -30.46 26.42
C HIS A 6 11.74 -29.54 26.88
N HIS A 7 11.91 -28.88 28.04
CA HIS A 7 10.86 -28.03 28.66
C HIS A 7 10.98 -26.56 28.16
N HIS A 8 11.11 -26.43 26.82
CA HIS A 8 11.18 -25.13 26.12
C HIS A 8 11.18 -25.38 24.61
N SER A 9 10.73 -24.37 23.85
CA SER A 9 10.81 -24.37 22.38
C SER A 9 12.12 -23.67 21.96
N HIS A 10 12.28 -23.44 20.65
CA HIS A 10 13.47 -22.77 20.10
C HIS A 10 13.04 -21.65 19.13
N MET A 11 12.70 -20.49 19.72
CA MET A 11 12.30 -19.27 18.97
C MET A 11 13.50 -18.69 18.22
N GLY A 12 13.26 -18.26 16.97
CA GLY A 12 14.30 -17.68 16.11
C GLY A 12 14.03 -16.24 15.70
N ASP A 13 13.01 -15.61 16.34
CA ASP A 13 12.67 -14.18 16.12
C ASP A 13 11.82 -13.64 17.28
N GLY A 14 10.87 -14.48 17.79
CA GLY A 14 10.03 -14.11 18.94
C GLY A 14 8.55 -13.94 18.57
N GLU A 15 8.28 -13.68 17.28
CA GLU A 15 6.92 -13.59 16.69
C GLU A 15 6.07 -12.47 17.35
N GLY A 16 6.72 -11.37 17.72
CA GLY A 16 6.05 -10.21 18.30
C GLY A 16 5.41 -9.32 17.24
N ALA A 17 4.26 -9.78 16.70
CA ALA A 17 3.50 -9.06 15.66
C ALA A 17 2.50 -8.08 16.28
N GLY A 18 1.88 -7.25 15.42
CA GLY A 18 0.91 -6.23 15.85
C GLY A 18 0.93 -5.04 14.90
N VAL A 19 -0.11 -4.92 14.05
CA VAL A 19 -0.23 -3.83 13.06
C VAL A 19 -0.83 -2.56 13.69
N LEU A 20 -0.66 -1.42 13.00
CA LEU A 20 -1.05 -0.08 13.51
C LEU A 20 -2.07 0.58 12.59
N GLY A 21 -2.86 1.51 13.19
CA GLY A 21 -3.86 2.29 12.45
C GLY A 21 -5.19 1.55 12.28
N LEU A 22 -6.27 2.33 12.18
CA LEU A 22 -7.62 1.80 11.88
C LEU A 22 -7.84 1.80 10.36
N SER A 23 -8.01 0.60 9.78
CA SER A 23 -8.21 0.43 8.33
C SER A 23 -9.65 0.86 7.94
N ALA A 24 -9.80 2.18 7.68
CA ALA A 24 -11.07 2.79 7.29
C ALA A 24 -11.09 3.07 5.77
N SER A 25 -12.28 2.84 5.16
CA SER A 25 -12.50 3.02 3.72
C SER A 25 -14.01 3.18 3.44
N ALA A 26 -14.60 4.22 4.06
CA ALA A 26 -16.03 4.55 3.89
C ALA A 26 -16.26 5.15 2.50
N GLU A 27 -15.58 6.26 2.21
CA GLU A 27 -15.61 6.90 0.87
C GLU A 27 -14.51 6.27 0.02
N CYS A 28 -14.81 5.08 -0.55
CA CYS A 28 -13.91 4.28 -1.39
C CYS A 28 -12.69 3.75 -0.59
N HIS A 29 -11.90 2.87 -1.21
CA HIS A 29 -10.71 2.29 -0.55
C HIS A 29 -9.52 3.26 -0.63
N LEU A 30 -9.05 3.68 0.56
CA LEU A 30 -8.00 4.69 0.72
C LEU A 30 -6.62 4.02 0.74
N CYS A 31 -5.62 4.68 0.12
CA CYS A 31 -4.20 4.37 0.34
C CYS A 31 -3.85 4.80 1.79
N PRO A 32 -3.70 3.84 2.77
CA PRO A 32 -3.64 4.15 4.24
C PRO A 32 -2.57 5.20 4.66
N VAL A 33 -1.57 5.42 3.79
CA VAL A 33 -0.46 6.36 4.03
C VAL A 33 -0.87 7.82 3.72
N CYS A 34 -1.72 8.00 2.70
CA CYS A 34 -2.22 9.33 2.25
C CYS A 34 -3.71 9.25 1.93
N GLY A 35 -4.53 10.13 2.57
CA GLY A 35 -5.97 10.15 2.34
C GLY A 35 -6.28 10.42 0.87
N GLU A 36 -6.81 9.38 0.19
CA GLU A 36 -6.97 9.38 -1.27
C GLU A 36 -7.86 8.19 -1.65
N SER A 37 -9.09 8.50 -2.11
CA SER A 37 -10.11 7.51 -2.47
C SER A 37 -9.75 6.78 -3.77
N PHE A 38 -10.02 5.46 -3.82
CA PHE A 38 -9.87 4.63 -5.04
C PHE A 38 -11.08 3.69 -5.19
N ALA A 39 -11.71 3.70 -6.37
CA ALA A 39 -12.85 2.81 -6.69
C ALA A 39 -12.35 1.43 -7.18
N SER A 40 -11.11 1.38 -7.70
CA SER A 40 -10.45 0.14 -8.11
C SER A 40 -9.49 -0.34 -7.01
N LYS A 41 -9.43 -1.67 -6.80
CA LYS A 41 -8.50 -2.32 -5.86
C LYS A 41 -7.05 -2.03 -6.32
N GLY A 42 -6.81 -2.23 -7.64
CA GLY A 42 -5.51 -2.00 -8.26
C GLY A 42 -5.02 -0.56 -8.18
N ALA A 43 -5.98 0.39 -8.14
CA ALA A 43 -5.68 1.83 -8.01
C ALA A 43 -5.19 2.14 -6.58
N GLN A 44 -5.68 1.38 -5.59
CA GLN A 44 -5.20 1.46 -4.20
C GLN A 44 -3.78 0.89 -4.09
N GLU A 45 -3.61 -0.30 -4.70
CA GLU A 45 -2.34 -1.07 -4.67
C GLU A 45 -1.19 -0.29 -5.31
N ARG A 46 -1.47 0.43 -6.41
CA ARG A 46 -0.43 1.15 -7.16
C ARG A 46 0.15 2.31 -6.32
N HIS A 47 -0.71 3.00 -5.52
CA HIS A 47 -0.22 4.12 -4.68
C HIS A 47 0.64 3.58 -3.54
N LEU A 48 0.42 2.31 -3.16
CA LEU A 48 1.19 1.65 -2.11
C LEU A 48 2.49 1.03 -2.66
N ARG A 49 2.37 -0.04 -3.46
CA ARG A 49 3.53 -0.87 -3.87
C ARG A 49 4.56 -0.10 -4.74
N LEU A 50 4.09 0.95 -5.44
CA LEU A 50 4.98 1.85 -6.21
C LEU A 50 5.56 2.94 -5.29
N LEU A 51 4.67 3.79 -4.73
CA LEU A 51 5.07 5.07 -4.09
C LEU A 51 5.14 4.97 -2.56
N HIS A 52 4.06 4.46 -1.94
CA HIS A 52 3.86 4.45 -0.47
C HIS A 52 4.02 3.02 0.10
N ALA A 53 5.14 2.40 -0.32
CA ALA A 53 5.47 0.99 -0.01
C ALA A 53 6.01 0.80 1.42
N ALA A 54 6.32 1.92 2.09
CA ALA A 54 6.93 1.92 3.44
C ALA A 54 6.03 1.26 4.50
N GLN A 55 4.71 1.53 4.43
CA GLN A 55 3.73 1.08 5.44
C GLN A 55 3.14 -0.31 5.10
N VAL A 56 3.35 -0.79 3.87
CA VAL A 56 2.86 -2.11 3.43
C VAL A 56 4.02 -3.13 3.32
N PHE A 57 3.67 -4.40 3.11
CA PHE A 57 4.62 -5.53 3.07
C PHE A 57 4.34 -6.39 1.80
N PRO A 58 4.93 -6.02 0.62
CA PRO A 58 4.82 -6.84 -0.61
C PRO A 58 5.66 -8.13 -0.48
N CYS A 59 5.03 -9.31 -0.75
CA CYS A 59 5.72 -10.61 -0.82
C CYS A 59 6.92 -10.48 -1.75
N LYS A 60 8.10 -10.38 -1.11
CA LYS A 60 9.37 -9.86 -1.69
C LYS A 60 9.71 -10.32 -3.12
N TYR A 61 9.39 -11.58 -3.45
CA TYR A 61 9.76 -12.19 -4.75
C TYR A 61 8.69 -11.95 -5.84
N CYS A 62 7.41 -11.74 -5.44
CA CYS A 62 6.28 -11.57 -6.41
C CYS A 62 5.42 -10.33 -6.06
N PRO A 63 5.02 -9.48 -7.07
CA PRO A 63 4.19 -8.26 -6.83
C PRO A 63 2.79 -8.60 -6.22
N ALA A 64 2.71 -8.53 -4.89
CA ALA A 64 1.48 -8.78 -4.10
C ALA A 64 1.64 -8.15 -2.72
N THR A 65 0.91 -7.05 -2.44
CA THR A 65 1.05 -6.29 -1.18
C THR A 65 0.10 -6.79 -0.09
N PHE A 66 0.66 -6.92 1.13
CA PHE A 66 -0.07 -7.25 2.36
C PHE A 66 0.19 -6.12 3.37
N TYR A 67 -0.87 -5.50 3.90
CA TYR A 67 -0.75 -4.42 4.91
C TYR A 67 -0.47 -5.00 6.33
N SER A 68 -0.20 -6.33 6.39
CA SER A 68 0.19 -7.03 7.63
C SER A 68 1.45 -7.89 7.40
N SER A 69 2.27 -8.00 8.46
CA SER A 69 3.56 -8.72 8.46
C SER A 69 3.41 -10.27 8.26
N PRO A 70 2.44 -11.02 8.93
CA PRO A 70 2.34 -12.50 8.77
C PRO A 70 1.93 -12.93 7.33
N GLY A 71 1.03 -12.15 6.70
CA GLY A 71 0.57 -12.43 5.32
C GLY A 71 1.70 -12.37 4.28
N LEU A 72 2.66 -11.47 4.54
CA LEU A 72 3.92 -11.31 3.75
C LEU A 72 4.64 -12.67 3.57
N THR A 73 4.94 -13.29 4.72
CA THR A 73 5.69 -14.57 4.78
C THR A 73 4.81 -15.75 4.30
N ARG A 74 3.50 -15.68 4.61
CA ARG A 74 2.57 -16.79 4.35
C ARG A 74 2.31 -17.01 2.85
N HIS A 75 2.56 -16.01 1.97
CA HIS A 75 2.46 -16.25 0.52
C HIS A 75 3.55 -17.25 0.09
N ILE A 76 4.74 -17.05 0.67
CA ILE A 76 5.96 -17.83 0.38
C ILE A 76 5.78 -19.28 0.90
N ASN A 77 5.13 -19.39 2.07
CA ASN A 77 4.88 -20.69 2.74
C ASN A 77 3.70 -21.45 2.08
N LYS A 78 2.69 -20.73 1.58
CA LYS A 78 1.42 -21.33 1.09
C LYS A 78 1.55 -21.84 -0.36
N CYS A 79 1.81 -20.92 -1.30
CA CYS A 79 1.65 -21.21 -2.74
C CYS A 79 2.78 -20.59 -3.58
N HIS A 80 3.84 -20.09 -2.92
CA HIS A 80 5.02 -19.54 -3.62
C HIS A 80 6.25 -20.42 -3.27
N PRO A 81 6.41 -21.60 -3.98
CA PRO A 81 7.48 -22.57 -3.65
C PRO A 81 8.81 -22.21 -4.35
N SER A 82 9.74 -23.19 -4.39
CA SER A 82 11.05 -23.09 -5.11
C SER A 82 12.10 -22.21 -4.38
N GLU A 83 11.61 -21.34 -3.47
CA GLU A 83 12.45 -20.40 -2.71
C GLU A 83 13.08 -21.13 -1.49
N ASN A 84 14.42 -21.03 -1.39
CA ASN A 84 15.22 -21.56 -0.25
C ASN A 84 15.26 -23.11 -0.23
N ARG A 85 16.46 -23.69 -0.44
CA ARG A 85 16.69 -25.14 -0.30
C ARG A 85 18.00 -25.37 0.51
N MET A 1 41.31 23.95 47.78
CA MET A 1 40.40 25.01 47.35
C MET A 1 39.20 24.40 46.62
N GLY A 2 38.14 25.21 46.45
CA GLY A 2 36.90 24.77 45.82
C GLY A 2 35.75 25.67 46.23
N HIS A 3 35.65 26.84 45.60
CA HIS A 3 34.64 27.87 45.92
C HIS A 3 33.63 28.06 44.75
N HIS A 4 33.88 27.36 43.62
CA HIS A 4 33.07 27.48 42.39
C HIS A 4 31.66 26.89 42.63
N HIS A 5 30.66 27.77 42.71
CA HIS A 5 29.25 27.38 42.92
C HIS A 5 28.42 27.80 41.70
N HIS A 6 28.04 26.81 40.86
CA HIS A 6 27.29 27.03 39.61
C HIS A 6 25.87 26.45 39.71
N HIS A 7 24.89 27.20 39.17
CA HIS A 7 23.50 26.75 39.06
C HIS A 7 23.20 26.36 37.61
N HIS A 8 21.96 25.92 37.36
CA HIS A 8 21.51 25.50 36.00
C HIS A 8 20.00 25.78 35.85
N SER A 9 19.66 26.48 34.75
CA SER A 9 18.26 26.83 34.41
C SER A 9 17.93 26.35 32.98
N HIS A 10 16.73 25.79 32.81
CA HIS A 10 16.23 25.27 31.53
C HIS A 10 14.69 25.21 31.60
N MET A 11 14.04 26.24 31.03
CA MET A 11 12.58 26.39 31.05
C MET A 11 12.14 27.25 29.85
N GLY A 12 11.41 26.63 28.91
CA GLY A 12 10.91 27.31 27.72
C GLY A 12 10.05 26.39 26.87
N ASP A 13 8.75 26.32 27.21
CA ASP A 13 7.76 25.49 26.50
C ASP A 13 6.34 26.07 26.68
N GLY A 14 5.51 26.00 25.64
CA GLY A 14 4.12 26.46 25.69
C GLY A 14 3.64 27.00 24.35
N GLU A 15 3.25 26.09 23.45
CA GLU A 15 2.65 26.44 22.14
C GLU A 15 1.17 26.05 22.12
N GLY A 16 0.38 26.73 21.27
CA GLY A 16 -1.05 26.45 21.09
C GLY A 16 -1.31 25.38 20.04
N ALA A 17 -2.32 24.53 20.29
CA ALA A 17 -2.76 23.48 19.34
C ALA A 17 -4.29 23.54 19.19
N GLY A 18 -4.77 23.98 18.01
CA GLY A 18 -6.20 24.15 17.76
C GLY A 18 -6.59 23.76 16.34
N VAL A 19 -5.92 22.72 15.81
CA VAL A 19 -6.13 22.21 14.43
C VAL A 19 -7.16 21.05 14.41
N LEU A 20 -7.55 20.66 13.19
CA LEU A 20 -8.47 19.54 12.93
C LEU A 20 -7.79 18.47 12.05
N GLY A 21 -8.48 17.32 11.88
CA GLY A 21 -7.96 16.22 11.08
C GLY A 21 -8.95 15.07 10.99
N LEU A 22 -10.20 15.40 10.66
CA LEU A 22 -11.29 14.42 10.49
C LEU A 22 -11.28 13.92 9.02
N SER A 23 -10.86 12.66 8.81
CA SER A 23 -10.77 12.05 7.48
C SER A 23 -12.09 11.31 7.13
N ALA A 24 -13.14 12.11 6.80
CA ALA A 24 -14.46 11.60 6.39
C ALA A 24 -14.43 11.12 4.93
N SER A 25 -14.97 9.92 4.69
CA SER A 25 -15.09 9.34 3.33
C SER A 25 -16.10 8.17 3.36
N ALA A 26 -16.55 7.76 2.15
CA ALA A 26 -17.55 6.69 1.99
C ALA A 26 -17.44 6.07 0.59
N GLU A 27 -17.75 6.87 -0.45
CA GLU A 27 -17.82 6.42 -1.85
C GLU A 27 -16.49 6.74 -2.57
N CYS A 28 -15.42 6.02 -2.14
CA CYS A 28 -14.05 6.10 -2.72
C CYS A 28 -13.16 5.02 -2.08
N HIS A 29 -12.35 4.33 -2.91
CA HIS A 29 -11.26 3.44 -2.43
C HIS A 29 -10.04 4.30 -2.07
N LEU A 30 -9.69 4.30 -0.79
CA LEU A 30 -8.56 5.09 -0.27
C LEU A 30 -7.30 4.21 -0.17
N CYS A 31 -6.13 4.74 -0.61
CA CYS A 31 -4.82 4.09 -0.36
C CYS A 31 -4.65 3.92 1.15
N PRO A 32 -4.76 2.65 1.69
CA PRO A 32 -5.02 2.33 3.14
C PRO A 32 -4.36 3.28 4.18
N VAL A 33 -3.09 3.64 3.94
CA VAL A 33 -2.26 4.38 4.91
C VAL A 33 -2.47 5.92 4.82
N CYS A 34 -2.78 6.45 3.61
CA CYS A 34 -3.04 7.91 3.40
C CYS A 34 -4.44 8.14 2.83
N GLY A 35 -5.17 9.11 3.40
CA GLY A 35 -6.45 9.56 2.83
C GLY A 35 -6.23 10.14 1.45
N GLU A 36 -6.71 9.41 0.42
CA GLU A 36 -6.43 9.70 -0.99
C GLU A 36 -7.38 8.84 -1.84
N SER A 37 -8.33 9.51 -2.50
CA SER A 37 -9.48 8.89 -3.14
C SER A 37 -9.15 8.36 -4.56
N PHE A 38 -9.59 7.12 -4.82
CA PHE A 38 -9.50 6.45 -6.12
C PHE A 38 -10.84 5.74 -6.38
N ALA A 39 -11.28 5.72 -7.65
CA ALA A 39 -12.47 4.95 -8.06
C ALA A 39 -12.08 3.46 -8.24
N SER A 40 -10.98 3.25 -8.97
CA SER A 40 -10.43 1.92 -9.26
C SER A 40 -9.58 1.42 -8.07
N LYS A 41 -9.75 0.14 -7.71
CA LYS A 41 -9.05 -0.49 -6.57
C LYS A 41 -7.58 -0.80 -6.94
N GLY A 42 -7.30 -0.93 -8.24
CA GLY A 42 -5.92 -1.02 -8.76
C GLY A 42 -5.16 0.29 -8.54
N ALA A 43 -5.89 1.42 -8.64
CA ALA A 43 -5.35 2.77 -8.39
C ALA A 43 -5.16 3.00 -6.88
N GLN A 44 -5.97 2.32 -6.05
CA GLN A 44 -5.83 2.33 -4.56
C GLN A 44 -4.45 1.78 -4.14
N GLU A 45 -4.13 0.58 -4.64
CA GLU A 45 -2.91 -0.16 -4.31
C GLU A 45 -1.68 0.39 -5.05
N ARG A 46 -1.91 1.22 -6.12
CA ARG A 46 -0.80 1.84 -6.88
C ARG A 46 0.10 2.69 -5.95
N HIS A 47 -0.52 3.48 -5.04
CA HIS A 47 0.25 4.37 -4.14
C HIS A 47 1.01 3.56 -3.09
N LEU A 48 0.53 2.33 -2.83
CA LEU A 48 1.19 1.40 -1.92
C LEU A 48 2.55 0.97 -2.52
N ARG A 49 2.51 0.22 -3.65
CA ARG A 49 3.74 -0.37 -4.26
C ARG A 49 4.82 0.70 -4.59
N LEU A 50 4.36 1.93 -4.88
CA LEU A 50 5.23 3.06 -5.22
C LEU A 50 5.90 3.67 -3.96
N LEU A 51 5.07 4.32 -3.12
CA LEU A 51 5.56 5.17 -2.00
C LEU A 51 5.24 4.59 -0.61
N HIS A 52 4.07 3.93 -0.48
CA HIS A 52 3.56 3.39 0.80
C HIS A 52 3.87 1.89 0.96
N ALA A 53 4.91 1.42 0.23
CA ALA A 53 5.43 0.04 0.29
C ALA A 53 6.34 -0.16 1.50
N ALA A 54 6.68 0.96 2.17
CA ALA A 54 7.37 0.93 3.47
C ALA A 54 6.43 0.39 4.57
N GLN A 55 5.11 0.54 4.33
CA GLN A 55 4.06 0.14 5.27
C GLN A 55 3.49 -1.24 4.92
N VAL A 56 3.20 -1.46 3.62
CA VAL A 56 2.67 -2.74 3.14
C VAL A 56 3.81 -3.68 2.74
N PHE A 57 3.57 -4.99 2.83
CA PHE A 57 4.58 -6.05 2.56
C PHE A 57 4.04 -7.06 1.52
N PRO A 58 4.21 -6.76 0.19
CA PRO A 58 3.80 -7.68 -0.90
C PRO A 58 4.77 -8.87 -1.05
N CYS A 59 4.23 -10.10 -1.08
CA CYS A 59 5.01 -11.32 -1.41
C CYS A 59 5.41 -11.22 -2.88
N LYS A 60 6.69 -10.84 -3.11
CA LYS A 60 7.19 -10.28 -4.40
C LYS A 60 7.03 -11.23 -5.61
N TYR A 61 6.87 -12.52 -5.33
CA TYR A 61 6.83 -13.59 -6.33
C TYR A 61 5.45 -13.63 -7.05
N CYS A 62 4.44 -13.07 -6.36
CA CYS A 62 3.06 -12.93 -6.87
C CYS A 62 2.56 -11.48 -6.62
N PRO A 63 1.48 -10.98 -7.33
CA PRO A 63 0.92 -9.62 -7.06
C PRO A 63 0.03 -9.52 -5.78
N ALA A 64 0.20 -10.49 -4.83
CA ALA A 64 -0.50 -10.50 -3.54
C ALA A 64 0.20 -9.54 -2.55
N THR A 65 -0.39 -8.34 -2.38
CA THR A 65 0.12 -7.33 -1.45
C THR A 65 -0.55 -7.49 -0.07
N PHE A 66 0.25 -7.84 0.93
CA PHE A 66 -0.20 -7.92 2.32
C PHE A 66 0.04 -6.57 3.00
N TYR A 67 -0.71 -6.29 4.07
CA TYR A 67 -0.61 -5.03 4.85
C TYR A 67 0.26 -5.27 6.10
N SER A 68 0.61 -6.56 6.35
CA SER A 68 1.43 -6.97 7.51
C SER A 68 2.61 -7.86 7.06
N SER A 69 3.75 -7.70 7.77
CA SER A 69 4.98 -8.47 7.53
C SER A 69 4.83 -10.00 7.86
N PRO A 70 4.01 -10.46 8.90
CA PRO A 70 3.67 -11.89 9.07
C PRO A 70 3.04 -12.49 7.80
N GLY A 71 2.06 -11.77 7.21
CA GLY A 71 1.34 -12.22 6.00
C GLY A 71 2.27 -12.42 4.81
N LEU A 72 3.24 -11.53 4.68
CA LEU A 72 4.36 -11.62 3.72
C LEU A 72 5.08 -12.97 3.87
N THR A 73 5.55 -13.24 5.10
CA THR A 73 6.32 -14.44 5.48
C THR A 73 5.51 -15.73 5.25
N ARG A 74 4.18 -15.67 5.50
CA ARG A 74 3.27 -16.82 5.38
C ARG A 74 3.26 -17.39 3.95
N HIS A 75 3.34 -16.48 2.94
CA HIS A 75 3.45 -16.90 1.53
C HIS A 75 4.84 -17.44 1.25
N ILE A 76 5.88 -16.72 1.71
CA ILE A 76 7.30 -17.12 1.49
C ILE A 76 7.61 -18.51 2.14
N ASN A 77 6.82 -18.90 3.14
CA ASN A 77 6.93 -20.22 3.80
C ASN A 77 6.14 -21.29 3.02
N LYS A 78 4.82 -21.07 2.85
CA LYS A 78 3.88 -22.11 2.37
C LYS A 78 3.72 -22.10 0.84
N CYS A 79 3.19 -21.00 0.28
CA CYS A 79 2.71 -20.95 -1.12
C CYS A 79 3.75 -20.37 -2.09
N HIS A 80 4.92 -19.99 -1.55
CA HIS A 80 6.06 -19.46 -2.31
C HIS A 80 7.39 -19.69 -1.54
N PRO A 81 7.76 -21.00 -1.27
CA PRO A 81 9.01 -21.36 -0.54
C PRO A 81 10.27 -21.20 -1.40
N SER A 82 11.43 -21.58 -0.82
CA SER A 82 12.77 -21.38 -1.42
C SER A 82 13.02 -19.86 -1.61
N GLU A 83 13.60 -19.42 -2.76
CA GLU A 83 13.85 -17.99 -3.07
C GLU A 83 14.79 -17.38 -1.99
N ASN A 84 16.01 -17.90 -1.96
CA ASN A 84 16.98 -17.68 -0.86
C ASN A 84 17.95 -16.55 -1.22
N ARG A 85 18.31 -15.75 -0.20
CA ARG A 85 19.30 -14.67 -0.32
C ARG A 85 20.13 -14.63 1.00
N MET A 1 27.34 -28.04 11.19
CA MET A 1 26.82 -29.07 10.26
C MET A 1 26.06 -28.40 9.09
N GLY A 2 26.11 -29.05 7.91
CA GLY A 2 25.43 -28.56 6.70
C GLY A 2 26.31 -28.68 5.47
N HIS A 3 26.12 -27.77 4.50
CA HIS A 3 26.92 -27.71 3.26
C HIS A 3 26.82 -26.30 2.63
N HIS A 4 25.57 -25.79 2.46
CA HIS A 4 25.30 -24.43 1.95
C HIS A 4 23.86 -23.97 2.23
N HIS A 5 23.63 -22.65 2.20
CA HIS A 5 22.30 -22.01 2.28
C HIS A 5 22.26 -20.81 1.33
N HIS A 6 21.11 -20.61 0.66
CA HIS A 6 20.88 -19.51 -0.31
C HIS A 6 19.63 -18.73 0.09
N HIS A 7 19.81 -17.43 0.43
CA HIS A 7 18.73 -16.54 0.86
C HIS A 7 19.18 -15.07 0.74
N HIS A 8 19.16 -14.56 -0.49
CA HIS A 8 19.42 -13.13 -0.80
C HIS A 8 18.31 -12.59 -1.70
N SER A 9 17.73 -11.44 -1.31
CA SER A 9 16.64 -10.76 -2.04
C SER A 9 16.76 -9.24 -1.84
N HIS A 10 16.40 -8.46 -2.87
CA HIS A 10 16.33 -6.99 -2.76
C HIS A 10 14.96 -6.59 -2.15
N MET A 11 14.98 -5.69 -1.17
CA MET A 11 13.75 -5.11 -0.57
C MET A 11 13.36 -3.82 -1.31
N GLY A 12 14.39 -3.16 -1.91
CA GLY A 12 14.21 -1.90 -2.64
C GLY A 12 14.21 -0.69 -1.73
N ASP A 13 13.74 0.45 -2.26
CA ASP A 13 13.65 1.72 -1.52
C ASP A 13 12.64 2.63 -2.23
N GLY A 14 11.65 3.13 -1.47
CA GLY A 14 10.64 4.05 -1.98
C GLY A 14 11.24 5.40 -2.33
N GLU A 15 11.01 5.86 -3.56
CA GLU A 15 11.56 7.14 -4.07
C GLU A 15 10.64 8.32 -3.70
N GLY A 16 11.26 9.50 -3.54
CA GLY A 16 10.54 10.75 -3.27
C GLY A 16 9.93 11.32 -4.55
N ALA A 17 8.69 11.83 -4.43
CA ALA A 17 7.89 12.32 -5.58
C ALA A 17 7.10 13.57 -5.17
N GLY A 18 6.29 13.43 -4.11
CA GLY A 18 5.36 14.49 -3.67
C GLY A 18 3.95 14.17 -4.12
N VAL A 19 3.10 13.71 -3.19
CA VAL A 19 1.74 13.22 -3.50
C VAL A 19 0.66 14.21 -3.02
N LEU A 20 -0.58 13.92 -3.42
CA LEU A 20 -1.78 14.73 -3.10
C LEU A 20 -2.99 13.78 -2.88
N GLY A 21 -4.10 14.34 -2.35
CA GLY A 21 -5.31 13.56 -2.10
C GLY A 21 -6.56 14.42 -2.03
N LEU A 22 -6.84 15.09 -3.16
CA LEU A 22 -8.06 15.91 -3.33
C LEU A 22 -9.30 14.99 -3.39
N SER A 23 -9.10 13.80 -3.97
CA SER A 23 -10.10 12.74 -4.04
C SER A 23 -10.35 12.19 -2.62
N ALA A 24 -11.45 12.63 -2.01
CA ALA A 24 -11.84 12.27 -0.63
C ALA A 24 -13.36 12.46 -0.42
N SER A 25 -13.83 12.16 0.81
CA SER A 25 -15.26 12.28 1.21
C SER A 25 -16.19 11.32 0.43
N ALA A 26 -15.61 10.26 -0.16
CA ALA A 26 -16.35 9.26 -0.94
C ALA A 26 -15.98 7.86 -0.45
N GLU A 27 -17.00 7.01 -0.27
CA GLU A 27 -16.85 5.61 0.12
C GLU A 27 -16.22 4.82 -1.05
N CYS A 28 -14.88 4.79 -1.07
CA CYS A 28 -14.09 4.13 -2.11
C CYS A 28 -12.86 3.45 -1.47
N HIS A 29 -12.04 2.78 -2.30
CA HIS A 29 -10.82 2.09 -1.83
C HIS A 29 -9.75 3.14 -1.45
N LEU A 30 -9.45 3.23 -0.16
CA LEU A 30 -8.51 4.23 0.37
C LEU A 30 -7.11 3.62 0.47
N CYS A 31 -6.09 4.39 0.08
CA CYS A 31 -4.69 4.08 0.41
C CYS A 31 -4.50 4.47 1.89
N PRO A 32 -4.53 3.48 2.86
CA PRO A 32 -4.66 3.77 4.34
C PRO A 32 -3.70 4.86 4.90
N VAL A 33 -2.52 5.02 4.29
CA VAL A 33 -1.44 5.90 4.80
C VAL A 33 -1.64 7.39 4.35
N CYS A 34 -2.48 7.62 3.31
CA CYS A 34 -2.83 8.98 2.82
C CYS A 34 -4.31 9.03 2.42
N GLY A 35 -5.05 10.08 2.89
CA GLY A 35 -6.45 10.28 2.52
C GLY A 35 -6.60 10.50 1.02
N GLU A 36 -7.18 9.50 0.34
CA GLU A 36 -7.03 9.32 -1.12
C GLU A 36 -7.91 8.15 -1.57
N SER A 37 -9.08 8.48 -2.16
CA SER A 37 -10.10 7.50 -2.56
C SER A 37 -9.92 7.05 -4.03
N PHE A 38 -9.92 5.73 -4.24
CA PHE A 38 -9.74 5.08 -5.55
C PHE A 38 -10.97 4.24 -5.91
N ALA A 39 -11.30 4.20 -7.21
CA ALA A 39 -12.44 3.40 -7.72
C ALA A 39 -12.14 1.89 -7.66
N SER A 40 -10.86 1.52 -7.86
CA SER A 40 -10.42 0.11 -7.89
C SER A 40 -9.43 -0.19 -6.73
N LYS A 41 -9.40 -1.47 -6.29
CA LYS A 41 -8.49 -1.96 -5.23
C LYS A 41 -7.04 -2.05 -5.74
N GLY A 42 -6.88 -2.13 -7.08
CA GLY A 42 -5.56 -2.13 -7.72
C GLY A 42 -4.91 -0.76 -7.71
N ALA A 43 -5.73 0.28 -7.95
CA ALA A 43 -5.27 1.69 -7.86
C ALA A 43 -4.93 2.06 -6.41
N GLN A 44 -5.61 1.39 -5.46
CA GLN A 44 -5.35 1.52 -4.02
C GLN A 44 -3.94 0.99 -3.63
N GLU A 45 -3.72 -0.32 -3.92
CA GLU A 45 -2.52 -1.04 -3.46
C GLU A 45 -1.27 -0.60 -4.22
N ARG A 46 -1.42 0.04 -5.40
CA ARG A 46 -0.27 0.52 -6.19
C ARG A 46 0.35 1.78 -5.56
N HIS A 47 -0.47 2.60 -4.85
CA HIS A 47 0.07 3.76 -4.09
C HIS A 47 0.89 3.21 -2.91
N LEU A 48 0.32 2.16 -2.29
CA LEU A 48 0.95 1.41 -1.20
C LEU A 48 2.24 0.70 -1.67
N ARG A 49 2.24 0.25 -2.93
CA ARG A 49 3.34 -0.54 -3.51
C ARG A 49 4.54 0.36 -3.84
N LEU A 50 4.24 1.56 -4.37
CA LEU A 50 5.25 2.46 -4.98
C LEU A 50 5.55 3.66 -4.06
N LEU A 51 4.56 4.55 -3.90
CA LEU A 51 4.74 5.87 -3.25
C LEU A 51 4.52 5.81 -1.73
N HIS A 52 4.10 4.63 -1.23
CA HIS A 52 3.86 4.37 0.19
C HIS A 52 4.37 2.95 0.55
N ALA A 53 5.51 2.62 -0.10
CA ALA A 53 6.18 1.30 -0.02
C ALA A 53 6.74 0.98 1.37
N ALA A 54 7.00 2.04 2.17
CA ALA A 54 7.58 1.92 3.52
C ALA A 54 6.59 1.34 4.56
N GLN A 55 5.33 1.13 4.14
CA GLN A 55 4.25 0.61 5.01
C GLN A 55 3.73 -0.74 4.51
N VAL A 56 4.38 -1.34 3.50
CA VAL A 56 3.96 -2.64 2.93
C VAL A 56 5.13 -3.63 2.87
N PHE A 57 4.75 -4.92 2.80
CA PHE A 57 5.67 -6.06 2.70
C PHE A 57 5.17 -6.99 1.55
N PRO A 58 5.61 -6.75 0.27
CA PRO A 58 5.22 -7.59 -0.89
C PRO A 58 5.93 -8.95 -0.92
N CYS A 59 5.19 -10.01 -1.29
CA CYS A 59 5.74 -11.39 -1.43
C CYS A 59 6.70 -11.43 -2.64
N LYS A 60 8.01 -11.45 -2.31
CA LYS A 60 9.16 -11.11 -3.21
C LYS A 60 9.05 -11.57 -4.68
N TYR A 61 8.68 -12.84 -4.93
CA TYR A 61 8.72 -13.44 -6.29
C TYR A 61 7.58 -12.92 -7.19
N CYS A 62 6.39 -12.77 -6.61
CA CYS A 62 5.16 -12.45 -7.37
C CYS A 62 4.72 -11.00 -7.12
N PRO A 63 4.01 -10.33 -8.09
CA PRO A 63 3.35 -9.03 -7.85
C PRO A 63 2.13 -9.21 -6.91
N ALA A 64 2.42 -9.30 -5.60
CA ALA A 64 1.42 -9.50 -4.53
C ALA A 64 1.84 -8.66 -3.34
N THR A 65 1.32 -7.43 -3.26
CA THR A 65 1.69 -6.46 -2.24
C THR A 65 0.74 -6.56 -1.04
N PHE A 66 1.30 -6.95 0.13
CA PHE A 66 0.55 -7.07 1.39
C PHE A 66 0.84 -5.85 2.26
N TYR A 67 -0.20 -5.28 2.89
CA TYR A 67 -0.05 -4.11 3.79
C TYR A 67 0.51 -4.54 5.17
N SER A 68 0.56 -5.85 5.43
CA SER A 68 1.03 -6.42 6.72
C SER A 68 2.15 -7.44 6.48
N SER A 69 3.12 -7.47 7.43
CA SER A 69 4.25 -8.41 7.43
C SER A 69 3.79 -9.89 7.67
N PRO A 70 2.78 -10.19 8.58
CA PRO A 70 2.17 -11.55 8.66
C PRO A 70 1.49 -11.96 7.34
N GLY A 71 1.02 -10.96 6.55
CA GLY A 71 0.42 -11.19 5.23
C GLY A 71 1.46 -11.60 4.19
N LEU A 72 2.65 -10.99 4.28
CA LEU A 72 3.85 -11.38 3.50
C LEU A 72 4.16 -12.87 3.70
N THR A 73 4.18 -13.27 4.99
CA THR A 73 4.47 -14.65 5.43
C THR A 73 3.43 -15.65 4.88
N ARG A 74 2.20 -15.17 4.60
CA ARG A 74 1.11 -16.02 4.08
C ARG A 74 1.42 -16.56 2.68
N HIS A 75 1.81 -15.67 1.74
CA HIS A 75 2.05 -16.10 0.34
C HIS A 75 3.39 -16.83 0.22
N ILE A 76 4.30 -16.63 1.19
CA ILE A 76 5.56 -17.39 1.24
C ILE A 76 5.27 -18.82 1.73
N ASN A 77 4.86 -18.96 2.99
CA ASN A 77 4.66 -20.25 3.67
C ASN A 77 3.72 -21.19 2.89
N LYS A 78 2.70 -20.61 2.21
CA LYS A 78 1.72 -21.37 1.44
C LYS A 78 2.16 -21.56 -0.04
N CYS A 79 2.35 -20.44 -0.76
CA CYS A 79 2.37 -20.44 -2.25
C CYS A 79 3.75 -20.08 -2.85
N HIS A 80 4.72 -19.65 -2.02
CA HIS A 80 6.11 -19.34 -2.46
C HIS A 80 7.14 -19.81 -1.40
N PRO A 81 7.06 -21.11 -0.90
CA PRO A 81 7.90 -21.59 0.21
C PRO A 81 9.28 -22.11 -0.25
N SER A 82 9.33 -22.78 -1.42
CA SER A 82 10.55 -23.38 -1.96
C SER A 82 11.47 -22.28 -2.55
N GLU A 83 12.21 -21.62 -1.64
CA GLU A 83 13.10 -20.50 -1.97
C GLU A 83 14.53 -20.98 -2.28
N ASN A 84 14.66 -22.30 -2.53
CA ASN A 84 15.89 -22.93 -3.02
C ASN A 84 16.15 -22.54 -4.49
N ARG A 85 17.43 -22.54 -4.89
CA ARG A 85 17.86 -22.21 -6.26
C ARG A 85 19.02 -23.14 -6.65
N MET A 1 25.65 16.52 4.75
CA MET A 1 25.89 17.80 4.05
C MET A 1 24.73 18.10 3.08
N GLY A 2 24.32 19.39 3.02
CA GLY A 2 23.25 19.83 2.12
C GLY A 2 21.86 19.38 2.58
N HIS A 3 21.61 19.47 3.91
CA HIS A 3 20.36 18.98 4.53
C HIS A 3 19.17 19.91 4.21
N HIS A 4 18.55 19.63 3.05
CA HIS A 4 17.31 20.28 2.59
C HIS A 4 16.35 19.20 2.07
N HIS A 5 15.09 19.56 1.82
CA HIS A 5 14.08 18.61 1.31
C HIS A 5 14.27 18.36 -0.21
N HIS A 6 14.91 19.35 -0.89
CA HIS A 6 15.24 19.34 -2.34
C HIS A 6 13.97 19.35 -3.24
N HIS A 7 14.15 19.76 -4.50
CA HIS A 7 13.08 19.74 -5.53
C HIS A 7 12.93 18.35 -6.13
N HIS A 8 11.74 18.10 -6.75
CA HIS A 8 11.33 16.78 -7.29
C HIS A 8 11.11 15.78 -6.14
N SER A 9 9.85 15.33 -5.96
CA SER A 9 9.48 14.39 -4.88
C SER A 9 10.22 13.04 -5.05
N HIS A 10 11.27 12.83 -4.24
CA HIS A 10 12.10 11.59 -4.28
C HIS A 10 11.25 10.39 -3.80
N MET A 11 10.57 10.61 -2.67
CA MET A 11 9.48 9.74 -2.17
C MET A 11 8.31 10.66 -1.79
N GLY A 12 8.67 11.77 -1.14
CA GLY A 12 7.78 12.90 -0.87
C GLY A 12 8.52 14.21 -1.13
N ASP A 13 7.86 15.35 -0.88
CA ASP A 13 8.48 16.69 -1.02
C ASP A 13 9.53 16.91 0.07
N GLY A 14 9.27 16.36 1.26
CA GLY A 14 10.15 16.49 2.43
C GLY A 14 9.61 17.50 3.44
N GLU A 15 8.27 17.50 3.60
CA GLU A 15 7.55 18.41 4.51
C GLU A 15 6.27 17.72 5.02
N GLY A 16 5.35 18.51 5.61
CA GLY A 16 4.06 18.01 6.05
C GLY A 16 3.17 19.13 6.58
N ALA A 17 2.34 19.70 5.69
CA ALA A 17 1.29 20.67 6.08
C ALA A 17 0.24 19.95 6.95
N GLY A 18 0.36 20.12 8.27
CA GLY A 18 -0.45 19.40 9.25
C GLY A 18 -1.86 19.98 9.42
N VAL A 19 -2.68 19.84 8.37
CA VAL A 19 -4.10 20.26 8.37
C VAL A 19 -5.00 19.01 8.39
N LEU A 20 -6.26 19.18 8.79
CA LEU A 20 -7.26 18.09 8.77
C LEU A 20 -8.03 18.08 7.44
N GLY A 21 -8.92 17.09 7.28
CA GLY A 21 -9.74 16.97 6.09
C GLY A 21 -10.96 17.88 6.14
N LEU A 22 -10.90 19.02 5.39
CA LEU A 22 -12.04 19.97 5.25
C LEU A 22 -13.21 19.33 4.48
N SER A 23 -12.93 18.23 3.75
CA SER A 23 -13.94 17.44 3.03
C SER A 23 -14.90 16.73 4.00
N ALA A 24 -14.46 16.62 5.30
CA ALA A 24 -15.18 15.93 6.41
C ALA A 24 -15.13 14.40 6.20
N SER A 25 -15.85 13.92 5.18
CA SER A 25 -15.88 12.51 4.79
C SER A 25 -15.49 12.38 3.30
N ALA A 26 -14.31 11.78 3.05
CA ALA A 26 -13.82 11.52 1.68
C ALA A 26 -14.52 10.27 1.10
N GLU A 27 -14.95 10.37 -0.16
CA GLU A 27 -15.65 9.28 -0.87
C GLU A 27 -14.62 8.45 -1.68
N CYS A 28 -15.08 7.31 -2.26
CA CYS A 28 -14.25 6.36 -3.04
C CYS A 28 -13.29 5.56 -2.14
N HIS A 29 -12.60 4.57 -2.74
CA HIS A 29 -11.69 3.68 -1.99
C HIS A 29 -10.33 4.37 -1.87
N LEU A 30 -9.89 4.62 -0.62
CA LEU A 30 -8.67 5.39 -0.36
C LEU A 30 -7.44 4.46 -0.30
N CYS A 31 -6.26 5.00 -0.68
CA CYS A 31 -4.95 4.37 -0.38
C CYS A 31 -4.77 4.34 1.16
N PRO A 32 -4.82 3.13 1.83
CA PRO A 32 -4.93 2.96 3.32
C PRO A 32 -4.02 3.88 4.22
N VAL A 33 -2.91 4.40 3.66
CA VAL A 33 -1.94 5.22 4.41
C VAL A 33 -2.27 6.74 4.26
N CYS A 34 -2.82 7.15 3.10
CA CYS A 34 -3.18 8.58 2.84
C CYS A 34 -4.61 8.70 2.29
N GLY A 35 -5.41 9.62 2.87
CA GLY A 35 -6.75 9.95 2.35
C GLY A 35 -6.63 10.48 0.92
N GLU A 36 -7.10 9.68 -0.05
CA GLU A 36 -6.77 9.83 -1.48
C GLU A 36 -7.74 8.98 -2.30
N SER A 37 -8.74 9.64 -2.88
CA SER A 37 -9.93 9.00 -3.46
C SER A 37 -9.63 8.32 -4.82
N PHE A 38 -9.78 6.99 -4.86
CA PHE A 38 -9.63 6.18 -6.08
C PHE A 38 -10.91 5.37 -6.34
N ALA A 39 -11.39 5.39 -7.59
CA ALA A 39 -12.59 4.65 -8.02
C ALA A 39 -12.35 3.13 -8.00
N SER A 40 -11.16 2.71 -8.44
CA SER A 40 -10.81 1.29 -8.61
C SER A 40 -9.58 0.91 -7.75
N LYS A 41 -9.40 -0.41 -7.56
CA LYS A 41 -8.43 -0.99 -6.61
C LYS A 41 -6.97 -0.83 -7.09
N GLY A 42 -6.73 -0.97 -8.40
CA GLY A 42 -5.38 -0.91 -8.97
C GLY A 42 -4.68 0.44 -8.78
N ALA A 43 -5.49 1.52 -8.69
CA ALA A 43 -5.00 2.89 -8.46
C ALA A 43 -4.59 3.08 -6.99
N GLN A 44 -5.30 2.40 -6.08
CA GLN A 44 -4.94 2.32 -4.65
C GLN A 44 -3.58 1.61 -4.48
N GLU A 45 -3.49 0.42 -5.10
CA GLU A 45 -2.36 -0.50 -4.96
C GLU A 45 -1.04 0.13 -5.42
N ARG A 46 -1.11 0.96 -6.48
CA ARG A 46 0.10 1.58 -7.04
C ARG A 46 0.67 2.62 -6.07
N HIS A 47 -0.19 3.43 -5.38
CA HIS A 47 0.32 4.43 -4.41
C HIS A 47 0.97 3.74 -3.21
N LEU A 48 0.52 2.50 -2.93
CA LEU A 48 1.10 1.67 -1.87
C LEU A 48 2.49 1.15 -2.31
N ARG A 49 2.53 0.28 -3.32
CA ARG A 49 3.74 -0.49 -3.68
C ARG A 49 4.87 0.41 -4.25
N LEU A 50 4.53 1.61 -4.73
CA LEU A 50 5.53 2.62 -5.19
C LEU A 50 6.09 3.44 -4.00
N LEU A 51 5.19 4.19 -3.34
CA LEU A 51 5.58 5.21 -2.32
C LEU A 51 5.28 4.74 -0.89
N HIS A 52 4.03 4.32 -0.66
CA HIS A 52 3.50 3.98 0.68
C HIS A 52 3.69 2.48 1.01
N ALA A 53 4.88 1.96 0.59
CA ALA A 53 5.31 0.56 0.76
C ALA A 53 5.85 0.31 2.18
N ALA A 54 5.94 1.38 2.98
CA ALA A 54 6.31 1.32 4.40
C ALA A 54 5.28 0.52 5.22
N GLN A 55 3.99 0.63 4.84
CA GLN A 55 2.85 0.02 5.58
C GLN A 55 2.31 -1.23 4.88
N VAL A 56 2.85 -1.57 3.70
CA VAL A 56 2.42 -2.78 2.95
C VAL A 56 3.64 -3.65 2.60
N PHE A 57 3.45 -4.97 2.67
CA PHE A 57 4.51 -5.98 2.43
C PHE A 57 3.97 -7.08 1.48
N PRO A 58 4.08 -6.89 0.12
CA PRO A 58 3.62 -7.88 -0.87
C PRO A 58 4.60 -9.07 -1.04
N CYS A 59 4.07 -10.31 -0.93
CA CYS A 59 4.83 -11.54 -1.27
C CYS A 59 5.15 -11.52 -2.77
N LYS A 60 6.41 -11.16 -3.07
CA LYS A 60 6.87 -10.55 -4.35
C LYS A 60 6.53 -11.38 -5.62
N TYR A 61 6.49 -12.70 -5.46
CA TYR A 61 6.34 -13.64 -6.60
C TYR A 61 4.88 -13.75 -7.07
N CYS A 62 3.96 -13.11 -6.30
CA CYS A 62 2.54 -12.95 -6.68
C CYS A 62 2.06 -11.50 -6.38
N PRO A 63 1.02 -10.99 -7.09
CA PRO A 63 0.27 -9.79 -6.63
C PRO A 63 -0.66 -10.14 -5.43
N ALA A 64 -0.04 -10.26 -4.23
CA ALA A 64 -0.72 -10.53 -2.95
C ALA A 64 -0.05 -9.71 -1.85
N THR A 65 -0.69 -8.61 -1.47
CA THR A 65 -0.14 -7.62 -0.54
C THR A 65 -0.64 -7.86 0.88
N PHE A 66 0.30 -7.85 1.86
CA PHE A 66 0.01 -8.10 3.29
C PHE A 66 0.49 -6.93 4.14
N TYR A 67 -0.38 -6.41 5.02
CA TYR A 67 -0.08 -5.23 5.88
C TYR A 67 0.70 -5.65 7.15
N SER A 68 1.34 -6.83 7.10
CA SER A 68 2.17 -7.36 8.17
C SER A 68 3.25 -8.28 7.56
N SER A 69 4.47 -8.25 8.14
CA SER A 69 5.59 -9.09 7.72
C SER A 69 5.36 -10.61 7.99
N PRO A 70 4.60 -11.07 9.09
CA PRO A 70 4.14 -12.47 9.21
C PRO A 70 3.40 -12.97 7.95
N GLY A 71 2.41 -12.16 7.47
CA GLY A 71 1.63 -12.51 6.26
C GLY A 71 2.49 -12.58 5.00
N LEU A 72 3.45 -11.64 4.91
CA LEU A 72 4.47 -11.58 3.84
C LEU A 72 5.23 -12.91 3.73
N THR A 73 5.87 -13.32 4.84
CA THR A 73 6.74 -14.51 4.87
C THR A 73 5.93 -15.81 4.81
N ARG A 74 4.65 -15.78 5.25
CA ARG A 74 3.78 -16.98 5.22
C ARG A 74 3.43 -17.37 3.78
N HIS A 75 3.19 -16.36 2.91
CA HIS A 75 2.85 -16.63 1.49
C HIS A 75 4.09 -17.06 0.71
N ILE A 76 5.29 -16.78 1.26
CA ILE A 76 6.55 -17.28 0.70
C ILE A 76 6.77 -18.74 1.16
N ASN A 77 6.96 -18.93 2.47
CA ASN A 77 7.27 -20.24 3.09
C ASN A 77 6.26 -21.35 2.70
N LYS A 78 4.97 -20.98 2.57
CA LYS A 78 3.89 -21.92 2.20
C LYS A 78 3.67 -21.94 0.67
N CYS A 79 3.32 -20.77 0.08
CA CYS A 79 2.72 -20.70 -1.27
C CYS A 79 3.72 -20.27 -2.38
N HIS A 80 4.87 -19.68 -2.00
CA HIS A 80 5.90 -19.20 -2.96
C HIS A 80 7.37 -19.47 -2.45
N PRO A 81 7.70 -20.75 -2.05
CA PRO A 81 9.03 -21.10 -1.48
C PRO A 81 9.99 -21.77 -2.50
N SER A 82 9.54 -21.92 -3.76
CA SER A 82 10.29 -22.61 -4.82
C SER A 82 11.21 -21.61 -5.58
N GLU A 83 11.70 -20.62 -4.82
CA GLU A 83 12.56 -19.53 -5.30
C GLU A 83 13.88 -19.56 -4.51
N ASN A 84 14.95 -19.02 -5.13
CA ASN A 84 16.30 -18.92 -4.53
C ASN A 84 16.93 -20.31 -4.29
N ARG A 85 16.47 -21.31 -5.07
CA ARG A 85 16.92 -22.70 -4.99
C ARG A 85 17.09 -23.29 -6.42
N MET A 1 3.90 8.35 31.71
CA MET A 1 3.09 9.49 32.20
C MET A 1 2.10 9.91 31.11
N GLY A 2 0.80 9.85 31.43
CA GLY A 2 -0.28 10.20 30.49
C GLY A 2 -0.59 9.08 29.49
N HIS A 3 -0.15 7.85 29.82
CA HIS A 3 -0.32 6.67 28.95
C HIS A 3 -1.00 5.53 29.72
N HIS A 4 -2.29 5.32 29.42
CA HIS A 4 -3.10 4.19 29.91
C HIS A 4 -4.08 3.79 28.78
N HIS A 5 -3.52 3.58 27.57
CA HIS A 5 -4.32 3.25 26.37
C HIS A 5 -4.87 1.80 26.45
N HIS A 6 -6.11 1.67 26.94
CA HIS A 6 -6.86 0.41 27.02
C HIS A 6 -8.24 0.65 26.36
N HIS A 7 -8.18 0.95 25.05
CA HIS A 7 -9.35 1.36 24.24
C HIS A 7 -10.17 0.12 23.80
N HIS A 8 -11.50 0.29 23.67
CA HIS A 8 -12.40 -0.80 23.24
C HIS A 8 -12.26 -1.05 21.72
N SER A 9 -11.28 -1.93 21.38
CA SER A 9 -11.00 -2.40 20.01
C SER A 9 -10.54 -1.25 19.05
N HIS A 10 -10.24 -1.62 17.80
CA HIS A 10 -9.92 -0.69 16.72
C HIS A 10 -10.54 -1.23 15.42
N MET A 11 -11.82 -0.91 15.20
CA MET A 11 -12.63 -1.44 14.07
C MET A 11 -13.15 -0.30 13.18
N GLY A 12 -12.50 0.88 13.28
CA GLY A 12 -12.90 2.08 12.55
C GLY A 12 -13.28 3.18 13.52
N ASP A 13 -12.28 4.01 13.88
CA ASP A 13 -12.44 5.05 14.93
C ASP A 13 -11.38 6.17 14.74
N GLY A 14 -10.11 5.79 14.45
CA GLY A 14 -9.04 6.75 14.13
C GLY A 14 -7.75 6.53 14.90
N GLU A 15 -7.66 5.42 15.67
CA GLU A 15 -6.43 5.06 16.40
C GLU A 15 -5.32 4.71 15.38
N GLY A 16 -4.18 5.42 15.47
CA GLY A 16 -3.06 5.26 14.53
C GLY A 16 -3.12 6.25 13.36
N ALA A 17 -4.34 6.72 13.03
CA ALA A 17 -4.59 7.70 11.96
C ALA A 17 -4.43 9.14 12.50
N GLY A 18 -4.78 10.14 11.68
CA GLY A 18 -4.72 11.57 12.06
C GLY A 18 -6.10 12.15 12.31
N VAL A 19 -6.33 13.37 11.79
CA VAL A 19 -7.63 14.08 11.90
C VAL A 19 -8.48 13.82 10.63
N LEU A 20 -9.77 14.18 10.72
CA LEU A 20 -10.74 13.96 9.63
C LEU A 20 -11.61 15.22 9.41
N GLY A 21 -12.42 15.18 8.33
CA GLY A 21 -13.31 16.28 7.97
C GLY A 21 -14.42 15.84 7.02
N LEU A 22 -15.26 16.82 6.62
CA LEU A 22 -16.36 16.61 5.67
C LEU A 22 -15.76 16.51 4.24
N SER A 23 -15.33 15.29 3.87
CA SER A 23 -14.65 15.04 2.59
C SER A 23 -14.87 13.57 2.16
N ALA A 24 -15.69 13.40 1.11
CA ALA A 24 -15.92 12.10 0.45
C ALA A 24 -16.39 12.36 -0.99
N SER A 25 -15.43 12.49 -1.91
CA SER A 25 -15.71 12.83 -3.32
C SER A 25 -16.39 11.65 -4.05
N ALA A 26 -15.63 10.55 -4.23
CA ALA A 26 -16.11 9.33 -4.88
C ALA A 26 -16.13 8.20 -3.84
N GLU A 27 -14.92 7.87 -3.33
CA GLU A 27 -14.68 6.83 -2.30
C GLU A 27 -15.21 5.46 -2.82
N CYS A 28 -14.33 4.69 -3.46
CA CYS A 28 -14.67 3.36 -4.01
C CYS A 28 -13.60 2.34 -3.60
N HIS A 29 -12.32 2.75 -3.75
CA HIS A 29 -11.14 1.98 -3.35
C HIS A 29 -10.12 2.94 -2.72
N LEU A 30 -9.82 2.74 -1.44
CA LEU A 30 -8.92 3.64 -0.67
C LEU A 30 -7.58 2.96 -0.44
N CYS A 31 -6.48 3.73 -0.57
CA CYS A 31 -5.12 3.30 -0.17
C CYS A 31 -5.11 3.06 1.37
N PRO A 32 -5.10 1.76 1.85
CA PRO A 32 -5.34 1.41 3.29
C PRO A 32 -4.53 2.21 4.34
N VAL A 33 -3.33 2.68 3.95
CA VAL A 33 -2.37 3.32 4.87
C VAL A 33 -2.64 4.86 5.02
N CYS A 34 -3.40 5.45 4.07
CA CYS A 34 -3.74 6.91 4.12
C CYS A 34 -5.15 7.16 3.57
N GLY A 35 -5.92 8.02 4.28
CA GLY A 35 -7.24 8.46 3.82
C GLY A 35 -7.11 9.31 2.56
N GLU A 36 -7.57 8.74 1.43
CA GLU A 36 -7.38 9.30 0.09
C GLU A 36 -8.41 8.64 -0.85
N SER A 37 -9.43 9.42 -1.26
CA SER A 37 -10.54 8.90 -2.06
C SER A 37 -10.11 8.64 -3.51
N PHE A 38 -10.12 7.36 -3.91
CA PHE A 38 -9.94 6.94 -5.31
C PHE A 38 -11.23 6.27 -5.80
N ALA A 39 -11.57 6.52 -7.08
CA ALA A 39 -12.68 5.85 -7.77
C ALA A 39 -12.21 4.47 -8.29
N SER A 40 -10.94 4.42 -8.73
CA SER A 40 -10.34 3.22 -9.36
C SER A 40 -9.50 2.43 -8.34
N LYS A 41 -9.44 1.09 -8.56
CA LYS A 41 -8.54 0.20 -7.82
C LYS A 41 -7.08 0.41 -8.26
N GLY A 42 -6.88 0.73 -9.56
CA GLY A 42 -5.55 1.02 -10.10
C GLY A 42 -4.90 2.23 -9.41
N ALA A 43 -5.73 3.25 -9.14
CA ALA A 43 -5.31 4.48 -8.45
C ALA A 43 -5.03 4.19 -6.95
N GLN A 44 -5.79 3.25 -6.37
CA GLN A 44 -5.58 2.75 -4.99
C GLN A 44 -4.19 2.10 -4.83
N GLU A 45 -3.90 1.19 -5.76
CA GLU A 45 -2.71 0.31 -5.72
C GLU A 45 -1.43 1.09 -5.99
N ARG A 46 -1.49 2.11 -6.88
CA ARG A 46 -0.30 2.89 -7.27
C ARG A 46 0.21 3.77 -6.12
N HIS A 47 -0.68 4.14 -5.16
CA HIS A 47 -0.24 4.86 -3.94
C HIS A 47 0.57 3.89 -3.07
N LEU A 48 0.09 2.63 -2.99
CA LEU A 48 0.75 1.54 -2.25
C LEU A 48 2.05 1.09 -2.94
N ARG A 49 2.08 1.20 -4.28
CA ARG A 49 3.19 0.71 -5.11
C ARG A 49 4.33 1.74 -5.15
N LEU A 50 3.97 3.04 -5.19
CA LEU A 50 4.93 4.14 -5.31
C LEU A 50 5.18 4.80 -3.94
N LEU A 51 4.17 5.54 -3.45
CA LEU A 51 4.35 6.51 -2.34
C LEU A 51 4.19 5.89 -0.95
N HIS A 52 3.67 4.65 -0.91
CA HIS A 52 3.39 3.91 0.34
C HIS A 52 3.91 2.47 0.23
N ALA A 53 5.03 2.32 -0.52
CA ALA A 53 5.67 1.02 -0.81
C ALA A 53 6.44 0.46 0.39
N ALA A 54 6.90 1.36 1.28
CA ALA A 54 7.61 0.96 2.52
C ALA A 54 6.66 0.25 3.49
N GLN A 55 5.38 0.65 3.45
CA GLN A 55 4.34 0.14 4.36
C GLN A 55 3.77 -1.20 3.88
N VAL A 56 3.82 -1.46 2.57
CA VAL A 56 3.33 -2.71 1.99
C VAL A 56 4.47 -3.74 1.86
N PHE A 57 4.09 -5.01 1.88
CA PHE A 57 5.02 -6.16 1.87
C PHE A 57 4.57 -7.21 0.82
N PRO A 58 4.93 -7.04 -0.49
CA PRO A 58 4.65 -8.06 -1.53
C PRO A 58 5.61 -9.27 -1.42
N CYS A 59 5.04 -10.48 -1.26
CA CYS A 59 5.80 -11.75 -1.16
C CYS A 59 6.67 -11.96 -2.41
N LYS A 60 7.99 -11.70 -2.24
CA LYS A 60 9.03 -11.49 -3.31
C LYS A 60 8.67 -11.97 -4.73
N TYR A 61 8.49 -13.29 -4.84
CA TYR A 61 8.52 -14.02 -6.13
C TYR A 61 7.18 -13.95 -6.87
N CYS A 62 6.11 -13.60 -6.14
CA CYS A 62 4.73 -13.63 -6.66
C CYS A 62 4.01 -12.29 -6.37
N PRO A 63 3.11 -11.79 -7.28
CA PRO A 63 2.27 -10.59 -6.99
C PRO A 63 1.16 -10.90 -5.95
N ALA A 64 1.55 -10.86 -4.66
CA ALA A 64 0.66 -11.07 -3.51
C ALA A 64 1.13 -10.17 -2.36
N THR A 65 0.46 -9.02 -2.20
CA THR A 65 0.85 -7.98 -1.25
C THR A 65 0.15 -8.16 0.11
N PHE A 66 0.94 -7.97 1.19
CA PHE A 66 0.50 -8.08 2.59
C PHE A 66 0.83 -6.77 3.32
N TYR A 67 -0.04 -6.34 4.25
CA TYR A 67 0.18 -5.09 5.03
C TYR A 67 0.83 -5.39 6.39
N SER A 68 1.29 -6.64 6.60
CA SER A 68 1.97 -7.08 7.83
C SER A 68 3.26 -7.82 7.48
N SER A 69 4.31 -7.56 8.28
CA SER A 69 5.67 -8.12 8.09
C SER A 69 5.71 -9.68 8.27
N PRO A 70 5.00 -10.31 9.30
CA PRO A 70 4.86 -11.79 9.37
C PRO A 70 4.07 -12.34 8.17
N GLY A 71 2.96 -11.63 7.82
CA GLY A 71 2.07 -11.98 6.70
C GLY A 71 2.80 -12.15 5.37
N LEU A 72 3.84 -11.32 5.21
CA LEU A 72 4.78 -11.37 4.07
C LEU A 72 5.35 -12.79 3.88
N THR A 73 5.91 -13.33 4.97
CA THR A 73 6.58 -14.65 4.99
C THR A 73 5.56 -15.79 5.05
N ARG A 74 4.34 -15.51 5.57
CA ARG A 74 3.26 -16.53 5.71
C ARG A 74 2.91 -17.16 4.36
N HIS A 75 3.06 -16.39 3.24
CA HIS A 75 2.84 -16.95 1.90
C HIS A 75 3.92 -18.00 1.58
N ILE A 76 5.17 -17.64 1.91
CA ILE A 76 6.38 -18.48 1.64
C ILE A 76 6.35 -19.77 2.50
N ASN A 77 5.63 -19.72 3.63
CA ASN A 77 5.43 -20.89 4.51
C ASN A 77 4.24 -21.73 4.01
N LYS A 78 3.14 -21.05 3.61
CA LYS A 78 1.83 -21.70 3.35
C LYS A 78 1.63 -22.11 1.86
N CYS A 79 1.61 -21.10 0.97
CA CYS A 79 1.21 -21.28 -0.46
C CYS A 79 2.35 -20.88 -1.41
N HIS A 80 3.59 -20.95 -0.89
CA HIS A 80 4.82 -20.73 -1.66
C HIS A 80 5.97 -21.53 -0.97
N PRO A 81 5.71 -22.81 -0.49
CA PRO A 81 6.56 -23.47 0.53
C PRO A 81 7.78 -24.23 -0.02
N SER A 82 7.91 -24.34 -1.37
CA SER A 82 8.99 -25.10 -2.01
C SER A 82 10.35 -24.44 -1.73
N GLU A 83 10.65 -23.32 -2.44
CA GLU A 83 11.85 -22.45 -2.31
C GLU A 83 13.14 -23.19 -1.87
N ASN A 84 13.27 -23.41 -0.54
CA ASN A 84 14.47 -23.93 0.13
C ASN A 84 15.65 -22.96 -0.11
N ARG A 85 15.53 -21.78 0.50
CA ARG A 85 16.51 -20.70 0.37
C ARG A 85 16.89 -20.23 1.79
N MET A 1 58.39 7.48 -6.82
CA MET A 1 57.22 7.63 -5.91
C MET A 1 56.77 9.10 -5.89
N GLY A 2 55.49 9.34 -6.25
CA GLY A 2 54.91 10.68 -6.24
C GLY A 2 53.41 10.61 -5.94
N HIS A 3 52.96 11.40 -4.95
CA HIS A 3 51.54 11.40 -4.50
C HIS A 3 51.01 12.84 -4.53
N HIS A 4 50.22 13.15 -5.56
CA HIS A 4 49.64 14.48 -5.79
C HIS A 4 48.17 14.54 -5.36
N HIS A 5 47.57 15.72 -5.50
CA HIS A 5 46.12 15.96 -5.30
C HIS A 5 45.65 17.08 -6.24
N HIS A 6 44.33 17.18 -6.38
CA HIS A 6 43.65 18.26 -7.11
C HIS A 6 42.23 18.41 -6.55
N HIS A 7 41.58 19.56 -6.75
CA HIS A 7 40.24 19.83 -6.19
C HIS A 7 39.14 19.56 -7.23
N HIS A 8 38.25 18.61 -6.88
CA HIS A 8 36.96 18.33 -7.57
C HIS A 8 35.88 18.15 -6.50
N SER A 9 34.61 18.41 -6.87
CA SER A 9 33.45 18.17 -6.02
C SER A 9 32.17 18.16 -6.87
N HIS A 10 31.20 17.33 -6.46
CA HIS A 10 29.88 17.24 -7.12
C HIS A 10 28.88 18.18 -6.43
N MET A 11 27.92 18.67 -7.22
CA MET A 11 26.87 19.59 -6.76
C MET A 11 25.65 19.52 -7.70
N GLY A 12 24.53 20.12 -7.25
CA GLY A 12 23.30 20.18 -8.03
C GLY A 12 22.16 20.82 -7.24
N ASP A 13 20.95 20.78 -7.80
CA ASP A 13 19.74 21.30 -7.14
C ASP A 13 18.61 20.28 -7.23
N GLY A 14 17.92 20.05 -6.10
CA GLY A 14 16.81 19.10 -6.02
C GLY A 14 15.46 19.73 -6.36
N GLU A 15 14.57 18.91 -6.91
CA GLU A 15 13.19 19.31 -7.26
C GLU A 15 12.18 18.57 -6.36
N GLY A 16 10.96 19.10 -6.28
CA GLY A 16 9.91 18.52 -5.43
C GLY A 16 9.02 19.60 -4.86
N ALA A 17 7.93 19.92 -5.60
CA ALA A 17 6.94 20.92 -5.19
C ALA A 17 5.58 20.53 -5.81
N GLY A 18 4.52 20.51 -4.98
CA GLY A 18 3.19 20.16 -5.43
C GLY A 18 2.16 20.31 -4.31
N VAL A 19 1.08 21.06 -4.57
CA VAL A 19 -0.01 21.28 -3.59
C VAL A 19 -1.08 20.17 -3.67
N LEU A 20 -2.18 20.36 -2.92
CA LEU A 20 -3.36 19.48 -2.95
C LEU A 20 -4.59 20.32 -3.35
N GLY A 21 -5.69 19.63 -3.70
CA GLY A 21 -6.95 20.32 -4.04
C GLY A 21 -7.81 19.51 -4.98
N LEU A 22 -7.97 18.22 -4.66
CA LEU A 22 -8.72 17.26 -5.51
C LEU A 22 -10.14 17.03 -4.96
N SER A 23 -11.11 16.92 -5.88
CA SER A 23 -12.54 16.65 -5.57
C SER A 23 -13.12 15.72 -6.65
N ALA A 24 -14.34 15.19 -6.41
CA ALA A 24 -15.06 14.27 -7.34
C ALA A 24 -14.27 12.96 -7.57
N SER A 25 -13.40 12.63 -6.59
CA SER A 25 -12.48 11.49 -6.67
C SER A 25 -13.16 10.17 -6.26
N ALA A 26 -14.29 10.28 -5.52
CA ALA A 26 -15.18 9.17 -5.12
C ALA A 26 -14.57 8.25 -4.04
N GLU A 27 -15.36 8.02 -2.97
CA GLU A 27 -15.01 7.11 -1.88
C GLU A 27 -15.42 5.67 -2.25
N CYS A 28 -14.45 4.75 -2.28
CA CYS A 28 -14.68 3.34 -2.62
C CYS A 28 -13.45 2.51 -2.24
N HIS A 29 -12.27 3.07 -2.58
CA HIS A 29 -10.96 2.48 -2.30
C HIS A 29 -10.04 3.58 -1.78
N LEU A 30 -9.56 3.42 -0.54
CA LEU A 30 -8.72 4.40 0.15
C LEU A 30 -7.34 3.78 0.45
N CYS A 31 -6.24 4.45 0.04
CA CYS A 31 -4.86 4.06 0.42
C CYS A 31 -4.74 4.18 1.95
N PRO A 32 -4.67 3.05 2.73
CA PRO A 32 -4.86 3.04 4.22
C PRO A 32 -3.84 3.89 5.05
N VAL A 33 -2.87 4.52 4.37
CA VAL A 33 -1.80 5.30 5.01
C VAL A 33 -1.99 6.82 4.78
N CYS A 34 -2.83 7.21 3.79
CA CYS A 34 -3.04 8.63 3.41
C CYS A 34 -4.42 8.83 2.77
N GLY A 35 -4.89 10.10 2.68
CA GLY A 35 -6.15 10.41 2.01
C GLY A 35 -6.01 10.27 0.49
N GLU A 36 -6.64 9.20 -0.06
CA GLU A 36 -6.57 8.83 -1.49
C GLU A 36 -7.89 8.15 -1.87
N SER A 37 -8.90 8.96 -2.15
CA SER A 37 -10.23 8.50 -2.55
C SER A 37 -10.23 8.14 -4.05
N PHE A 38 -10.45 6.86 -4.36
CA PHE A 38 -10.57 6.35 -5.74
C PHE A 38 -11.75 5.39 -5.84
N ALA A 39 -12.45 5.44 -6.99
CA ALA A 39 -13.50 4.46 -7.33
C ALA A 39 -12.85 3.12 -7.76
N SER A 40 -11.66 3.22 -8.37
CA SER A 40 -10.92 2.05 -8.90
C SER A 40 -9.96 1.46 -7.83
N LYS A 41 -9.80 0.12 -7.87
CA LYS A 41 -8.92 -0.63 -6.95
C LYS A 41 -7.45 -0.38 -7.29
N GLY A 42 -7.11 -0.52 -8.59
CA GLY A 42 -5.72 -0.38 -9.06
C GLY A 42 -5.14 1.01 -8.82
N ALA A 43 -6.00 2.03 -8.94
CA ALA A 43 -5.63 3.45 -8.70
C ALA A 43 -5.36 3.73 -7.22
N GLN A 44 -5.82 2.83 -6.35
CA GLN A 44 -5.51 2.85 -4.90
C GLN A 44 -4.16 2.14 -4.67
N GLU A 45 -4.09 0.88 -5.15
CA GLU A 45 -2.96 -0.06 -4.88
C GLU A 45 -1.62 0.48 -5.39
N ARG A 46 -1.67 1.32 -6.45
CA ARG A 46 -0.48 1.95 -7.02
C ARG A 46 0.23 2.84 -5.97
N HIS A 47 -0.55 3.58 -5.14
CA HIS A 47 0.03 4.43 -4.09
C HIS A 47 0.76 3.58 -3.04
N LEU A 48 0.23 2.37 -2.82
CA LEU A 48 0.81 1.41 -1.87
C LEU A 48 2.12 0.81 -2.40
N ARG A 49 2.18 0.43 -3.68
CA ARG A 49 3.37 -0.24 -4.24
C ARG A 49 4.50 0.77 -4.57
N LEU A 50 4.12 2.03 -4.83
CA LEU A 50 5.08 3.09 -5.22
C LEU A 50 5.59 3.85 -3.98
N LEU A 51 4.75 4.74 -3.42
CA LEU A 51 5.19 5.75 -2.43
C LEU A 51 4.95 5.30 -0.98
N HIS A 52 3.98 4.39 -0.77
CA HIS A 52 3.59 3.89 0.56
C HIS A 52 3.91 2.39 0.69
N ALA A 53 5.08 2.01 0.11
CA ALA A 53 5.59 0.62 0.05
C ALA A 53 6.30 0.18 1.33
N ALA A 54 6.44 1.11 2.30
CA ALA A 54 6.99 0.81 3.62
C ALA A 54 5.94 0.11 4.52
N GLN A 55 4.66 0.38 4.23
CA GLN A 55 3.52 -0.12 5.02
C GLN A 55 2.99 -1.45 4.46
N VAL A 56 3.06 -1.63 3.14
CA VAL A 56 2.77 -2.92 2.50
C VAL A 56 4.05 -3.73 2.34
N PHE A 57 3.89 -5.05 2.19
CA PHE A 57 5.00 -6.02 2.18
C PHE A 57 4.81 -6.98 0.97
N PRO A 58 5.38 -6.63 -0.23
CA PRO A 58 5.27 -7.47 -1.44
C PRO A 58 6.09 -8.79 -1.34
N CYS A 59 5.38 -9.93 -1.48
CA CYS A 59 6.00 -11.28 -1.53
C CYS A 59 6.97 -11.35 -2.71
N LYS A 60 8.24 -11.63 -2.42
CA LYS A 60 9.39 -11.34 -3.33
C LYS A 60 9.33 -12.13 -4.66
N TYR A 61 8.53 -13.21 -4.70
CA TYR A 61 8.45 -14.11 -5.87
C TYR A 61 7.18 -13.85 -6.73
N CYS A 62 6.11 -13.30 -6.11
CA CYS A 62 4.84 -12.99 -6.84
C CYS A 62 4.35 -11.56 -6.50
N PRO A 63 3.89 -10.75 -7.52
CA PRO A 63 3.32 -9.39 -7.29
C PRO A 63 2.04 -9.46 -6.40
N ALA A 64 2.26 -9.29 -5.09
CA ALA A 64 1.23 -9.47 -4.05
C ALA A 64 1.65 -8.72 -2.79
N THR A 65 1.01 -7.58 -2.52
CA THR A 65 1.31 -6.74 -1.36
C THR A 65 0.41 -7.09 -0.16
N PHE A 66 1.07 -7.40 0.96
CA PHE A 66 0.43 -7.75 2.23
C PHE A 66 0.65 -6.62 3.23
N TYR A 67 -0.42 -6.07 3.83
CA TYR A 67 -0.32 -4.91 4.76
C TYR A 67 0.25 -5.34 6.15
N SER A 68 0.52 -6.66 6.29
CA SER A 68 1.16 -7.23 7.49
C SER A 68 2.34 -8.13 7.07
N SER A 69 3.48 -8.01 7.79
CA SER A 69 4.69 -8.79 7.52
C SER A 69 4.54 -10.32 7.84
N PRO A 70 3.70 -10.80 8.85
CA PRO A 70 3.40 -12.25 8.99
C PRO A 70 2.79 -12.84 7.71
N GLY A 71 1.93 -12.06 7.03
CA GLY A 71 1.28 -12.47 5.77
C GLY A 71 2.25 -12.54 4.59
N LEU A 72 3.21 -11.59 4.57
CA LEU A 72 4.34 -11.58 3.62
C LEU A 72 5.09 -12.93 3.65
N THR A 73 5.54 -13.29 4.85
CA THR A 73 6.32 -14.50 5.09
C THR A 73 5.44 -15.75 4.90
N ARG A 74 4.14 -15.64 5.27
CA ARG A 74 3.18 -16.76 5.22
C ARG A 74 2.97 -17.28 3.80
N HIS A 75 3.10 -16.38 2.80
CA HIS A 75 3.04 -16.79 1.39
C HIS A 75 4.25 -17.69 1.10
N ILE A 76 5.44 -17.17 1.44
CA ILE A 76 6.73 -17.82 1.15
C ILE A 76 6.90 -19.17 1.93
N ASN A 77 6.14 -19.31 3.04
CA ASN A 77 6.10 -20.57 3.84
C ASN A 77 5.08 -21.57 3.27
N LYS A 78 3.82 -21.14 3.15
CA LYS A 78 2.68 -22.02 2.78
C LYS A 78 2.42 -22.02 1.27
N CYS A 79 2.07 -20.82 0.73
CA CYS A 79 1.45 -20.65 -0.62
C CYS A 79 2.51 -20.33 -1.71
N HIS A 80 3.78 -20.47 -1.34
CA HIS A 80 4.95 -20.24 -2.22
C HIS A 80 6.16 -20.95 -1.53
N PRO A 81 5.99 -22.26 -1.21
CA PRO A 81 6.73 -22.93 -0.11
C PRO A 81 8.19 -23.35 -0.40
N SER A 82 8.69 -23.11 -1.63
CA SER A 82 10.09 -23.44 -2.00
C SER A 82 10.69 -22.37 -2.92
N GLU A 83 10.31 -22.40 -4.22
CA GLU A 83 10.88 -21.54 -5.30
C GLU A 83 12.41 -21.78 -5.43
N ASN A 84 12.82 -23.04 -5.24
CA ASN A 84 14.24 -23.47 -5.27
C ASN A 84 14.57 -24.19 -6.59
N ARG A 85 13.63 -24.15 -7.56
CA ARG A 85 13.77 -24.84 -8.84
C ARG A 85 14.51 -23.92 -9.85
N MET A 1 -25.79 39.43 -24.73
CA MET A 1 -27.17 38.92 -24.57
C MET A 1 -27.41 37.69 -25.48
N GLY A 2 -27.16 37.86 -26.79
CA GLY A 2 -27.45 36.84 -27.80
C GLY A 2 -26.48 35.65 -27.75
N HIS A 3 -26.81 34.65 -26.90
CA HIS A 3 -26.00 33.42 -26.73
C HIS A 3 -26.68 32.26 -27.46
N HIS A 4 -26.04 31.78 -28.54
CA HIS A 4 -26.54 30.66 -29.36
C HIS A 4 -25.54 29.48 -29.32
N HIS A 5 -24.27 29.79 -28.94
CA HIS A 5 -23.18 28.81 -28.84
C HIS A 5 -22.47 28.97 -27.48
N HIS A 6 -22.84 28.12 -26.50
CA HIS A 6 -22.21 28.09 -25.16
C HIS A 6 -22.44 26.68 -24.56
N HIS A 7 -21.45 25.78 -24.80
CA HIS A 7 -21.55 24.33 -24.52
C HIS A 7 -22.64 23.66 -25.40
N HIS A 8 -22.17 22.77 -26.32
CA HIS A 8 -23.06 21.98 -27.19
C HIS A 8 -24.03 21.16 -26.33
N SER A 9 -25.32 21.59 -26.34
CA SER A 9 -26.38 21.04 -25.47
C SER A 9 -26.03 21.28 -23.98
N HIS A 10 -26.61 22.36 -23.40
CA HIS A 10 -26.32 22.83 -22.02
C HIS A 10 -26.52 21.69 -20.97
N MET A 11 -25.40 21.06 -20.60
CA MET A 11 -25.34 20.04 -19.53
C MET A 11 -24.08 20.27 -18.67
N GLY A 12 -22.95 20.51 -19.35
CA GLY A 12 -21.65 20.66 -18.69
C GLY A 12 -21.17 19.33 -18.13
N ASP A 13 -21.24 18.27 -18.96
CA ASP A 13 -20.83 16.91 -18.58
C ASP A 13 -19.30 16.87 -18.36
N GLY A 14 -18.89 17.00 -17.08
CA GLY A 14 -17.49 16.95 -16.68
C GLY A 14 -17.16 17.89 -15.53
N GLU A 15 -17.94 19.00 -15.38
CA GLU A 15 -17.69 20.04 -14.34
C GLU A 15 -18.32 19.66 -12.98
N GLY A 16 -18.00 20.46 -11.95
CA GLY A 16 -18.51 20.25 -10.59
C GLY A 16 -17.71 21.05 -9.57
N ALA A 17 -16.38 21.08 -9.77
CA ALA A 17 -15.45 21.81 -8.90
C ALA A 17 -15.57 23.33 -9.13
N GLY A 18 -16.52 23.94 -8.42
CA GLY A 18 -16.82 25.37 -8.53
C GLY A 18 -18.06 25.73 -7.73
N VAL A 19 -19.13 24.96 -7.99
CA VAL A 19 -20.34 24.95 -7.16
C VAL A 19 -20.18 23.89 -6.05
N LEU A 20 -20.94 24.03 -4.96
CA LEU A 20 -20.87 23.13 -3.79
C LEU A 20 -21.34 21.70 -4.16
N GLY A 21 -20.74 20.70 -3.51
CA GLY A 21 -21.05 19.30 -3.74
C GLY A 21 -20.41 18.40 -2.69
N LEU A 22 -21.09 17.29 -2.32
CA LEU A 22 -20.60 16.34 -1.31
C LEU A 22 -19.29 15.69 -1.78
N SER A 23 -19.28 15.26 -3.04
CA SER A 23 -18.10 14.65 -3.69
C SER A 23 -18.30 14.65 -5.22
N ALA A 24 -17.17 14.52 -5.96
CA ALA A 24 -17.15 14.46 -7.42
C ALA A 24 -16.59 13.11 -7.91
N SER A 25 -15.66 12.53 -7.12
CA SER A 25 -14.99 11.25 -7.44
C SER A 25 -15.48 10.12 -6.52
N ALA A 26 -16.33 10.47 -5.51
CA ALA A 26 -16.76 9.54 -4.43
C ALA A 26 -15.56 9.05 -3.58
N GLU A 27 -15.81 8.10 -2.68
CA GLU A 27 -14.75 7.40 -1.92
C GLU A 27 -14.20 6.22 -2.75
N CYS A 28 -15.12 5.44 -3.35
CA CYS A 28 -14.86 4.25 -4.17
C CYS A 28 -13.96 3.21 -3.43
N HIS A 29 -12.63 3.43 -3.43
CA HIS A 29 -11.70 2.61 -2.65
C HIS A 29 -10.52 3.49 -2.20
N LEU A 30 -10.21 3.45 -0.89
CA LEU A 30 -9.13 4.25 -0.29
C LEU A 30 -7.80 3.48 -0.36
N CYS A 31 -6.68 4.23 -0.52
CA CYS A 31 -5.31 3.64 -0.45
C CYS A 31 -5.02 3.15 0.99
N PRO A 32 -5.21 1.81 1.28
CA PRO A 32 -5.45 1.24 2.64
C PRO A 32 -4.94 2.06 3.87
N VAL A 33 -3.64 2.36 3.88
CA VAL A 33 -2.95 2.93 5.05
C VAL A 33 -3.21 4.46 5.18
N CYS A 34 -3.50 5.17 4.06
CA CYS A 34 -3.97 6.58 4.11
C CYS A 34 -5.36 6.68 3.47
N GLY A 35 -6.36 7.20 4.22
CA GLY A 35 -7.68 7.46 3.67
C GLY A 35 -7.59 8.45 2.52
N GLU A 36 -7.83 7.95 1.29
CA GLU A 36 -7.46 8.65 0.06
C GLU A 36 -8.25 8.04 -1.10
N SER A 37 -9.29 8.77 -1.54
CA SER A 37 -10.31 8.28 -2.46
C SER A 37 -9.75 8.09 -3.88
N PHE A 38 -9.82 6.85 -4.37
CA PHE A 38 -9.40 6.46 -5.73
C PHE A 38 -10.53 5.71 -6.42
N ALA A 39 -10.83 6.13 -7.67
CA ALA A 39 -11.92 5.56 -8.49
C ALA A 39 -11.60 4.13 -8.98
N SER A 40 -10.30 3.78 -8.98
CA SER A 40 -9.82 2.46 -9.41
C SER A 40 -8.66 1.99 -8.50
N LYS A 41 -8.50 0.65 -8.40
CA LYS A 41 -7.43 0.01 -7.61
C LYS A 41 -6.05 0.27 -8.27
N GLY A 42 -6.04 0.62 -9.57
CA GLY A 42 -4.81 1.03 -10.26
C GLY A 42 -4.13 2.21 -9.56
N ALA A 43 -4.94 3.23 -9.25
CA ALA A 43 -4.49 4.44 -8.55
C ALA A 43 -4.22 4.17 -7.05
N GLN A 44 -4.91 3.17 -6.48
CA GLN A 44 -4.70 2.69 -5.09
C GLN A 44 -3.27 2.14 -4.93
N GLU A 45 -2.96 1.12 -5.77
CA GLU A 45 -1.66 0.45 -5.82
C GLU A 45 -0.54 1.42 -6.20
N ARG A 46 -0.92 2.49 -6.93
CA ARG A 46 0.01 3.54 -7.35
C ARG A 46 0.56 4.32 -6.12
N HIS A 47 -0.31 4.69 -5.14
CA HIS A 47 0.18 5.37 -3.92
C HIS A 47 0.95 4.37 -3.04
N LEU A 48 0.47 3.11 -3.04
CA LEU A 48 1.06 2.02 -2.23
C LEU A 48 2.49 1.65 -2.70
N ARG A 49 2.77 1.78 -4.01
CA ARG A 49 4.13 1.51 -4.55
C ARG A 49 5.05 2.75 -4.43
N LEU A 50 4.45 3.96 -4.51
CA LEU A 50 5.22 5.22 -4.49
C LEU A 50 5.43 5.73 -3.05
N LEU A 51 4.40 6.34 -2.45
CA LEU A 51 4.51 7.07 -1.17
C LEU A 51 3.95 6.24 0.00
N HIS A 52 3.80 4.91 -0.20
CA HIS A 52 3.30 4.01 0.85
C HIS A 52 3.93 2.60 0.72
N ALA A 53 5.15 2.57 0.14
CA ALA A 53 5.90 1.32 -0.15
C ALA A 53 6.47 0.70 1.14
N ALA A 54 6.71 1.55 2.15
CA ALA A 54 7.20 1.12 3.47
C ALA A 54 6.13 0.35 4.26
N GLN A 55 4.86 0.44 3.80
CA GLN A 55 3.70 -0.12 4.50
C GLN A 55 3.13 -1.38 3.80
N VAL A 56 3.56 -1.65 2.56
CA VAL A 56 3.10 -2.83 1.80
C VAL A 56 4.25 -3.86 1.66
N PHE A 57 3.88 -5.14 1.69
CA PHE A 57 4.79 -6.28 1.55
C PHE A 57 4.18 -7.31 0.55
N PRO A 58 4.38 -7.10 -0.79
CA PRO A 58 3.88 -8.03 -1.83
C PRO A 58 4.75 -9.31 -1.92
N CYS A 59 4.12 -10.46 -1.64
CA CYS A 59 4.74 -11.79 -1.85
C CYS A 59 4.82 -12.01 -3.38
N LYS A 60 6.06 -11.85 -3.90
CA LYS A 60 6.37 -11.46 -5.31
C LYS A 60 5.66 -12.31 -6.40
N TYR A 61 5.73 -13.64 -6.26
CA TYR A 61 5.36 -14.58 -7.36
C TYR A 61 3.84 -14.81 -7.42
N CYS A 62 3.09 -14.25 -6.46
CA CYS A 62 1.63 -14.40 -6.37
C CYS A 62 0.99 -13.00 -6.17
N PRO A 63 -0.32 -12.79 -6.52
CA PRO A 63 -1.01 -11.48 -6.33
C PRO A 63 -1.48 -11.24 -4.87
N ALA A 64 -0.64 -11.60 -3.89
CA ALA A 64 -0.91 -11.47 -2.45
C ALA A 64 -0.06 -10.34 -1.88
N THR A 65 -0.61 -9.11 -1.86
CA THR A 65 0.04 -7.95 -1.23
C THR A 65 -0.44 -7.83 0.22
N PHE A 66 0.48 -8.03 1.15
CA PHE A 66 0.25 -7.90 2.59
C PHE A 66 0.59 -6.47 3.02
N TYR A 67 0.20 -6.12 4.24
CA TYR A 67 0.55 -4.82 4.86
C TYR A 67 1.44 -5.06 6.08
N SER A 68 1.65 -6.34 6.42
CA SER A 68 2.51 -6.76 7.54
C SER A 68 3.50 -7.83 7.06
N SER A 69 4.77 -7.69 7.48
CA SER A 69 5.86 -8.60 7.12
C SER A 69 5.69 -10.06 7.69
N PRO A 70 5.03 -10.30 8.91
CA PRO A 70 4.62 -11.69 9.31
C PRO A 70 3.82 -12.43 8.22
N GLY A 71 2.82 -11.74 7.64
CA GLY A 71 2.00 -12.32 6.56
C GLY A 71 2.80 -12.61 5.30
N LEU A 72 3.78 -11.71 5.00
CA LEU A 72 4.71 -11.86 3.87
C LEU A 72 5.50 -13.19 3.97
N THR A 73 6.23 -13.35 5.09
CA THR A 73 7.12 -14.51 5.32
C THR A 73 6.32 -15.82 5.47
N ARG A 74 5.10 -15.74 6.05
CA ARG A 74 4.23 -16.92 6.23
C ARG A 74 3.67 -17.41 4.89
N HIS A 75 3.57 -16.53 3.87
CA HIS A 75 3.20 -16.99 2.52
C HIS A 75 4.40 -17.75 1.96
N ILE A 76 5.56 -17.07 1.91
CA ILE A 76 6.83 -17.58 1.33
C ILE A 76 7.21 -18.98 1.89
N ASN A 77 6.93 -19.19 3.19
CA ASN A 77 7.20 -20.46 3.89
C ASN A 77 6.06 -21.47 3.67
N LYS A 78 4.83 -21.09 4.06
CA LYS A 78 3.69 -22.04 4.18
C LYS A 78 2.89 -22.19 2.87
N CYS A 79 2.33 -21.08 2.36
CA CYS A 79 1.41 -21.10 1.18
C CYS A 79 2.15 -20.79 -0.14
N HIS A 80 3.49 -20.75 -0.07
CA HIS A 80 4.37 -20.54 -1.23
C HIS A 80 5.67 -21.38 -1.02
N PRO A 81 5.58 -22.69 -0.59
CA PRO A 81 6.76 -23.48 -0.15
C PRO A 81 7.69 -23.88 -1.32
N SER A 82 8.90 -24.38 -0.96
CA SER A 82 9.97 -24.77 -1.92
C SER A 82 10.51 -23.53 -2.68
N GLU A 83 10.16 -22.32 -2.21
CA GLU A 83 10.59 -21.05 -2.81
C GLU A 83 12.08 -20.85 -2.47
N ASN A 84 12.38 -20.98 -1.16
CA ASN A 84 13.73 -20.86 -0.63
C ASN A 84 14.41 -22.22 -0.70
N ARG A 85 15.27 -22.40 -1.71
CA ARG A 85 16.03 -23.64 -1.95
C ARG A 85 17.06 -23.89 -0.79
#